data_6SJ9
#
_entry.id   6SJ9
#
_cell.length_a   77.875
_cell.length_b   119.033
_cell.length_c   160.212
_cell.angle_alpha   90.000
_cell.angle_beta   90.000
_cell.angle_gamma   90.000
#
_symmetry.space_group_name_H-M   'P 21 21 21'
#
loop_
_entity.id
_entity.type
_entity.pdbx_description
1 polymer 'Proteasome accessory factor B/C (PafBC)'
2 non-polymer 'POTASSIUM ION'
3 non-polymer 'THIOCYANATE ION'
4 non-polymer 'TETRAETHYLENE GLYCOL'
5 non-polymer DI(HYDROXYETHYL)ETHER
6 water water
#
_entity_poly.entity_id   1
_entity_poly.type   'polypeptide(L)'
_entity_poly.pdbx_seq_one_letter_code
;GASRTERLLNLLLALLNTKVGLPRAVLREKVYHDSADNDVAFGR(MSE)FERDKVDLKQFGFEIETL(MSE)DPRNFGAD
DPASARYRIGKDSNRLPDVSLTPAESTVLLLAAQLWERAALGSAAANAVRKLQAAGGFRDVDLPAGVQPRIKPAGQAFDD
VVAA(MSE)HGKHPIRFGYQAVSTGREEVREVEPWGLGSRFGQWYLVGLDRGRGAKRVFRLSR(MSE)TTAISVLTTGSF
HPPKDFNARAELDELNELPVRQATLVIDKDKLLALRKKATSLQDAPDESGRDRITVDFRDPEQLAEELASYGPHVKVTGP
AELSAAVVRRLQAAADFDDAPLPPLEFPEAGRAPRARKRTSEDQLAR(MSE)LQLVPFLVHHQGLHIQEVADHFGISRKA
LIDDLKILICSGLPEGYPDDLLDIQWENDHVYISEHLDLNRPVRFSEEEAAALLTGLA(MSE)LGDLPALAGVPEDGSGS
ALESVTIKLTGAAGEAARLAGSVSGQSVAPEQAQAFAAITQAIREGRQLRLRYFSLQRDEVTERDVDPLRLYSLDSTWYF
EAYCHSKAGVRNFRLDRVESLEPNGRAVSGSATAGQDFPARLFTPGEDDVLVCLELTRQGAGLADDYYAERTAPLPDGGL
LAEVRFGDAGWLP(MSE)FVSQHGGSVRILEPESLRQETRAWIDAALVQYDS
;
_entity_poly.pdbx_strand_id   A,B
#
loop_
_chem_comp.id
_chem_comp.type
_chem_comp.name
_chem_comp.formula
K non-polymer 'POTASSIUM ION' 'K 1'
PEG non-polymer DI(HYDROXYETHYL)ETHER 'C4 H10 O3'
PG4 non-polymer 'TETRAETHYLENE GLYCOL' 'C8 H18 O5'
SCN non-polymer 'THIOCYANATE ION' 'C N S -1'
#
# COMPACT_ATOMS: atom_id res chain seq x y z
N GLY A 1 -23.87 -12.39 -9.30
CA GLY A 1 -23.27 -13.55 -8.67
C GLY A 1 -21.88 -13.27 -8.11
N ALA A 2 -20.85 -13.38 -8.97
CA ALA A 2 -19.50 -13.00 -8.57
C ALA A 2 -19.41 -11.51 -8.30
N SER A 3 -20.12 -10.71 -9.09
CA SER A 3 -20.22 -9.27 -8.85
C SER A 3 -20.90 -8.94 -7.52
N ARG A 4 -21.81 -9.80 -7.02
CA ARG A 4 -22.35 -9.56 -5.69
C ARG A 4 -21.33 -9.88 -4.60
N THR A 5 -20.61 -10.99 -4.72
CA THR A 5 -19.60 -11.28 -3.70
C THR A 5 -18.57 -10.16 -3.65
N GLU A 6 -18.07 -9.75 -4.81
CA GLU A 6 -17.10 -8.67 -4.83
C GLU A 6 -17.70 -7.37 -4.35
N ARG A 7 -18.97 -7.11 -4.68
CA ARG A 7 -19.61 -5.88 -4.25
C ARG A 7 -19.75 -5.84 -2.74
N LEU A 8 -20.12 -6.95 -2.12
CA LEU A 8 -20.18 -7.03 -0.67
C LEU A 8 -18.81 -6.76 -0.06
N LEU A 9 -17.75 -7.36 -0.63
CA LEU A 9 -16.41 -7.17 -0.09
C LEU A 9 -16.00 -5.70 -0.16
N ASN A 10 -16.21 -5.06 -1.31
CA ASN A 10 -15.89 -3.64 -1.49
C ASN A 10 -16.73 -2.75 -0.57
N LEU A 11 -18.03 -3.07 -0.42
CA LEU A 11 -18.87 -2.28 0.48
C LEU A 11 -18.33 -2.39 1.89
N LEU A 12 -18.01 -3.61 2.32
CA LEU A 12 -17.54 -3.81 3.68
C LEU A 12 -16.25 -3.01 3.92
N LEU A 13 -15.33 -3.01 2.96
CA LEU A 13 -14.07 -2.29 3.18
C LEU A 13 -14.28 -0.78 3.19
N ALA A 14 -15.15 -0.26 2.32
CA ALA A 14 -15.41 1.17 2.28
C ALA A 14 -15.99 1.68 3.58
N LEU A 15 -16.89 0.89 4.18
CA LEU A 15 -17.50 1.34 5.42
C LEU A 15 -16.55 1.16 6.60
N LEU A 16 -15.66 0.17 6.52
CA LEU A 16 -14.66 -0.04 7.56
C LEU A 16 -13.65 1.08 7.55
N ASN A 17 -13.26 1.53 6.35
CA ASN A 17 -12.19 2.52 6.25
C ASN A 17 -12.60 3.85 6.87
N THR A 18 -13.80 4.33 6.58
CA THR A 18 -14.18 5.67 7.00
C THR A 18 -14.32 5.74 8.51
N LYS A 19 -13.65 6.71 9.11
CA LYS A 19 -13.91 7.00 10.51
C LYS A 19 -15.08 7.94 10.70
N VAL A 20 -15.39 8.75 9.70
CA VAL A 20 -16.47 9.73 9.79
C VAL A 20 -17.81 9.20 9.31
N GLY A 21 -17.82 8.25 8.38
CA GLY A 21 -19.05 7.77 7.79
C GLY A 21 -19.20 8.31 6.37
N LEU A 22 -19.66 7.45 5.48
CA LEU A 22 -19.80 7.80 4.08
C LEU A 22 -21.27 7.99 3.76
N PRO A 23 -21.62 9.06 3.05
CA PRO A 23 -23.00 9.24 2.61
C PRO A 23 -23.28 8.38 1.38
N ARG A 24 -24.57 8.16 1.12
CA ARG A 24 -24.97 7.23 0.06
C ARG A 24 -24.40 7.63 -1.30
N ALA A 25 -24.30 8.93 -1.57
CA ALA A 25 -23.77 9.39 -2.86
C ALA A 25 -22.35 8.92 -3.09
N VAL A 26 -21.50 9.00 -2.06
CA VAL A 26 -20.12 8.56 -2.20
C VAL A 26 -20.05 7.05 -2.38
N LEU A 27 -20.86 6.29 -1.62
CA LEU A 27 -20.85 4.84 -1.76
C LEU A 27 -21.25 4.40 -3.16
N ARG A 28 -22.19 5.12 -3.78
CA ARG A 28 -22.62 4.72 -5.12
C ARG A 28 -21.46 4.78 -6.10
N GLU A 29 -20.68 5.87 -6.04
CA GLU A 29 -19.55 6.05 -6.95
C GLU A 29 -18.43 5.06 -6.66
N LYS A 30 -18.15 4.82 -5.38
CA LYS A 30 -17.01 3.99 -4.99
C LYS A 30 -17.25 2.50 -5.20
N VAL A 31 -18.46 2.03 -4.91
CA VAL A 31 -18.76 0.61 -4.91
C VAL A 31 -19.71 0.22 -6.04
N TYR A 32 -20.73 1.03 -6.28
CA TYR A 32 -21.80 0.72 -7.21
C TYR A 32 -21.66 1.44 -8.55
N HIS A 33 -20.43 1.64 -9.00
CA HIS A 33 -20.22 2.21 -10.33
C HIS A 33 -20.81 1.29 -11.39
N ASP A 34 -20.80 -0.02 -11.15
CA ASP A 34 -21.29 -0.98 -12.12
C ASP A 34 -22.77 -0.75 -12.43
N SER A 35 -23.56 -0.40 -11.41
CA SER A 35 -24.99 -0.19 -11.59
C SER A 35 -25.23 1.00 -12.51
N ALA A 36 -25.75 0.72 -13.71
CA ALA A 36 -26.05 1.74 -14.71
C ALA A 36 -27.38 2.43 -14.44
N ASP A 37 -28.24 1.80 -13.64
CA ASP A 37 -29.53 2.37 -13.26
C ASP A 37 -29.35 3.36 -12.12
N ASN A 38 -30.24 4.35 -12.08
CA ASN A 38 -30.00 5.42 -11.12
C ASN A 38 -30.49 5.08 -9.73
N ASP A 39 -30.81 6.12 -8.97
CA ASP A 39 -31.00 6.00 -7.52
C ASP A 39 -32.04 4.95 -7.13
N VAL A 40 -33.01 4.69 -7.99
CA VAL A 40 -34.11 3.78 -7.63
C VAL A 40 -33.64 2.34 -7.48
N ALA A 41 -32.98 1.81 -8.50
CA ALA A 41 -32.57 0.40 -8.49
C ALA A 41 -31.38 0.19 -7.56
N PHE A 42 -30.43 1.11 -7.61
CA PHE A 42 -29.29 1.08 -6.71
C PHE A 42 -29.74 1.15 -5.25
N GLY A 43 -30.69 2.05 -4.95
CA GLY A 43 -31.13 2.20 -3.58
C GLY A 43 -31.63 0.91 -2.97
N ARG A 44 -32.36 0.10 -3.73
CA ARG A 44 -32.79 -1.17 -3.15
C ARG A 44 -31.65 -2.18 -3.12
N MSE A 45 -30.80 -2.21 -4.13
CA MSE A 45 -29.66 -3.13 -4.10
C MSE A 45 -28.70 -2.78 -2.95
O MSE A 45 -28.06 -3.66 -2.38
CB MSE A 45 -28.93 -3.13 -5.44
CG MSE A 45 -27.81 -4.16 -5.58
SE MSE A 45 -26.48 -3.52 -6.87
CE MSE A 45 -27.71 -2.55 -8.08
N PHE A 46 -28.60 -1.49 -2.65
CA PHE A 46 -27.87 -1.04 -1.48
C PHE A 46 -28.52 -1.56 -0.20
N GLU A 47 -29.85 -1.40 -0.09
CA GLU A 47 -30.58 -1.92 1.07
C GLU A 47 -30.41 -3.43 1.20
N ARG A 48 -30.39 -4.16 0.07
CA ARG A 48 -30.17 -5.62 0.13
C ARG A 48 -28.76 -5.95 0.61
N ASP A 49 -27.77 -5.16 0.19
CA ASP A 49 -26.41 -5.44 0.63
C ASP A 49 -26.26 -5.16 2.11
N LYS A 50 -26.92 -4.12 2.62
CA LYS A 50 -26.92 -3.85 4.05
C LYS A 50 -27.53 -5.00 4.82
N VAL A 51 -28.68 -5.48 4.37
CA VAL A 51 -29.28 -6.63 5.03
C VAL A 51 -28.36 -7.82 4.94
N ASP A 52 -27.74 -8.03 3.76
CA ASP A 52 -26.88 -9.21 3.60
C ASP A 52 -25.63 -9.12 4.48
N LEU A 53 -24.98 -7.95 4.54
CA LEU A 53 -23.82 -7.80 5.42
C LEU A 53 -24.15 -8.08 6.88
N LYS A 54 -25.34 -7.64 7.34
CA LYS A 54 -25.72 -7.90 8.73
C LYS A 54 -25.76 -9.40 9.03
N GLN A 55 -26.22 -10.21 8.06
CA GLN A 55 -26.27 -11.66 8.25
C GLN A 55 -24.87 -12.28 8.28
N PHE A 56 -23.86 -11.62 7.73
CA PHE A 56 -22.52 -12.10 7.94
C PHE A 56 -21.90 -11.57 9.22
N GLY A 57 -22.69 -10.87 10.06
CA GLY A 57 -22.22 -10.39 11.36
C GLY A 57 -21.68 -8.98 11.41
N PHE A 58 -21.94 -8.15 10.39
CA PHE A 58 -21.47 -6.76 10.31
C PHE A 58 -22.66 -5.82 10.44
N GLU A 59 -22.65 -5.00 11.48
CA GLU A 59 -23.73 -4.04 11.68
C GLU A 59 -23.31 -2.67 11.14
N ILE A 60 -24.00 -2.25 10.10
CA ILE A 60 -23.79 -0.94 9.49
C ILE A 60 -24.47 0.12 10.35
N GLU A 61 -23.69 1.04 10.90
CA GLU A 61 -24.27 2.13 11.65
C GLU A 61 -24.59 3.27 10.72
N THR A 62 -25.73 3.88 10.97
CA THR A 62 -26.21 5.05 10.25
C THR A 62 -26.07 6.25 11.18
N LEU A 63 -25.41 7.28 10.68
CA LEU A 63 -25.24 8.55 11.39
C LEU A 63 -25.94 9.59 10.54
N MSE A 64 -26.90 10.31 11.12
CA MSE A 64 -27.61 11.31 10.33
C MSE A 64 -28.16 12.48 11.15
O MSE A 64 -28.33 12.37 12.37
CB MSE A 64 -28.76 10.67 9.55
CG MSE A 64 -30.02 10.40 10.36
SE MSE A 64 -31.50 9.69 9.29
CE MSE A 64 -33.00 10.17 10.46
N ASP A 65 -28.40 13.59 10.46
CA ASP A 65 -29.14 14.76 10.97
C ASP A 65 -29.29 15.83 9.88
N PRO A 74 -32.46 9.69 5.10
CA PRO A 74 -32.78 10.05 3.71
C PRO A 74 -31.56 9.91 2.80
N ALA A 75 -31.17 11.02 2.18
CA ALA A 75 -29.88 11.19 1.53
C ALA A 75 -28.93 12.03 2.37
N SER A 76 -29.35 12.41 3.58
CA SER A 76 -28.50 13.09 4.55
C SER A 76 -27.72 12.12 5.43
N ALA A 77 -27.88 10.82 5.25
CA ALA A 77 -27.30 9.84 6.14
C ALA A 77 -25.90 9.45 5.70
N ARG A 78 -25.06 9.16 6.71
CA ARG A 78 -23.71 8.65 6.54
C ARG A 78 -23.62 7.27 7.21
N TYR A 79 -22.85 6.37 6.61
CA TYR A 79 -22.77 4.97 7.05
C TYR A 79 -21.35 4.54 7.36
N ARG A 80 -21.19 3.67 8.36
CA ARG A 80 -19.87 3.14 8.67
C ARG A 80 -19.99 1.84 9.44
N ILE A 81 -18.91 1.09 9.42
CA ILE A 81 -18.78 -0.16 10.14
C ILE A 81 -17.53 -0.07 11.01
N GLY A 82 -17.60 -0.63 12.21
CA GLY A 82 -16.47 -0.66 13.11
C GLY A 82 -16.24 0.61 13.86
N LYS A 83 -17.12 1.59 13.74
CA LYS A 83 -17.06 2.85 14.48
C LYS A 83 -15.74 3.52 14.15
N ASP A 84 -14.84 3.78 15.10
CA ASP A 84 -13.58 4.47 14.80
C ASP A 84 -12.48 3.57 14.20
N SER A 85 -12.54 2.25 14.39
CA SER A 85 -11.53 1.34 13.88
C SER A 85 -11.79 0.94 12.42
N ASN A 86 -10.76 0.43 11.76
CA ASN A 86 -10.91 0.01 10.39
C ASN A 86 -10.77 -1.49 10.21
N ARG A 87 -10.77 -2.27 11.31
CA ARG A 87 -10.78 -3.73 11.32
C ARG A 87 -11.85 -4.22 12.29
N LEU A 88 -12.37 -5.43 12.07
CA LEU A 88 -13.18 -6.14 13.06
C LEU A 88 -12.49 -7.46 13.40
N PRO A 89 -11.62 -7.49 14.41
CA PRO A 89 -10.80 -8.69 14.66
C PRO A 89 -11.58 -9.91 15.09
N ASP A 90 -12.80 -9.72 15.63
CA ASP A 90 -13.56 -10.79 16.27
C ASP A 90 -14.63 -11.30 15.32
N VAL A 91 -14.62 -12.60 15.03
CA VAL A 91 -15.61 -13.22 14.16
C VAL A 91 -16.13 -14.48 14.84
N SER A 92 -17.39 -14.82 14.57
CA SER A 92 -17.96 -16.05 15.06
C SER A 92 -18.08 -17.00 13.90
N LEU A 93 -17.51 -18.19 14.04
CA LEU A 93 -17.42 -19.11 12.92
C LEU A 93 -18.31 -20.31 13.19
N THR A 94 -19.04 -20.75 12.17
CA THR A 94 -19.68 -22.04 12.22
C THR A 94 -18.64 -23.15 12.03
N PRO A 95 -18.98 -24.39 12.42
CA PRO A 95 -18.06 -25.49 12.15
C PRO A 95 -17.68 -25.63 10.68
N ALA A 96 -18.64 -25.48 9.76
CA ALA A 96 -18.30 -25.53 8.36
C ALA A 96 -17.25 -24.46 8.03
N GLU A 97 -17.52 -23.19 8.39
CA GLU A 97 -16.56 -22.11 8.14
C GLU A 97 -15.19 -22.40 8.72
N SER A 98 -15.15 -22.93 9.95
CA SER A 98 -13.89 -23.23 10.60
C SER A 98 -13.13 -24.34 9.87
N THR A 99 -13.86 -25.31 9.30
CA THR A 99 -13.17 -26.38 8.58
C THR A 99 -12.57 -25.88 7.27
N VAL A 100 -13.32 -25.06 6.53
CA VAL A 100 -12.78 -24.45 5.32
C VAL A 100 -11.55 -23.63 5.66
N LEU A 101 -11.65 -22.86 6.73
CA LEU A 101 -10.54 -22.03 7.16
C LEU A 101 -9.30 -22.86 7.45
N LEU A 102 -9.50 -24.09 7.88
CA LEU A 102 -8.41 -25.01 8.17
C LEU A 102 -7.65 -25.41 6.91
N LEU A 103 -8.37 -25.63 5.82
CA LEU A 103 -7.70 -25.95 4.57
C LEU A 103 -6.96 -24.72 4.08
N ALA A 104 -7.58 -23.55 4.23
CA ALA A 104 -6.94 -22.31 3.81
C ALA A 104 -5.62 -22.08 4.54
N ALA A 105 -5.58 -22.36 5.83
CA ALA A 105 -4.35 -22.16 6.58
C ALA A 105 -3.27 -23.08 6.09
N GLN A 106 -3.66 -24.29 5.63
CA GLN A 106 -2.66 -25.17 5.07
C GLN A 106 -2.11 -24.62 3.78
N LEU A 107 -2.98 -24.01 2.95
CA LEU A 107 -2.43 -23.45 1.71
C LEU A 107 -1.47 -22.31 1.99
N TRP A 108 -1.83 -21.44 2.95
CA TRP A 108 -1.00 -20.29 3.26
C TRP A 108 0.40 -20.76 3.66
N GLU A 109 0.44 -21.77 4.54
CA GLU A 109 1.70 -22.29 5.04
C GLU A 109 2.58 -22.73 3.90
N ARG A 110 2.02 -23.42 2.89
CA ARG A 110 2.87 -23.82 1.74
C ARG A 110 3.34 -22.61 0.98
N ALA A 111 2.47 -21.61 0.82
CA ALA A 111 2.91 -20.40 0.12
C ALA A 111 4.06 -19.72 0.89
N ALA A 112 3.92 -19.67 2.21
CA ALA A 112 4.87 -18.95 3.05
C ALA A 112 6.24 -19.63 3.03
N LEU A 113 6.25 -20.95 3.02
CA LEU A 113 7.51 -21.67 2.95
C LEU A 113 8.21 -21.40 1.61
N GLY A 114 7.47 -21.50 0.51
CA GLY A 114 8.09 -21.20 -0.78
C GLY A 114 8.67 -19.81 -0.82
N SER A 115 7.96 -18.82 -0.28
CA SER A 115 8.51 -17.47 -0.34
C SER A 115 9.72 -17.31 0.57
N ALA A 116 9.76 -18.02 1.70
CA ALA A 116 10.89 -17.84 2.61
C ALA A 116 12.14 -18.46 2.02
N ALA A 117 12.03 -19.68 1.50
CA ALA A 117 13.17 -20.30 0.86
C ALA A 117 13.63 -19.51 -0.36
N ALA A 118 12.67 -19.11 -1.20
CA ALA A 118 13.02 -18.40 -2.43
C ALA A 118 13.65 -17.05 -2.15
N ASN A 119 13.28 -16.39 -1.05
CA ASN A 119 13.78 -15.05 -0.80
C ASN A 119 14.92 -15.01 0.22
N ALA A 120 15.49 -16.16 0.56
CA ALA A 120 16.65 -16.21 1.45
C ALA A 120 17.91 -15.84 0.67
N VAL A 121 18.79 -15.03 1.26
CA VAL A 121 20.10 -14.84 0.65
C VAL A 121 21.20 -15.05 1.68
N ASP A 132 21.76 -21.96 9.66
CA ASP A 132 21.18 -20.71 10.16
C ASP A 132 19.67 -20.66 9.92
N VAL A 133 19.02 -21.79 10.17
CA VAL A 133 17.63 -22.00 9.76
C VAL A 133 16.69 -21.23 10.68
N ASP A 134 15.57 -20.76 10.12
CA ASP A 134 14.57 -20.02 10.90
C ASP A 134 13.25 -19.99 10.13
N LEU A 135 12.17 -20.50 10.74
CA LEU A 135 10.90 -20.50 10.04
C LEU A 135 10.45 -19.05 9.82
N PRO A 136 9.73 -18.78 8.74
CA PRO A 136 9.21 -17.43 8.52
C PRO A 136 8.02 -17.10 9.41
N ALA A 137 7.73 -15.80 9.47
CA ALA A 137 6.59 -15.28 10.22
C ALA A 137 5.31 -16.00 9.82
N GLY A 138 4.51 -16.36 10.83
CA GLY A 138 3.25 -17.02 10.53
C GLY A 138 3.36 -18.49 10.19
N VAL A 139 4.52 -19.11 10.43
CA VAL A 139 4.71 -20.56 10.28
C VAL A 139 5.32 -21.11 11.58
N GLN A 140 4.68 -22.12 12.13
CA GLN A 140 5.16 -22.83 13.31
C GLN A 140 5.34 -24.29 12.92
N PRO A 141 6.09 -25.07 13.69
CA PRO A 141 6.18 -26.51 13.40
C PRO A 141 4.81 -27.15 13.40
N ARG A 142 4.62 -28.11 12.54
CA ARG A 142 3.31 -28.72 12.40
C ARG A 142 3.24 -29.92 13.35
N ILE A 143 2.39 -29.81 14.35
CA ILE A 143 2.22 -30.86 15.33
C ILE A 143 0.95 -31.60 14.97
N LYS A 144 1.06 -32.84 14.57
CA LYS A 144 -0.13 -33.55 14.16
C LYS A 144 -0.07 -34.95 14.70
N PRO A 145 -1.21 -35.63 14.85
CA PRO A 145 -1.17 -37.02 15.28
C PRO A 145 -0.49 -37.82 14.18
N ALA A 146 0.29 -38.82 14.59
CA ALA A 146 1.00 -39.71 13.67
C ALA A 146 0.05 -40.36 12.65
N GLY A 147 0.38 -40.23 11.37
CA GLY A 147 -0.44 -40.84 10.34
C GLY A 147 -0.59 -42.35 10.51
N GLN A 148 0.47 -43.03 10.96
CA GLN A 148 0.46 -44.48 11.09
C GLN A 148 -0.48 -44.93 12.23
N ALA A 149 -0.40 -44.29 13.38
CA ALA A 149 -1.28 -44.62 14.51
C ALA A 149 -2.73 -44.38 14.16
N PHE A 150 -2.96 -43.32 13.40
CA PHE A 150 -4.30 -43.08 12.90
C PHE A 150 -4.73 -44.20 11.98
N ASP A 151 -3.87 -44.54 10.99
CA ASP A 151 -4.22 -45.63 10.08
C ASP A 151 -4.48 -46.92 10.84
N ASP A 152 -3.74 -47.17 11.93
CA ASP A 152 -3.86 -48.47 12.61
C ASP A 152 -5.16 -48.56 13.40
N VAL A 153 -5.54 -47.48 14.08
CA VAL A 153 -6.81 -47.47 14.80
C VAL A 153 -7.97 -47.60 13.82
N VAL A 154 -7.92 -46.83 12.72
CA VAL A 154 -8.96 -46.90 11.69
C VAL A 154 -9.03 -48.33 11.10
N ALA A 155 -7.87 -48.94 10.86
CA ALA A 155 -7.82 -50.29 10.32
C ALA A 155 -8.36 -51.29 11.34
N ALA A 156 -7.99 -51.11 12.60
CA ALA A 156 -8.50 -52.00 13.65
C ALA A 156 -10.02 -51.95 13.72
N MSE A 157 -10.59 -50.76 13.67
CA MSE A 157 -12.06 -50.66 13.77
C MSE A 157 -12.72 -51.23 12.54
O MSE A 157 -13.77 -51.83 12.65
CB MSE A 157 -12.52 -49.17 13.94
CG MSE A 157 -11.86 -48.44 15.06
SE MSE A 157 -12.78 -46.65 15.47
CE MSE A 157 -11.94 -45.66 13.97
N HIS A 158 -12.13 -50.97 11.36
CA HIS A 158 -12.71 -51.49 10.13
C HIS A 158 -12.70 -53.01 10.14
N GLY A 159 -11.60 -53.61 10.60
CA GLY A 159 -11.55 -55.06 10.62
C GLY A 159 -12.04 -55.68 11.94
N LYS A 160 -12.54 -54.86 12.86
CA LYS A 160 -13.04 -55.34 14.15
C LYS A 160 -11.96 -56.13 14.90
N HIS A 161 -10.76 -55.62 14.91
CA HIS A 161 -9.64 -56.17 15.62
C HIS A 161 -9.37 -55.32 16.87
N PRO A 162 -9.15 -55.97 18.01
CA PRO A 162 -8.62 -55.27 19.18
C PRO A 162 -7.17 -54.87 18.92
N ILE A 163 -6.64 -53.97 19.77
CA ILE A 163 -5.29 -53.45 19.61
C ILE A 163 -4.55 -53.50 20.95
N ARG A 164 -3.24 -53.33 20.87
CA ARG A 164 -2.39 -53.17 22.05
C ARG A 164 -1.34 -52.10 21.78
N PHE A 165 -0.96 -51.39 22.83
CA PHE A 165 0.02 -50.31 22.70
C PHE A 165 0.55 -49.93 24.06
N GLY A 166 1.77 -49.38 24.04
CA GLY A 166 2.34 -48.83 25.26
C GLY A 166 1.69 -47.51 25.62
N TYR A 167 1.37 -47.34 26.90
CA TYR A 167 0.68 -46.14 27.34
C TYR A 167 1.31 -45.63 28.63
N GLN A 168 1.70 -44.36 28.63
CA GLN A 168 2.24 -43.76 29.85
C GLN A 168 1.09 -43.28 30.73
N ALA A 169 0.89 -44.02 31.83
CA ALA A 169 -0.24 -43.97 32.74
C ALA A 169 -0.68 -42.59 33.17
N VAL A 170 -1.95 -42.49 33.60
CA VAL A 170 -2.56 -41.22 33.93
C VAL A 170 -1.79 -40.57 35.07
N SER A 171 -1.31 -41.37 36.02
CA SER A 171 -0.55 -40.88 37.14
C SER A 171 0.92 -40.70 36.79
N THR A 172 1.21 -40.55 35.48
CA THR A 172 2.55 -40.40 34.92
C THR A 172 3.50 -41.45 35.52
N GLY A 173 2.94 -42.62 35.78
CA GLY A 173 3.64 -43.67 36.49
C GLY A 173 4.37 -44.56 35.51
N ARG A 174 4.15 -45.86 35.57
CA ARG A 174 4.88 -46.76 34.69
C ARG A 174 4.33 -46.76 33.27
N GLU A 175 5.22 -47.04 32.32
CA GLU A 175 4.81 -47.34 30.96
C GLU A 175 4.13 -48.70 31.00
N GLU A 176 2.97 -48.80 30.37
CA GLU A 176 2.11 -49.95 30.54
C GLU A 176 1.46 -50.30 29.22
N VAL A 177 1.46 -51.59 28.90
CA VAL A 177 0.82 -52.07 27.67
C VAL A 177 -0.66 -52.21 27.94
N ARG A 178 -1.48 -51.56 27.11
CA ARG A 178 -2.93 -51.60 27.28
C ARG A 178 -3.53 -52.43 26.16
N GLU A 179 -4.61 -53.16 26.50
CA GLU A 179 -5.32 -54.02 25.55
C GLU A 179 -6.68 -53.39 25.37
N VAL A 180 -6.94 -52.90 24.17
CA VAL A 180 -8.07 -52.04 23.94
C VAL A 180 -8.88 -52.53 22.75
N GLU A 181 -10.19 -52.44 22.86
CA GLU A 181 -11.09 -52.55 21.74
C GLU A 181 -11.48 -51.14 21.31
N PRO A 182 -11.04 -50.65 20.14
CA PRO A 182 -11.19 -49.21 19.82
C PRO A 182 -12.61 -48.87 19.38
N TRP A 183 -13.21 -47.87 20.05
CA TRP A 183 -14.54 -47.39 19.69
C TRP A 183 -14.51 -46.12 18.88
N GLY A 184 -13.52 -45.28 19.09
CA GLY A 184 -13.49 -44.04 18.35
C GLY A 184 -12.23 -43.26 18.58
N LEU A 185 -11.95 -42.39 17.63
CA LEU A 185 -10.96 -41.35 17.73
C LEU A 185 -11.66 -40.01 17.86
N GLY A 186 -11.01 -39.07 18.54
CA GLY A 186 -11.67 -37.81 18.79
C GLY A 186 -10.68 -36.70 19.06
N SER A 187 -11.11 -35.47 18.77
CA SER A 187 -10.28 -34.29 18.93
C SER A 187 -11.01 -33.35 19.86
N ARG A 188 -10.39 -33.01 20.97
CA ARG A 188 -10.87 -31.88 21.77
C ARG A 188 -9.67 -31.07 22.21
N PHE A 189 -9.82 -29.74 22.10
CA PHE A 189 -8.77 -28.78 22.44
C PHE A 189 -7.57 -28.93 21.51
N GLY A 190 -7.82 -29.29 20.24
CA GLY A 190 -6.77 -29.54 19.29
C GLY A 190 -6.08 -30.90 19.39
N GLN A 191 -6.32 -31.66 20.47
CA GLN A 191 -5.57 -32.88 20.75
C GLN A 191 -6.41 -34.14 20.53
N TRP A 192 -5.77 -35.20 20.03
CA TRP A 192 -6.48 -36.39 19.60
C TRP A 192 -6.46 -37.48 20.67
N TYR A 193 -7.55 -38.19 20.76
CA TYR A 193 -7.80 -39.19 21.78
C TYR A 193 -8.34 -40.44 21.09
N LEU A 194 -8.06 -41.59 21.70
CA LEU A 194 -8.68 -42.87 21.41
C LEU A 194 -9.61 -43.21 22.58
N VAL A 195 -10.84 -43.58 22.28
CA VAL A 195 -11.73 -44.11 23.31
C VAL A 195 -12.04 -45.54 22.94
N GLY A 196 -12.07 -46.41 23.94
CA GLY A 196 -12.40 -47.80 23.66
C GLY A 196 -12.55 -48.56 24.96
N LEU A 197 -12.93 -49.84 24.82
CA LEU A 197 -13.05 -50.72 25.99
C LEU A 197 -11.66 -51.24 26.35
N ASP A 198 -11.15 -50.82 27.49
CA ASP A 198 -9.89 -51.35 28.00
C ASP A 198 -10.17 -52.68 28.67
N ARG A 199 -9.71 -53.79 28.07
CA ARG A 199 -10.03 -55.10 28.60
C ARG A 199 -9.28 -55.37 29.89
N GLY A 200 -8.15 -54.68 30.11
CA GLY A 200 -7.42 -54.83 31.37
C GLY A 200 -8.17 -54.24 32.56
N ARG A 201 -8.88 -53.14 32.35
CA ARG A 201 -9.72 -52.54 33.37
C ARG A 201 -11.17 -52.97 33.27
N GLY A 202 -11.55 -53.66 32.19
CA GLY A 202 -12.95 -54.03 31.99
C GLY A 202 -13.91 -52.86 31.96
N ALA A 203 -13.40 -51.68 31.59
CA ALA A 203 -14.25 -50.50 31.47
C ALA A 203 -13.74 -49.64 30.34
N LYS A 204 -14.56 -48.68 29.95
CA LYS A 204 -14.12 -47.77 28.92
C LYS A 204 -13.03 -46.84 29.45
N ARG A 205 -12.16 -46.41 28.54
CA ARG A 205 -11.02 -45.56 28.89
C ARG A 205 -10.71 -44.66 27.70
N VAL A 206 -10.17 -43.49 28.01
CA VAL A 206 -9.75 -42.52 27.02
C VAL A 206 -8.23 -42.40 27.08
N PHE A 207 -7.62 -42.47 25.92
CA PHE A 207 -6.17 -42.43 25.78
C PHE A 207 -5.79 -41.24 24.92
N ARG A 208 -4.88 -40.39 25.41
CA ARG A 208 -4.31 -39.35 24.57
C ARG A 208 -3.27 -39.92 23.62
N LEU A 209 -3.41 -39.67 22.32
CA LEU A 209 -2.47 -40.25 21.36
C LEU A 209 -1.04 -39.84 21.67
N SER A 210 -0.86 -38.59 22.13
CA SER A 210 0.50 -38.10 22.42
C SER A 210 1.16 -38.89 23.54
N ARG A 211 0.38 -39.58 24.39
CA ARG A 211 0.96 -40.34 25.51
C ARG A 211 1.23 -41.81 25.20
N MSE A 212 1.04 -42.23 23.96
CA MSE A 212 1.38 -43.60 23.53
C MSE A 212 2.88 -43.71 23.30
O MSE A 212 3.47 -42.93 22.55
CB MSE A 212 0.63 -43.98 22.25
CG MSE A 212 -0.83 -44.27 22.46
SE MSE A 212 -1.77 -44.50 20.77
CE MSE A 212 -3.55 -44.88 21.51
N THR A 213 3.50 -44.69 23.93
CA THR A 213 4.93 -44.84 23.77
C THR A 213 5.33 -45.57 22.49
N THR A 214 4.41 -46.35 21.90
CA THR A 214 4.71 -47.25 20.79
C THR A 214 3.86 -46.92 19.58
N ALA A 215 4.14 -47.63 18.48
CA ALA A 215 3.15 -47.77 17.46
C ALA A 215 2.07 -48.74 17.96
N ILE A 216 0.92 -48.67 17.32
CA ILE A 216 -0.19 -49.52 17.69
C ILE A 216 -0.03 -50.85 17.00
N SER A 217 -0.07 -51.93 17.75
CA SER A 217 -0.15 -53.25 17.12
C SER A 217 -1.62 -53.70 17.01
N VAL A 218 -2.08 -53.86 15.77
CA VAL A 218 -3.42 -54.34 15.47
C VAL A 218 -3.45 -55.87 15.56
N LEU A 219 -4.28 -56.42 16.46
CA LEU A 219 -4.33 -57.88 16.65
C LEU A 219 -5.30 -58.52 15.63
N THR A 220 -4.77 -58.74 14.43
CA THR A 220 -5.51 -59.25 13.28
C THR A 220 -5.90 -60.71 13.45
N THR A 221 -5.48 -61.37 14.52
CA THR A 221 -6.02 -62.67 14.87
C THR A 221 -7.31 -62.60 15.69
N GLY A 222 -7.67 -61.41 16.19
CA GLY A 222 -8.77 -61.27 17.12
C GLY A 222 -9.98 -60.57 16.51
N SER A 223 -11.08 -60.61 17.28
CA SER A 223 -12.30 -59.93 16.89
C SER A 223 -12.90 -59.26 18.12
N PHE A 224 -13.77 -58.28 17.86
CA PHE A 224 -14.63 -57.71 18.88
C PHE A 224 -15.77 -57.04 18.15
N HIS A 225 -16.83 -56.73 18.88
CA HIS A 225 -17.78 -55.79 18.36
CA HIS A 225 -17.95 -55.89 18.45
C HIS A 225 -18.00 -54.67 19.36
N PRO A 226 -18.03 -53.44 18.87
CA PRO A 226 -18.30 -52.31 19.77
C PRO A 226 -19.75 -52.34 20.23
N PRO A 227 -20.04 -51.77 21.41
CA PRO A 227 -21.43 -51.80 21.94
C PRO A 227 -22.35 -50.95 21.08
N LYS A 228 -23.59 -51.39 20.90
CA LYS A 228 -24.49 -50.61 20.03
C LYS A 228 -24.78 -49.24 20.62
N ASP A 229 -24.96 -49.16 21.94
CA ASP A 229 -25.23 -47.90 22.61
C ASP A 229 -23.92 -47.23 23.06
N PHE A 230 -23.14 -46.79 22.08
CA PHE A 230 -21.89 -46.08 22.32
C PHE A 230 -21.94 -44.71 21.67
N ASN A 231 -21.89 -43.66 22.49
CA ASN A 231 -21.87 -42.30 21.97
C ASN A 231 -20.46 -41.71 22.09
N ALA A 232 -19.78 -41.54 20.96
CA ALA A 232 -18.41 -41.01 20.99
C ALA A 232 -18.40 -39.54 21.42
N ARG A 233 -19.38 -38.75 20.96
CA ARG A 233 -19.37 -37.32 21.26
C ARG A 233 -19.61 -37.07 22.75
N ALA A 234 -20.53 -37.82 23.36
CA ALA A 234 -20.79 -37.66 24.79
C ALA A 234 -19.61 -38.13 25.63
N GLU A 235 -18.92 -39.18 25.18
CA GLU A 235 -17.77 -39.69 25.92
C GLU A 235 -16.63 -38.68 25.94
N LEU A 236 -16.37 -38.03 24.80
CA LEU A 236 -15.26 -37.09 24.66
C LEU A 236 -15.61 -35.73 25.29
N ASP A 237 -16.87 -35.30 25.16
CA ASP A 237 -17.34 -34.09 25.84
C ASP A 237 -17.10 -34.16 27.34
N GLU A 238 -17.19 -35.34 27.95
CA GLU A 238 -16.91 -35.42 29.37
C GLU A 238 -15.43 -35.14 29.69
N LEU A 239 -14.55 -35.15 28.68
CA LEU A 239 -13.15 -34.85 28.92
C LEU A 239 -13.00 -33.43 29.47
N ASN A 240 -12.09 -33.27 30.42
CA ASN A 240 -11.73 -32.00 31.03
C ASN A 240 -10.34 -31.55 30.58
N GLU A 241 -10.24 -30.27 30.20
CA GLU A 241 -9.00 -29.72 29.67
C GLU A 241 -7.87 -29.90 30.67
N LEU A 242 -6.66 -30.05 30.14
CA LEU A 242 -5.50 -30.18 31.02
C LEU A 242 -5.17 -28.86 31.73
N PRO A 243 -4.60 -28.94 32.93
CA PRO A 243 -4.13 -27.71 33.60
C PRO A 243 -3.13 -26.97 32.73
N VAL A 244 -3.30 -25.66 32.60
CA VAL A 244 -2.35 -24.78 31.92
C VAL A 244 -1.09 -24.55 32.77
N ARG A 245 0.00 -25.22 32.41
CA ARG A 245 1.28 -25.16 33.09
C ARG A 245 2.20 -24.11 32.44
N GLN A 246 3.29 -23.76 33.14
CA GLN A 246 4.25 -22.74 32.70
C GLN A 246 5.63 -23.33 32.42
N ALA A 247 6.16 -23.03 31.24
CA ALA A 247 7.50 -23.42 30.83
C ALA A 247 8.46 -22.25 30.91
N THR A 248 9.73 -22.54 31.23
CA THR A 248 10.79 -21.54 31.29
C THR A 248 11.85 -21.92 30.27
N LEU A 249 12.10 -21.02 29.31
CA LEU A 249 12.91 -21.33 28.15
C LEU A 249 13.99 -20.27 27.98
N VAL A 250 15.19 -20.71 27.62
CA VAL A 250 16.26 -19.83 27.16
C VAL A 250 16.37 -20.01 25.64
N ILE A 251 16.24 -18.91 24.90
CA ILE A 251 16.22 -18.90 23.45
C ILE A 251 17.20 -17.87 22.89
N ASP A 252 17.75 -18.16 21.72
CA ASP A 252 18.63 -17.21 21.04
C ASP A 252 17.87 -15.94 20.66
N LYS A 253 18.52 -14.80 20.84
CA LYS A 253 17.91 -13.53 20.45
C LYS A 253 17.62 -13.49 18.97
N ASP A 254 16.52 -12.83 18.62
CA ASP A 254 16.09 -12.65 17.23
C ASP A 254 15.73 -13.97 16.54
N LYS A 255 15.42 -15.03 17.29
CA LYS A 255 15.04 -16.31 16.71
C LYS A 255 13.73 -16.80 17.30
N LEU A 256 13.09 -17.73 16.59
CA LEU A 256 11.90 -18.43 17.08
C LEU A 256 10.74 -17.45 17.26
N LEU A 257 10.32 -16.88 16.13
CA LEU A 257 9.32 -15.82 16.18
C LEU A 257 7.96 -16.35 16.60
N ALA A 258 7.53 -17.47 16.03
CA ALA A 258 6.24 -18.02 16.45
C ALA A 258 6.24 -18.30 17.95
N LEU A 259 7.36 -18.78 18.48
CA LEU A 259 7.43 -19.07 19.90
C LEU A 259 7.33 -17.79 20.72
N ARG A 260 8.00 -16.72 20.28
CA ARG A 260 7.98 -15.49 21.06
C ARG A 260 6.59 -14.86 21.07
N LYS A 261 5.79 -15.13 20.05
CA LYS A 261 4.41 -14.67 20.03
C LYS A 261 3.63 -15.22 21.23
N LYS A 262 4.02 -16.37 21.75
CA LYS A 262 3.34 -17.00 22.89
C LYS A 262 3.91 -16.58 24.25
N ALA A 263 4.95 -15.76 24.31
CA ALA A 263 5.68 -15.56 25.55
C ALA A 263 4.91 -14.66 26.53
N THR A 264 4.76 -15.14 27.77
CA THR A 264 4.13 -14.36 28.84
C THR A 264 5.09 -13.39 29.49
N SER A 265 6.38 -13.67 29.46
CA SER A 265 7.36 -12.73 29.98
C SER A 265 8.63 -12.86 29.15
N LEU A 266 9.42 -11.79 29.13
CA LEU A 266 10.68 -11.77 28.41
C LEU A 266 11.70 -10.96 29.18
N GLN A 267 12.92 -11.47 29.28
CA GLN A 267 14.03 -10.77 29.92
C GLN A 267 15.31 -11.39 29.41
N ASP A 268 16.43 -10.70 29.62
CA ASP A 268 17.71 -11.26 29.23
C ASP A 268 18.07 -12.48 30.08
N ALA A 269 18.73 -13.43 29.44
CA ALA A 269 19.13 -14.67 30.09
C ALA A 269 20.27 -14.40 31.05
N PRO A 270 20.31 -15.06 32.22
CA PRO A 270 21.29 -14.70 33.25
C PRO A 270 22.75 -14.68 32.80
N ASP A 271 23.22 -15.67 32.04
CA ASP A 271 24.66 -15.71 31.75
C ASP A 271 25.01 -15.78 30.27
N GLU A 272 24.15 -16.38 29.46
CA GLU A 272 24.44 -16.57 28.06
C GLU A 272 24.19 -15.27 27.31
N SER A 273 25.24 -14.74 26.70
CA SER A 273 25.08 -13.56 25.87
C SER A 273 24.20 -13.89 24.67
N GLY A 274 23.46 -12.89 24.19
CA GLY A 274 22.63 -13.06 23.02
C GLY A 274 21.49 -14.04 23.16
N ARG A 275 21.03 -14.31 24.39
CA ARG A 275 19.90 -15.20 24.60
C ARG A 275 18.95 -14.55 25.60
N ASP A 276 17.66 -14.87 25.44
CA ASP A 276 16.56 -14.40 26.25
C ASP A 276 16.03 -15.51 27.13
N ARG A 277 15.38 -15.14 28.22
CA ARG A 277 14.67 -16.09 29.05
C ARG A 277 13.19 -15.74 28.99
N ILE A 278 12.37 -16.64 28.44
CA ILE A 278 10.94 -16.40 28.33
C ILE A 278 10.20 -17.50 29.08
N THR A 279 8.95 -17.18 29.39
CA THR A 279 7.98 -18.15 29.90
C THR A 279 6.85 -18.27 28.89
N VAL A 280 6.36 -19.50 28.70
CA VAL A 280 5.26 -19.77 27.80
C VAL A 280 4.31 -20.73 28.50
N ASP A 281 3.02 -20.58 28.20
CA ASP A 281 2.02 -21.47 28.72
C ASP A 281 1.83 -22.63 27.78
N PHE A 282 1.73 -23.83 28.34
CA PHE A 282 1.41 -25.01 27.56
C PHE A 282 0.56 -25.90 28.45
N ARG A 283 -0.18 -26.83 27.82
CA ARG A 283 -0.97 -27.83 28.54
C ARG A 283 -0.33 -29.21 28.44
N ASP A 284 -0.09 -29.72 27.23
CA ASP A 284 0.49 -31.05 27.04
C ASP A 284 1.99 -30.93 26.81
N PRO A 285 2.81 -31.52 27.67
CA PRO A 285 4.27 -31.40 27.50
C PRO A 285 4.80 -32.15 26.29
N GLU A 286 4.12 -33.20 25.81
CA GLU A 286 4.61 -33.85 24.59
C GLU A 286 4.43 -32.93 23.42
N GLN A 287 3.36 -32.15 23.42
CA GLN A 287 3.13 -31.23 22.32
C GLN A 287 4.19 -30.13 22.28
N LEU A 288 4.47 -29.49 23.45
CA LEU A 288 5.49 -28.46 23.49
C LEU A 288 6.88 -29.04 23.19
N ALA A 289 7.17 -30.25 23.65
CA ALA A 289 8.51 -30.81 23.44
C ALA A 289 8.77 -31.06 21.96
N GLU A 290 7.78 -31.56 21.23
CA GLU A 290 7.96 -31.73 19.80
C GLU A 290 8.24 -30.41 19.14
N GLU A 291 7.52 -29.35 19.52
CA GLU A 291 7.81 -28.05 18.95
C GLU A 291 9.22 -27.61 19.29
N LEU A 292 9.61 -27.72 20.55
CA LEU A 292 10.93 -27.21 20.96
C LEU A 292 12.08 -28.03 20.38
N ALA A 293 11.90 -29.35 20.25
CA ALA A 293 12.93 -30.18 19.60
C ALA A 293 13.17 -29.74 18.17
N SER A 294 12.10 -29.28 17.49
CA SER A 294 12.22 -28.78 16.13
C SER A 294 13.13 -27.54 16.09
N TYR A 295 13.26 -26.84 17.19
CA TYR A 295 14.08 -25.64 17.22
C TYR A 295 15.56 -25.94 17.57
N GLY A 296 15.89 -27.20 17.92
CA GLY A 296 17.26 -27.60 18.18
C GLY A 296 18.06 -26.76 19.17
N PRO A 297 19.24 -26.28 18.74
CA PRO A 297 20.08 -25.49 19.64
C PRO A 297 19.55 -24.08 19.89
N HIS A 298 18.53 -23.61 19.18
CA HIS A 298 18.00 -22.28 19.44
C HIS A 298 17.25 -22.16 20.75
N VAL A 299 17.04 -23.25 21.48
CA VAL A 299 16.27 -23.22 22.71
C VAL A 299 16.83 -24.24 23.67
N LYS A 300 16.80 -23.90 24.95
CA LYS A 300 17.04 -24.83 26.04
C LYS A 300 15.87 -24.72 27.00
N VAL A 301 15.28 -25.85 27.36
CA VAL A 301 14.29 -25.89 28.42
C VAL A 301 15.03 -25.80 29.76
N THR A 302 14.76 -24.75 30.53
CA THR A 302 15.29 -24.79 31.89
C THR A 302 14.33 -25.50 32.84
N GLY A 303 13.03 -25.37 32.61
CA GLY A 303 12.05 -26.09 33.41
C GLY A 303 10.68 -26.05 32.77
N PRO A 304 9.75 -26.91 33.20
CA PRO A 304 9.85 -27.94 34.24
C PRO A 304 10.55 -29.20 33.73
N ALA A 305 10.95 -30.07 34.65
CA ALA A 305 11.78 -31.22 34.31
C ALA A 305 11.06 -32.20 33.39
N GLU A 306 9.74 -32.34 33.52
CA GLU A 306 9.05 -33.28 32.64
C GLU A 306 9.11 -32.80 31.19
N LEU A 307 9.07 -31.47 31.00
CA LEU A 307 9.23 -30.88 29.66
C LEU A 307 10.65 -31.07 29.14
N SER A 308 11.63 -30.79 29.99
CA SER A 308 13.03 -30.95 29.62
C SER A 308 13.33 -32.40 29.25
N ALA A 309 12.81 -33.36 30.02
CA ALA A 309 13.14 -34.75 29.72
C ALA A 309 12.52 -35.20 28.42
N ALA A 310 11.38 -34.62 28.05
CA ALA A 310 10.76 -34.99 26.78
C ALA A 310 11.57 -34.47 25.59
N VAL A 311 12.13 -33.26 25.70
CA VAL A 311 12.90 -32.67 24.60
C VAL A 311 14.20 -33.45 24.38
N VAL A 312 14.96 -33.68 25.46
CA VAL A 312 16.17 -34.49 25.40
C VAL A 312 15.89 -35.86 24.80
N ARG A 313 14.78 -36.49 25.20
CA ARG A 313 14.47 -37.81 24.67
C ARG A 313 14.35 -37.78 23.15
N ARG A 314 13.70 -36.75 22.59
CA ARG A 314 13.54 -36.69 21.14
C ARG A 314 14.86 -36.42 20.47
N LEU A 315 15.62 -35.47 21.01
CA LEU A 315 16.94 -35.18 20.44
C LEU A 315 17.82 -36.41 20.52
N GLN A 316 17.76 -37.12 21.65
CA GLN A 316 18.61 -38.29 21.85
C GLN A 316 18.16 -39.44 20.97
N ALA A 317 16.86 -39.63 20.85
CA ALA A 317 16.41 -40.70 19.97
C ALA A 317 16.80 -40.39 18.53
N ALA A 318 16.84 -39.10 18.15
CA ALA A 318 17.30 -38.73 16.81
C ALA A 318 18.79 -38.98 16.63
N ALA A 319 19.62 -38.66 17.64
CA ALA A 319 21.04 -38.99 17.58
C ALA A 319 21.26 -40.50 17.43
N ASP A 320 20.56 -41.30 18.25
CA ASP A 320 20.73 -42.74 18.24
C ASP A 320 20.34 -43.37 16.90
N PHE A 321 19.26 -42.87 16.28
CA PHE A 321 18.88 -43.43 14.99
C PHE A 321 19.95 -43.16 13.94
N ASP A 322 20.53 -41.96 13.94
CA ASP A 322 21.63 -41.67 13.05
C ASP A 322 22.85 -42.56 13.35
N ASP A 323 22.98 -43.04 14.59
CA ASP A 323 24.04 -43.96 14.94
C ASP A 323 23.81 -45.38 14.43
N ALA A 324 22.56 -45.74 14.19
CA ALA A 324 22.24 -47.10 13.77
C ALA A 324 22.89 -47.33 12.40
N PRO A 325 23.19 -48.55 12.04
CA PRO A 325 23.83 -48.77 10.74
C PRO A 325 22.85 -48.49 9.60
N LEU A 326 23.43 -48.25 8.42
CA LEU A 326 22.67 -47.82 7.25
C LEU A 326 22.02 -49.02 6.61
N PRO A 327 20.72 -48.98 6.32
CA PRO A 327 20.11 -50.04 5.54
C PRO A 327 20.56 -49.93 4.09
N PRO A 328 20.36 -50.97 3.28
CA PRO A 328 20.72 -50.86 1.86
C PRO A 328 19.69 -50.00 1.14
N LEU A 329 20.19 -49.17 0.24
CA LEU A 329 19.36 -48.24 -0.50
C LEU A 329 18.74 -48.93 -1.71
N GLU A 330 17.89 -49.91 -1.45
CA GLU A 330 17.29 -50.71 -2.50
C GLU A 330 15.82 -50.32 -2.65
N PHE A 331 15.47 -49.70 -3.78
CA PHE A 331 14.06 -49.38 -3.94
C PHE A 331 13.42 -50.38 -4.90
N PRO A 332 12.18 -50.84 -4.68
CA PRO A 332 11.55 -51.73 -5.66
C PRO A 332 11.23 -50.99 -6.95
N GLU A 333 10.81 -51.76 -7.96
CA GLU A 333 10.43 -51.17 -9.25
C GLU A 333 9.21 -50.27 -9.17
N ALA A 334 8.63 -50.13 -7.98
CA ALA A 334 7.47 -49.30 -7.72
C ALA A 334 6.25 -49.73 -8.53
N GLY A 335 6.19 -50.99 -8.96
CA GLY A 335 4.99 -51.40 -9.67
C GLY A 335 4.20 -52.29 -8.75
N ARG A 336 4.92 -53.12 -7.97
CA ARG A 336 4.33 -53.95 -6.93
C ARG A 336 4.35 -53.27 -5.55
N ALA A 337 4.29 -51.94 -5.50
CA ALA A 337 4.19 -51.31 -4.18
C ALA A 337 3.02 -50.35 -4.10
N PRO A 338 2.45 -50.17 -2.91
CA PRO A 338 1.45 -49.11 -2.68
C PRO A 338 2.11 -47.73 -2.62
N ARG A 339 1.67 -46.86 -3.53
CA ARG A 339 2.26 -45.52 -3.69
C ARG A 339 1.93 -44.61 -2.52
N ALA A 340 2.86 -43.71 -2.22
CA ALA A 340 2.59 -42.70 -1.22
C ALA A 340 1.54 -41.70 -1.72
N ARG A 341 1.00 -40.89 -0.79
CA ARG A 341 0.10 -39.81 -1.16
C ARG A 341 0.69 -39.00 -2.30
N LYS A 342 -0.15 -38.69 -3.31
CA LYS A 342 0.26 -37.84 -4.44
C LYS A 342 0.13 -36.37 -4.08
N ARG A 343 0.91 -35.53 -4.76
CA ARG A 343 0.82 -34.08 -4.61
C ARG A 343 -0.61 -33.60 -4.87
N THR A 344 -1.15 -32.88 -3.91
CA THR A 344 -2.57 -32.55 -3.93
C THR A 344 -2.96 -31.80 -5.19
N SER A 345 -4.02 -32.26 -5.83
CA SER A 345 -4.55 -31.64 -7.04
C SER A 345 -5.75 -30.72 -6.75
N GLU A 346 -6.13 -29.97 -7.77
CA GLU A 346 -7.34 -29.15 -7.67
C GLU A 346 -8.60 -30.02 -7.48
N ASP A 347 -8.70 -31.17 -8.16
CA ASP A 347 -9.85 -32.06 -7.91
C ASP A 347 -9.92 -32.46 -6.42
N GLN A 348 -8.80 -32.77 -5.82
CA GLN A 348 -8.81 -33.18 -4.43
C GLN A 348 -9.18 -32.02 -3.50
N LEU A 349 -8.68 -30.83 -3.81
CA LEU A 349 -9.06 -29.67 -3.00
C LEU A 349 -10.54 -29.40 -3.12
N ALA A 350 -11.07 -29.46 -4.35
CA ALA A 350 -12.49 -29.21 -4.53
C ALA A 350 -13.31 -30.28 -3.82
N ARG A 351 -12.90 -31.54 -3.91
CA ARG A 351 -13.63 -32.59 -3.21
C ARG A 351 -13.59 -32.38 -1.70
N MSE A 352 -12.45 -32.02 -1.15
CA MSE A 352 -12.35 -31.76 0.30
C MSE A 352 -13.28 -30.66 0.73
O MSE A 352 -13.85 -30.79 1.80
CB MSE A 352 -10.91 -31.42 0.78
CG MSE A 352 -10.04 -32.62 0.80
SE MSE A 352 -8.10 -32.34 1.20
CE MSE A 352 -7.60 -31.35 -0.37
N LEU A 353 -13.44 -29.60 -0.07
CA LEU A 353 -14.44 -28.60 0.28
C LEU A 353 -15.84 -29.23 0.37
N GLN A 354 -16.14 -30.17 -0.54
CA GLN A 354 -17.44 -30.81 -0.62
C GLN A 354 -17.63 -31.87 0.46
N LEU A 355 -16.56 -32.24 1.16
CA LEU A 355 -16.73 -33.09 2.32
C LEU A 355 -17.32 -32.29 3.48
N VAL A 356 -17.07 -30.97 3.52
CA VAL A 356 -17.47 -30.19 4.69
C VAL A 356 -18.97 -30.33 5.00
N PRO A 357 -19.89 -30.18 4.04
CA PRO A 357 -21.33 -30.32 4.39
C PRO A 357 -21.69 -31.69 4.97
N PHE A 358 -21.01 -32.78 4.55
CA PHE A 358 -21.25 -34.09 5.18
C PHE A 358 -20.78 -34.10 6.62
N LEU A 359 -19.57 -33.57 6.86
CA LEU A 359 -18.95 -33.62 8.17
C LEU A 359 -19.76 -32.87 9.23
N VAL A 360 -20.41 -31.76 8.84
CA VAL A 360 -21.17 -30.96 9.80
C VAL A 360 -22.65 -31.31 9.82
N HIS A 361 -23.14 -32.08 8.84
CA HIS A 361 -24.53 -32.51 8.88
C HIS A 361 -24.79 -33.31 10.16
N HIS A 362 -26.05 -33.33 10.60
CA HIS A 362 -26.33 -33.96 11.88
C HIS A 362 -26.01 -35.45 11.85
N GLN A 363 -26.10 -36.10 10.68
CA GLN A 363 -25.73 -37.52 10.62
C GLN A 363 -24.27 -37.77 10.25
N GLY A 364 -23.52 -36.72 9.94
CA GLY A 364 -22.10 -36.89 9.71
C GLY A 364 -21.79 -37.48 8.35
N LEU A 365 -20.54 -37.88 8.24
CA LEU A 365 -19.94 -38.33 7.00
C LEU A 365 -19.79 -39.84 7.14
N HIS A 366 -20.58 -40.61 6.37
CA HIS A 366 -20.45 -42.07 6.35
C HIS A 366 -19.45 -42.48 5.26
N ILE A 367 -18.33 -43.02 5.68
CA ILE A 367 -17.18 -43.04 4.79
C ILE A 367 -17.47 -43.86 3.54
N GLN A 368 -17.98 -45.11 3.70
CA GLN A 368 -18.12 -45.96 2.52
C GLN A 368 -19.08 -45.34 1.51
N GLU A 369 -20.20 -44.84 2.01
CA GLU A 369 -21.22 -44.26 1.16
C GLU A 369 -20.74 -42.98 0.50
N VAL A 370 -19.92 -42.19 1.19
CA VAL A 370 -19.50 -40.97 0.56
C VAL A 370 -18.36 -41.26 -0.43
N ALA A 371 -17.49 -42.21 -0.13
CA ALA A 371 -16.47 -42.59 -1.12
C ALA A 371 -17.13 -43.09 -2.42
N ASP A 372 -18.15 -43.95 -2.30
CA ASP A 372 -18.87 -44.43 -3.49
C ASP A 372 -19.46 -43.28 -4.28
N HIS A 373 -20.08 -42.33 -3.58
CA HIS A 373 -20.66 -41.17 -4.24
C HIS A 373 -19.62 -40.38 -5.02
N PHE A 374 -18.42 -40.20 -4.48
CA PHE A 374 -17.38 -39.51 -5.22
C PHE A 374 -16.61 -40.44 -6.19
N GLY A 375 -16.88 -41.74 -6.18
CA GLY A 375 -16.22 -42.63 -7.12
C GLY A 375 -14.79 -42.93 -6.79
N ILE A 376 -14.42 -42.85 -5.51
CA ILE A 376 -13.07 -43.15 -5.07
C ILE A 376 -13.13 -44.24 -4.03
N SER A 377 -11.97 -44.83 -3.76
CA SER A 377 -11.91 -45.88 -2.77
C SER A 377 -12.14 -45.34 -1.35
N ARG A 378 -12.48 -46.26 -0.45
CA ARG A 378 -12.59 -45.95 0.97
C ARG A 378 -11.29 -45.33 1.47
N LYS A 379 -10.16 -45.94 1.11
CA LYS A 379 -8.87 -45.46 1.61
C LYS A 379 -8.51 -44.10 1.04
N ALA A 380 -8.87 -43.86 -0.21
CA ALA A 380 -8.63 -42.55 -0.79
C ALA A 380 -9.42 -41.50 -0.03
N LEU A 381 -10.69 -41.82 0.31
CA LEU A 381 -11.49 -40.85 1.05
C LEU A 381 -10.90 -40.59 2.45
N ILE A 382 -10.46 -41.63 3.15
CA ILE A 382 -9.81 -41.46 4.45
C ILE A 382 -8.57 -40.57 4.35
N ASP A 383 -7.78 -40.76 3.29
CA ASP A 383 -6.61 -39.92 3.14
C ASP A 383 -7.02 -38.44 2.93
N ASP A 384 -8.08 -38.18 2.15
CA ASP A 384 -8.60 -36.82 2.02
C ASP A 384 -8.92 -36.25 3.38
N LEU A 385 -9.52 -37.05 4.26
CA LEU A 385 -9.92 -36.55 5.56
C LEU A 385 -8.70 -36.32 6.44
N LYS A 386 -7.69 -37.20 6.35
CA LYS A 386 -6.47 -36.99 7.14
C LYS A 386 -5.78 -35.69 6.74
N ILE A 387 -5.73 -35.38 5.44
CA ILE A 387 -5.15 -34.11 5.00
C ILE A 387 -5.95 -32.95 5.58
N LEU A 388 -7.28 -33.07 5.54
CA LEU A 388 -8.13 -31.95 5.92
C LEU A 388 -8.15 -31.72 7.44
N ILE A 389 -8.37 -32.77 8.24
CA ILE A 389 -8.69 -32.57 9.65
C ILE A 389 -7.72 -33.26 10.59
N CYS A 390 -6.74 -34.01 10.09
CA CYS A 390 -5.77 -34.71 10.93
C CYS A 390 -4.36 -34.19 10.71
N SER A 391 -4.24 -32.96 10.24
CA SER A 391 -2.95 -32.39 9.89
C SER A 391 -2.54 -31.36 10.89
N GLY A 392 -3.28 -31.23 11.98
CA GLY A 392 -2.92 -30.27 12.99
C GLY A 392 -3.48 -28.93 12.59
N LEU A 393 -3.21 -27.95 13.44
CA LEU A 393 -3.68 -26.59 13.28
C LEU A 393 -2.49 -25.72 12.90
N PRO A 394 -2.46 -25.07 11.76
CA PRO A 394 -1.34 -24.17 11.46
C PRO A 394 -1.30 -23.02 12.46
N GLU A 395 -0.21 -22.26 12.39
CA GLU A 395 -0.13 -21.09 13.24
C GLU A 395 -1.15 -20.06 12.79
N GLY A 396 -1.64 -19.29 13.75
CA GLY A 396 -2.67 -18.32 13.51
C GLY A 396 -4.05 -18.91 13.35
N TYR A 397 -4.18 -20.34 13.32
CA TYR A 397 -5.48 -21.01 13.34
C TYR A 397 -5.77 -21.38 14.81
N PRO A 398 -6.94 -21.05 15.35
CA PRO A 398 -7.17 -21.26 16.80
C PRO A 398 -7.42 -22.72 17.16
N ASP A 399 -7.03 -23.08 18.41
CA ASP A 399 -7.03 -24.47 18.84
C ASP A 399 -8.37 -24.92 19.42
N ASP A 400 -9.28 -24.00 19.67
CA ASP A 400 -10.56 -24.29 20.34
C ASP A 400 -11.73 -24.10 19.38
N LEU A 401 -11.57 -24.48 18.12
CA LEU A 401 -12.62 -24.30 17.12
C LEU A 401 -13.36 -25.57 16.67
N LEU A 402 -12.68 -26.72 16.51
CA LEU A 402 -13.29 -27.95 15.96
C LEU A 402 -13.33 -29.10 16.95
N ASP A 403 -14.53 -29.63 17.21
CA ASP A 403 -14.66 -30.91 17.91
C ASP A 403 -14.96 -31.97 16.86
N ILE A 404 -14.05 -32.93 16.76
CA ILE A 404 -14.10 -34.01 15.77
C ILE A 404 -14.27 -35.35 16.47
N GLN A 405 -15.24 -36.16 15.98
CA GLN A 405 -15.42 -37.57 16.34
C GLN A 405 -15.23 -38.43 15.09
N TRP A 406 -14.47 -39.50 15.22
CA TRP A 406 -14.24 -40.42 14.10
C TRP A 406 -14.45 -41.83 14.63
N GLU A 407 -15.62 -42.40 14.37
CA GLU A 407 -15.94 -43.80 14.68
C GLU A 407 -15.76 -44.66 13.42
N ASN A 408 -16.02 -45.97 13.55
CA ASN A 408 -15.88 -46.89 12.42
C ASN A 408 -16.72 -46.42 11.25
N ASP A 409 -16.09 -46.07 10.15
CA ASP A 409 -16.87 -45.67 8.96
C ASP A 409 -17.70 -44.38 9.18
N HIS A 410 -17.41 -43.54 10.17
CA HIS A 410 -18.34 -42.45 10.47
C HIS A 410 -17.59 -41.26 11.09
N VAL A 411 -17.53 -40.14 10.38
CA VAL A 411 -16.78 -38.95 10.81
C VAL A 411 -17.72 -37.76 10.92
N TYR A 412 -17.69 -37.07 12.05
CA TYR A 412 -18.57 -35.92 12.18
C TYR A 412 -17.92 -34.87 13.06
N ILE A 413 -18.12 -33.61 12.67
CA ILE A 413 -17.64 -32.42 13.34
C ILE A 413 -18.83 -31.89 14.12
N SER A 414 -18.83 -32.06 15.43
CA SER A 414 -19.99 -31.77 16.25
C SER A 414 -20.35 -30.27 16.27
N GLU A 415 -21.65 -30.00 16.09
CA GLU A 415 -22.18 -28.64 16.15
C GLU A 415 -22.66 -28.34 17.58
N HIS A 416 -21.93 -27.49 18.27
CA HIS A 416 -22.36 -26.86 19.52
C HIS A 416 -23.38 -25.77 19.17
N LEU A 417 -24.67 -26.09 19.35
CA LEU A 417 -25.77 -25.22 18.92
C LEU A 417 -25.69 -23.83 19.54
N ASP A 418 -25.94 -22.80 18.69
CA ASP A 418 -26.05 -21.38 19.07
C ASP A 418 -24.97 -20.98 20.09
N LEU A 419 -23.75 -21.37 19.75
CA LEU A 419 -22.56 -21.10 20.55
C LEU A 419 -21.36 -21.07 19.60
N ASN A 420 -21.50 -20.37 18.47
CA ASN A 420 -20.36 -20.12 17.60
C ASN A 420 -19.20 -19.62 18.46
N ARG A 421 -18.05 -20.25 18.29
CA ARG A 421 -16.87 -19.88 19.05
C ARG A 421 -16.29 -18.59 18.50
N PRO A 422 -16.20 -17.52 19.29
CA PRO A 422 -15.61 -16.30 18.74
C PRO A 422 -14.12 -16.52 18.65
N VAL A 423 -13.54 -15.96 17.62
CA VAL A 423 -12.11 -16.04 17.40
C VAL A 423 -11.62 -14.65 17.07
N ARG A 424 -10.46 -14.30 17.59
CA ARG A 424 -9.81 -13.04 17.30
C ARG A 424 -8.69 -13.34 16.34
N PHE A 425 -8.57 -12.56 15.30
CA PHE A 425 -7.45 -12.62 14.38
C PHE A 425 -6.78 -11.27 14.36
N SER A 426 -5.46 -11.25 14.38
CA SER A 426 -4.76 -10.03 14.04
C SER A 426 -4.88 -9.75 12.54
N GLU A 427 -4.45 -8.55 12.14
CA GLU A 427 -4.42 -8.19 10.74
C GLU A 427 -3.60 -9.19 9.95
N GLU A 428 -2.43 -9.59 10.46
CA GLU A 428 -1.51 -10.47 9.75
C GLU A 428 -2.08 -11.87 9.60
N GLU A 429 -2.66 -12.41 10.67
CA GLU A 429 -3.29 -13.73 10.62
C GLU A 429 -4.49 -13.78 9.67
N ALA A 430 -5.32 -12.74 9.68
CA ALA A 430 -6.47 -12.67 8.76
C ALA A 430 -5.99 -12.58 7.31
N ALA A 431 -4.97 -11.75 7.05
CA ALA A 431 -4.45 -11.62 5.69
C ALA A 431 -3.88 -12.95 5.21
N ALA A 432 -3.11 -13.62 6.08
CA ALA A 432 -2.52 -14.92 5.67
C ALA A 432 -3.61 -15.89 5.27
N LEU A 433 -4.65 -15.99 6.11
CA LEU A 433 -5.75 -16.90 5.86
C LEU A 433 -6.52 -16.51 4.59
N LEU A 434 -6.71 -15.21 4.34
CA LEU A 434 -7.39 -14.76 3.12
C LEU A 434 -6.64 -15.19 1.89
N THR A 435 -5.33 -15.27 1.98
CA THR A 435 -4.59 -15.75 0.83
C THR A 435 -4.95 -17.20 0.52
N GLY A 436 -5.04 -18.04 1.57
CA GLY A 436 -5.44 -19.44 1.34
C GLY A 436 -6.89 -19.51 0.86
N LEU A 437 -7.76 -18.64 1.40
CA LEU A 437 -9.13 -18.64 0.96
C LEU A 437 -9.25 -18.17 -0.49
N ALA A 438 -8.41 -17.23 -0.91
CA ALA A 438 -8.55 -16.77 -2.30
C ALA A 438 -8.09 -17.85 -3.29
N MSE A 439 -7.09 -18.65 -2.92
CA MSE A 439 -6.73 -19.77 -3.79
C MSE A 439 -7.91 -20.77 -3.83
O MSE A 439 -8.30 -21.24 -4.91
CB MSE A 439 -5.47 -20.44 -3.28
CG MSE A 439 -4.19 -19.62 -3.43
SE MSE A 439 -3.80 -19.28 -5.36
CE MSE A 439 -2.62 -20.74 -5.79
N LEU A 440 -8.49 -21.10 -2.66
CA LEU A 440 -9.66 -21.97 -2.64
C LEU A 440 -10.79 -21.38 -3.48
N GLY A 441 -10.95 -20.06 -3.43
CA GLY A 441 -11.99 -19.40 -4.20
C GLY A 441 -11.73 -19.37 -5.68
N ASP A 442 -10.50 -19.59 -6.09
CA ASP A 442 -10.17 -19.61 -7.51
C ASP A 442 -10.27 -21.01 -8.16
N LEU A 443 -10.63 -22.06 -7.42
CA LEU A 443 -10.78 -23.40 -7.97
C LEU A 443 -11.91 -23.44 -9.03
N PRO A 444 -11.80 -24.34 -10.02
CA PRO A 444 -12.80 -24.40 -11.10
C PRO A 444 -14.23 -24.43 -10.60
N ALA A 445 -15.06 -23.59 -11.23
CA ALA A 445 -16.47 -23.52 -10.85
C ALA A 445 -17.20 -24.76 -11.34
N LEU A 446 -18.09 -25.27 -10.50
CA LEU A 446 -18.81 -26.50 -10.78
C LEU A 446 -20.23 -26.20 -11.28
N ALA A 447 -20.84 -27.19 -11.92
CA ALA A 447 -22.21 -27.09 -12.38
C ALA A 447 -23.16 -27.32 -11.20
N GLY A 448 -23.85 -26.26 -10.78
CA GLY A 448 -24.77 -26.35 -9.66
C GLY A 448 -25.28 -25.01 -9.17
N GLY A 453 -23.08 -19.34 -8.27
CA GLY A 453 -23.13 -19.83 -6.89
C GLY A 453 -23.38 -18.75 -5.85
N SER A 454 -23.59 -19.17 -4.59
CA SER A 454 -23.87 -18.31 -3.44
C SER A 454 -24.07 -19.19 -2.20
N GLY A 455 -24.03 -18.54 -1.04
CA GLY A 455 -24.34 -19.14 0.26
C GLY A 455 -23.34 -20.09 0.86
N SER A 456 -22.25 -20.44 0.18
CA SER A 456 -21.37 -21.46 0.72
C SER A 456 -20.60 -20.93 1.94
N ALA A 457 -20.06 -21.87 2.71
CA ALA A 457 -19.17 -21.58 3.83
C ALA A 457 -17.88 -20.89 3.39
N LEU A 458 -17.37 -21.26 2.23
CA LEU A 458 -16.18 -20.59 1.73
C LEU A 458 -16.46 -19.10 1.58
N GLU A 459 -17.59 -18.76 0.98
CA GLU A 459 -17.91 -17.35 0.77
C GLU A 459 -18.06 -16.61 2.09
N SER A 460 -18.78 -17.21 3.04
CA SER A 460 -19.06 -16.49 4.27
C SER A 460 -17.81 -16.30 5.11
N VAL A 461 -16.94 -17.31 5.18
CA VAL A 461 -15.73 -17.15 5.99
C VAL A 461 -14.77 -16.16 5.30
N THR A 462 -14.84 -16.05 3.95
CA THR A 462 -14.03 -15.05 3.24
C THR A 462 -14.45 -13.62 3.62
N ILE A 463 -15.76 -13.37 3.65
CA ILE A 463 -16.28 -12.07 4.03
C ILE A 463 -15.90 -11.76 5.48
N LYS A 464 -16.10 -12.71 6.39
CA LYS A 464 -15.79 -12.46 7.79
C LYS A 464 -14.30 -12.18 8.00
N LEU A 465 -13.43 -12.96 7.37
CA LEU A 465 -12.00 -12.72 7.54
C LEU A 465 -11.57 -11.42 6.85
N THR A 466 -12.29 -11.00 5.80
CA THR A 466 -12.02 -9.72 5.17
C THR A 466 -12.23 -8.57 6.17
N GLY A 467 -13.28 -8.66 6.98
CA GLY A 467 -13.50 -7.65 8.01
C GLY A 467 -12.40 -7.66 9.05
N ALA A 468 -11.77 -8.82 9.26
CA ALA A 468 -10.70 -8.90 10.24
C ALA A 468 -9.38 -8.43 9.68
N ALA A 469 -9.20 -8.46 8.37
CA ALA A 469 -7.98 -7.95 7.80
C ALA A 469 -8.05 -6.46 7.52
N GLY A 470 -9.25 -5.90 7.39
CA GLY A 470 -9.38 -4.53 6.90
C GLY A 470 -8.83 -4.35 5.49
N GLU A 471 -8.33 -3.13 5.21
CA GLU A 471 -7.91 -2.80 3.84
C GLU A 471 -6.82 -3.73 3.32
N ALA A 472 -6.04 -4.37 4.20
CA ALA A 472 -5.07 -5.38 3.79
C ALA A 472 -5.74 -6.55 3.05
N ALA A 473 -7.04 -6.75 3.24
CA ALA A 473 -7.75 -7.79 2.51
C ALA A 473 -7.71 -7.56 1.00
N ARG A 474 -7.65 -6.31 0.57
CA ARG A 474 -7.76 -6.06 -0.87
C ARG A 474 -6.62 -6.73 -1.62
N LEU A 475 -5.39 -6.59 -1.15
CA LEU A 475 -4.29 -7.31 -1.80
C LEU A 475 -4.33 -8.79 -1.46
N ALA A 476 -4.54 -9.11 -0.17
CA ALA A 476 -4.39 -10.49 0.27
C ALA A 476 -5.54 -11.38 -0.24
N GLY A 477 -6.77 -10.84 -0.37
CA GLY A 477 -7.92 -11.64 -0.77
C GLY A 477 -8.01 -11.85 -2.27
N SER A 478 -7.02 -11.36 -3.02
CA SER A 478 -7.00 -11.47 -4.47
C SER A 478 -5.83 -12.35 -4.94
N VAL A 479 -6.06 -13.08 -6.02
CA VAL A 479 -5.01 -13.82 -6.70
C VAL A 479 -4.63 -13.15 -8.01
N SER A 480 -5.10 -11.92 -8.23
CA SER A 480 -4.81 -11.21 -9.48
C SER A 480 -4.58 -9.70 -9.34
N GLY A 481 -5.01 -9.04 -8.31
CA GLY A 481 -4.91 -7.58 -8.41
C GLY A 481 -3.56 -6.95 -8.14
N GLN A 482 -2.60 -7.71 -7.62
CA GLN A 482 -1.35 -7.13 -7.16
C GLN A 482 -0.69 -6.33 -8.26
N SER A 483 -0.09 -5.20 -7.88
CA SER A 483 0.63 -4.47 -8.89
C SER A 483 1.90 -5.24 -9.26
N VAL A 484 2.55 -4.78 -10.32
CA VAL A 484 3.71 -5.45 -10.89
C VAL A 484 4.89 -4.49 -10.83
N ALA A 485 5.99 -4.94 -10.22
CA ALA A 485 7.22 -4.13 -10.20
C ALA A 485 7.68 -3.87 -11.64
N PRO A 486 8.28 -2.72 -11.89
CA PRO A 486 8.66 -2.37 -13.26
C PRO A 486 9.62 -3.33 -13.92
N GLU A 487 10.53 -3.95 -13.17
CA GLU A 487 11.48 -4.89 -13.73
C GLU A 487 10.79 -6.18 -14.19
N GLN A 488 9.58 -6.42 -13.74
CA GLN A 488 8.85 -7.62 -14.11
C GLN A 488 7.79 -7.38 -15.17
N ALA A 489 7.54 -6.10 -15.52
CA ALA A 489 6.41 -5.77 -16.38
C ALA A 489 6.53 -6.38 -17.76
N GLN A 490 7.75 -6.42 -18.28
CA GLN A 490 7.99 -6.99 -19.60
C GLN A 490 7.64 -8.47 -19.61
N ALA A 491 8.10 -9.21 -18.60
CA ALA A 491 7.77 -10.63 -18.56
C ALA A 491 6.26 -10.84 -18.29
N PHE A 492 5.66 -9.97 -17.46
CA PHE A 492 4.21 -10.06 -17.20
C PHE A 492 3.42 -9.91 -18.49
N ALA A 493 3.79 -8.94 -19.34
CA ALA A 493 3.08 -8.73 -20.60
C ALA A 493 3.32 -9.88 -21.59
N ALA A 494 4.54 -10.40 -21.64
CA ALA A 494 4.79 -11.50 -22.58
C ALA A 494 4.02 -12.76 -22.18
N ILE A 495 3.98 -13.07 -20.88
CA ILE A 495 3.19 -14.21 -20.42
C ILE A 495 1.71 -13.98 -20.71
N THR A 496 1.22 -12.76 -20.43
CA THR A 496 -0.19 -12.47 -20.66
C THR A 496 -0.56 -12.71 -22.11
N GLN A 497 0.24 -12.17 -23.02
CA GLN A 497 -0.08 -12.26 -24.42
C GLN A 497 0.06 -13.70 -24.91
N ALA A 498 1.07 -14.42 -24.41
CA ALA A 498 1.25 -15.81 -24.85
C ALA A 498 0.05 -16.67 -24.44
N ILE A 499 -0.45 -16.47 -23.22
CA ILE A 499 -1.63 -17.22 -22.76
C ILE A 499 -2.82 -16.89 -23.64
N ARG A 500 -3.03 -15.60 -23.89
CA ARG A 500 -4.18 -15.17 -24.67
C ARG A 500 -4.13 -15.67 -26.11
N GLU A 501 -2.96 -15.67 -26.73
CA GLU A 501 -2.80 -16.09 -28.10
C GLU A 501 -2.41 -17.56 -28.27
N GLY A 502 -2.26 -18.32 -27.19
CA GLY A 502 -1.96 -19.74 -27.39
C GLY A 502 -0.52 -20.00 -27.83
N ARG A 503 0.44 -19.19 -27.39
CA ARG A 503 1.84 -19.31 -27.84
C ARG A 503 2.73 -19.98 -26.80
N GLN A 504 3.58 -20.86 -27.27
CA GLN A 504 4.65 -21.40 -26.45
C GLN A 504 5.75 -20.35 -26.22
N LEU A 505 6.44 -20.47 -25.09
CA LEU A 505 7.51 -19.55 -24.74
C LEU A 505 8.80 -20.31 -24.49
N ARG A 506 9.88 -19.72 -24.94
CA ARG A 506 11.21 -20.11 -24.51
C ARG A 506 11.54 -19.31 -23.25
N LEU A 507 11.75 -20.00 -22.15
CA LEU A 507 11.99 -19.40 -20.85
C LEU A 507 13.43 -19.66 -20.43
N ARG A 508 14.10 -18.60 -20.00
CA ARG A 508 15.38 -18.67 -19.31
C ARG A 508 15.13 -18.28 -17.86
N TYR A 509 15.32 -19.24 -16.95
CA TYR A 509 14.87 -19.07 -15.57
C TYR A 509 16.12 -19.06 -14.70
N PHE A 510 16.30 -18.00 -13.90
CA PHE A 510 17.43 -17.93 -12.96
C PHE A 510 17.37 -19.06 -11.92
N SER A 511 18.51 -19.60 -11.59
CA SER A 511 18.62 -20.46 -10.42
C SER A 511 18.43 -19.63 -9.14
N LEU A 512 18.35 -20.32 -8.01
CA LEU A 512 18.12 -19.61 -6.74
C LEU A 512 19.15 -18.51 -6.51
N GLN A 513 20.44 -18.82 -6.72
CA GLN A 513 21.52 -17.85 -6.56
C GLN A 513 21.62 -16.82 -7.67
N ARG A 514 20.93 -17.02 -8.79
CA ARG A 514 20.91 -16.17 -9.98
C ARG A 514 22.23 -16.12 -10.74
N ASP A 515 23.15 -17.03 -10.43
CA ASP A 515 24.42 -17.15 -11.12
C ASP A 515 24.29 -17.96 -12.41
N GLU A 516 23.17 -18.68 -12.58
CA GLU A 516 22.93 -19.53 -13.73
C GLU A 516 21.49 -19.41 -14.20
N VAL A 517 21.21 -19.98 -15.36
CA VAL A 517 19.84 -20.08 -15.85
C VAL A 517 19.64 -21.47 -16.40
N THR A 518 18.42 -21.94 -16.28
CA THR A 518 17.95 -23.09 -17.03
C THR A 518 17.16 -22.53 -18.21
N GLU A 519 17.19 -23.27 -19.32
CA GLU A 519 16.52 -22.87 -20.54
C GLU A 519 15.52 -23.95 -20.91
N ARG A 520 14.29 -23.54 -21.21
CA ARG A 520 13.24 -24.53 -21.42
C ARG A 520 12.08 -23.91 -22.17
N ASP A 521 11.40 -24.76 -22.95
CA ASP A 521 10.15 -24.42 -23.61
C ASP A 521 9.00 -24.68 -22.65
N VAL A 522 8.09 -23.71 -22.50
CA VAL A 522 6.93 -23.86 -21.63
C VAL A 522 5.64 -23.42 -22.32
N ASP A 523 4.55 -24.08 -21.96
CA ASP A 523 3.20 -23.66 -22.34
C ASP A 523 2.69 -22.85 -21.18
N PRO A 524 2.66 -21.53 -21.26
CA PRO A 524 2.11 -20.72 -20.15
C PRO A 524 0.62 -20.99 -19.98
N LEU A 525 0.20 -21.13 -18.73
CA LEU A 525 -1.19 -21.45 -18.40
C LEU A 525 -1.91 -20.35 -17.62
N ARG A 526 -1.35 -19.92 -16.48
CA ARG A 526 -1.99 -18.96 -15.59
C ARG A 526 -0.95 -18.07 -14.95
N LEU A 527 -1.29 -16.81 -14.84
CA LEU A 527 -0.53 -15.81 -14.13
C LEU A 527 -1.33 -15.41 -12.89
N TYR A 528 -0.74 -15.53 -11.71
CA TYR A 528 -1.47 -15.30 -10.46
C TYR A 528 -0.49 -14.77 -9.42
N SER A 529 -1.02 -14.01 -8.44
CA SER A 529 -0.21 -13.49 -7.35
C SER A 529 -0.64 -14.05 -6.01
N LEU A 530 0.32 -14.10 -5.09
CA LEU A 530 0.11 -14.55 -3.73
C LEU A 530 1.10 -13.84 -2.84
N ASP A 531 0.64 -13.25 -1.74
CA ASP A 531 1.56 -12.60 -0.80
C ASP A 531 2.45 -11.59 -1.51
N SER A 532 1.83 -10.74 -2.33
CA SER A 532 2.51 -9.70 -3.10
C SER A 532 3.53 -10.24 -4.12
N THR A 533 3.46 -11.52 -4.50
CA THR A 533 4.37 -12.13 -5.47
C THR A 533 3.65 -12.67 -6.69
N TRP A 534 4.20 -12.40 -7.89
CA TRP A 534 3.62 -12.93 -9.10
C TRP A 534 4.24 -14.29 -9.45
N TYR A 535 3.39 -15.19 -9.88
CA TYR A 535 3.83 -16.51 -10.33
C TYR A 535 3.17 -16.81 -11.66
N PHE A 536 3.77 -17.71 -12.43
CA PHE A 536 3.00 -18.24 -13.55
C PHE A 536 3.12 -19.75 -13.57
N GLU A 537 1.99 -20.39 -13.71
CA GLU A 537 1.89 -21.81 -13.92
C GLU A 537 2.09 -22.13 -15.41
N ALA A 538 2.91 -23.13 -15.70
CA ALA A 538 3.24 -23.44 -17.08
C ALA A 538 3.56 -24.93 -17.20
N TYR A 539 3.20 -25.51 -18.33
CA TYR A 539 3.66 -26.86 -18.63
C TYR A 539 5.10 -26.75 -19.12
N CYS A 540 6.03 -27.35 -18.37
CA CYS A 540 7.44 -27.27 -18.71
C CYS A 540 7.85 -28.47 -19.55
N HIS A 541 8.29 -28.24 -20.79
CA HIS A 541 8.70 -29.37 -21.61
C HIS A 541 10.02 -29.98 -21.16
N SER A 542 10.83 -29.29 -20.36
CA SER A 542 12.01 -29.96 -19.80
C SER A 542 11.68 -30.90 -18.65
N LYS A 543 10.74 -30.58 -17.77
CA LYS A 543 10.37 -31.52 -16.71
C LYS A 543 9.25 -32.44 -17.15
N ALA A 544 8.67 -32.19 -18.32
CA ALA A 544 7.48 -32.89 -18.78
C ALA A 544 6.40 -32.90 -17.70
N GLY A 545 6.13 -31.69 -17.15
CA GLY A 545 5.05 -31.54 -16.20
C GLY A 545 4.80 -30.06 -15.89
N VAL A 546 3.71 -29.83 -15.18
CA VAL A 546 3.31 -28.47 -14.85
C VAL A 546 4.21 -28.03 -13.70
N ARG A 547 4.79 -26.83 -13.84
CA ARG A 547 5.54 -26.22 -12.76
C ARG A 547 5.00 -24.82 -12.55
N ASN A 548 5.36 -24.23 -11.40
CA ASN A 548 4.98 -22.88 -11.05
C ASN A 548 6.24 -22.10 -10.81
N PHE A 549 6.44 -21.06 -11.62
CA PHE A 549 7.65 -20.26 -11.62
C PHE A 549 7.38 -18.90 -11.02
N ARG A 550 8.43 -18.29 -10.49
CA ARG A 550 8.38 -16.94 -9.96
C ARG A 550 8.69 -15.95 -11.06
N LEU A 551 7.80 -14.99 -11.28
CA LEU A 551 8.03 -13.97 -12.29
C LEU A 551 9.36 -13.26 -12.04
N ASP A 552 9.68 -13.01 -10.76
CA ASP A 552 10.88 -12.24 -10.50
C ASP A 552 12.10 -13.09 -10.66
N ARG A 553 11.96 -14.35 -11.13
CA ARG A 553 13.13 -15.13 -11.48
C ARG A 553 13.28 -15.36 -12.98
N VAL A 554 12.41 -14.76 -13.79
CA VAL A 554 12.57 -14.87 -15.21
C VAL A 554 13.76 -14.05 -15.66
N GLU A 555 14.67 -14.68 -16.39
CA GLU A 555 15.71 -13.86 -17.04
C GLU A 555 15.22 -13.37 -18.38
N SER A 556 14.56 -14.22 -19.16
CA SER A 556 13.93 -13.69 -20.37
C SER A 556 12.90 -14.70 -20.82
N LEU A 557 11.91 -14.19 -21.56
CA LEU A 557 10.85 -15.00 -22.15
C LEU A 557 10.65 -14.51 -23.56
N GLU A 558 10.62 -15.44 -24.53
CA GLU A 558 10.43 -15.15 -25.93
C GLU A 558 9.56 -16.25 -26.53
N PRO A 559 8.62 -15.86 -27.38
CA PRO A 559 7.92 -16.87 -28.19
C PRO A 559 8.94 -17.67 -29.00
N ASN A 560 8.62 -18.91 -29.23
CA ASN A 560 9.46 -19.79 -30.05
C ASN A 560 8.74 -20.18 -31.32
N GLY A 561 7.62 -19.53 -31.60
CA GLY A 561 6.93 -19.71 -32.85
C GLY A 561 5.94 -20.83 -32.81
N ARG A 562 5.93 -21.65 -31.78
CA ARG A 562 5.03 -22.79 -31.76
C ARG A 562 3.79 -22.47 -30.90
N ALA A 563 2.68 -23.15 -31.23
CA ALA A 563 1.48 -23.11 -30.40
C ALA A 563 1.66 -23.95 -29.15
N VAL A 564 0.94 -23.57 -28.08
CA VAL A 564 1.00 -24.34 -26.86
C VAL A 564 0.66 -25.79 -27.20
N SER A 565 1.38 -26.71 -26.58
CA SER A 565 1.27 -28.12 -26.96
C SER A 565 -0.02 -28.72 -26.42
N GLY A 566 -0.56 -28.18 -25.34
CA GLY A 566 -1.70 -28.85 -24.76
C GLY A 566 -1.38 -30.12 -24.02
N SER A 567 -0.13 -30.29 -23.56
CA SER A 567 0.19 -31.46 -22.76
C SER A 567 -0.31 -31.35 -21.34
N ALA A 568 -0.68 -30.16 -20.88
CA ALA A 568 -1.18 -30.04 -19.52
C ALA A 568 -2.51 -30.79 -19.36
N THR A 569 -3.41 -30.66 -20.33
CA THR A 569 -4.68 -31.40 -20.31
C THR A 569 -4.49 -32.88 -20.60
N ALA A 570 -3.33 -33.29 -21.09
CA ALA A 570 -3.00 -34.68 -21.37
C ALA A 570 -2.21 -35.26 -20.20
N GLY A 571 -2.28 -36.58 -20.03
CA GLY A 571 -1.64 -37.16 -18.86
C GLY A 571 -2.69 -37.46 -17.81
N GLN A 572 -2.22 -37.67 -16.60
CA GLN A 572 -3.14 -37.86 -15.49
C GLN A 572 -3.20 -36.52 -14.76
N ASP A 573 -3.76 -36.49 -13.56
CA ASP A 573 -3.93 -35.18 -12.94
C ASP A 573 -2.57 -34.56 -12.64
N PHE A 574 -2.57 -33.25 -12.49
CA PHE A 574 -1.36 -32.63 -12.02
C PHE A 574 -1.63 -31.91 -10.70
N PRO A 575 -0.58 -31.61 -9.97
CA PRO A 575 -0.78 -30.98 -8.68
C PRO A 575 -1.39 -29.58 -8.83
N ALA A 576 -2.11 -29.17 -7.80
CA ALA A 576 -2.56 -27.80 -7.75
C ALA A 576 -1.34 -26.89 -7.54
N ARG A 577 -1.56 -25.58 -7.69
CA ARG A 577 -0.46 -24.67 -7.91
C ARG A 577 0.54 -24.61 -6.76
N LEU A 578 0.09 -24.74 -5.50
CA LEU A 578 1.02 -24.71 -4.38
C LEU A 578 1.65 -26.06 -4.10
N PHE A 579 1.38 -27.06 -4.93
CA PHE A 579 1.85 -28.42 -4.67
C PHE A 579 2.79 -28.99 -5.75
N THR A 580 3.05 -28.28 -6.84
CA THR A 580 3.98 -28.81 -7.86
C THR A 580 5.40 -28.86 -7.30
N PRO A 581 6.23 -29.83 -7.74
CA PRO A 581 7.64 -29.81 -7.30
C PRO A 581 8.27 -28.49 -7.69
N GLY A 582 9.07 -27.92 -6.76
CA GLY A 582 9.76 -26.66 -6.99
C GLY A 582 11.11 -26.83 -7.72
N GLU A 583 11.47 -25.79 -8.48
CA GLU A 583 12.74 -25.79 -9.20
C GLU A 583 13.93 -25.98 -8.26
N ASP A 584 13.83 -25.47 -7.04
CA ASP A 584 14.91 -25.47 -6.08
C ASP A 584 14.86 -26.66 -5.12
N ASP A 585 13.99 -27.65 -5.34
CA ASP A 585 13.91 -28.75 -4.39
C ASP A 585 15.25 -29.47 -4.28
N VAL A 586 15.54 -29.99 -3.09
CA VAL A 586 16.70 -30.84 -2.86
C VAL A 586 16.18 -32.26 -2.59
N LEU A 587 16.76 -33.23 -3.26
CA LEU A 587 16.33 -34.63 -3.15
C LEU A 587 17.04 -35.32 -1.99
N VAL A 588 16.28 -35.95 -1.11
CA VAL A 588 16.81 -36.52 0.13
C VAL A 588 16.26 -37.93 0.27
N CYS A 589 17.10 -38.85 0.72
CA CYS A 589 16.68 -40.21 1.02
C CYS A 589 16.63 -40.37 2.53
N LEU A 590 15.48 -40.77 3.07
CA LEU A 590 15.19 -40.88 4.49
C LEU A 590 15.02 -42.34 4.85
N GLU A 591 15.32 -42.69 6.10
CA GLU A 591 14.76 -43.88 6.73
C GLU A 591 13.74 -43.44 7.78
N LEU A 592 12.57 -44.07 7.74
CA LEU A 592 11.46 -43.82 8.65
C LEU A 592 11.21 -45.07 9.49
N THR A 593 10.94 -44.87 10.77
CA THR A 593 10.40 -45.94 11.60
C THR A 593 8.92 -46.18 11.30
N ARG A 594 8.40 -47.33 11.77
CA ARG A 594 6.98 -47.62 11.59
C ARG A 594 6.13 -46.54 12.23
N GLN A 595 6.55 -46.07 13.41
CA GLN A 595 5.77 -45.07 14.10
C GLN A 595 5.62 -43.82 13.26
N GLY A 596 6.68 -43.43 12.53
CA GLY A 596 6.69 -42.27 11.64
C GLY A 596 6.46 -42.53 10.14
N ALA A 597 5.91 -43.69 9.78
CA ALA A 597 5.79 -44.02 8.37
C ALA A 597 4.92 -43.01 7.63
N GLY A 598 3.98 -42.38 8.33
CA GLY A 598 3.10 -41.37 7.73
C GLY A 598 3.80 -40.16 7.14
N LEU A 599 5.04 -39.88 7.57
CA LEU A 599 5.74 -38.72 6.99
C LEU A 599 5.99 -38.89 5.48
N ALA A 600 6.12 -40.13 4.99
CA ALA A 600 6.31 -40.33 3.55
C ALA A 600 5.12 -39.82 2.75
N ASP A 601 3.92 -39.87 3.34
CA ASP A 601 2.74 -39.29 2.66
C ASP A 601 2.71 -37.76 2.78
N ASP A 602 3.00 -37.26 3.96
CA ASP A 602 3.00 -35.81 4.17
C ASP A 602 3.92 -35.12 3.19
N TYR A 603 5.03 -35.76 2.78
CA TYR A 603 5.97 -35.12 1.88
C TYR A 603 5.95 -35.74 0.48
N TYR A 604 4.87 -36.44 0.13
CA TYR A 604 4.63 -36.93 -1.23
C TYR A 604 5.85 -37.68 -1.78
N ALA A 605 6.34 -38.64 -1.01
CA ALA A 605 7.57 -39.34 -1.36
C ALA A 605 7.59 -39.80 -2.82
N GLU A 606 8.71 -39.54 -3.50
CA GLU A 606 8.82 -39.98 -4.89
C GLU A 606 8.89 -41.50 -4.96
N ARG A 607 9.60 -42.14 -4.03
CA ARG A 607 9.75 -43.59 -4.00
C ARG A 607 9.84 -44.03 -2.55
N THR A 608 9.37 -45.25 -2.29
CA THR A 608 9.45 -45.84 -0.96
C THR A 608 9.94 -47.28 -1.09
N ALA A 609 10.57 -47.80 -0.04
CA ALA A 609 10.93 -49.20 0.01
C ALA A 609 10.58 -49.73 1.40
N PRO A 610 9.75 -50.75 1.52
CA PRO A 610 9.46 -51.27 2.85
C PRO A 610 10.67 -51.94 3.47
N LEU A 611 10.76 -51.79 4.78
CA LEU A 611 11.80 -52.35 5.62
C LEU A 611 11.22 -53.38 6.58
N PRO A 612 12.05 -54.25 7.16
CA PRO A 612 11.51 -55.45 7.82
C PRO A 612 10.48 -55.20 8.91
N ASP A 613 10.71 -54.21 9.78
CA ASP A 613 9.85 -54.00 10.95
C ASP A 613 8.79 -52.95 10.72
N GLY A 614 8.31 -52.77 9.50
CA GLY A 614 7.28 -51.80 9.22
C GLY A 614 7.79 -50.40 8.97
N GLY A 615 9.11 -50.18 9.02
CA GLY A 615 9.70 -48.92 8.62
C GLY A 615 9.76 -48.82 7.11
N LEU A 616 10.42 -47.76 6.63
CA LEU A 616 10.59 -47.68 5.19
C LEU A 616 11.68 -46.69 4.81
N LEU A 617 12.28 -46.94 3.66
CA LEU A 617 13.06 -45.94 2.96
C LEU A 617 12.14 -45.02 2.18
N ALA A 618 12.49 -43.75 2.13
CA ALA A 618 11.64 -42.80 1.43
C ALA A 618 12.49 -41.70 0.82
N GLU A 619 12.38 -41.56 -0.49
CA GLU A 619 13.02 -40.50 -1.22
C GLU A 619 12.05 -39.33 -1.37
N VAL A 620 12.37 -38.18 -0.80
CA VAL A 620 11.45 -37.03 -0.79
C VAL A 620 12.18 -35.78 -1.28
N ARG A 621 11.42 -34.84 -1.83
CA ARG A 621 11.90 -33.53 -2.21
C ARG A 621 11.55 -32.51 -1.12
N PHE A 622 12.55 -31.90 -0.52
CA PHE A 622 12.36 -30.82 0.45
C PHE A 622 12.56 -29.49 -0.26
N GLY A 623 11.76 -28.50 0.17
CA GLY A 623 11.76 -27.20 -0.46
C GLY A 623 13.06 -26.45 -0.29
N ASP A 624 13.76 -26.70 0.81
CA ASP A 624 15.00 -26.02 1.12
C ASP A 624 15.79 -26.93 2.06
N ALA A 625 17.10 -27.05 1.80
CA ALA A 625 17.92 -27.91 2.64
C ALA A 625 17.97 -27.42 4.07
N GLY A 626 17.76 -26.12 4.31
CA GLY A 626 17.76 -25.60 5.66
C GLY A 626 16.64 -26.11 6.55
N TRP A 627 15.51 -26.53 5.97
CA TRP A 627 14.42 -27.04 6.80
C TRP A 627 14.73 -28.41 7.37
N LEU A 628 15.69 -29.11 6.77
CA LEU A 628 15.85 -30.54 7.06
C LEU A 628 16.26 -30.80 8.50
N PRO A 629 17.24 -30.11 9.09
CA PRO A 629 17.61 -30.46 10.48
C PRO A 629 16.47 -30.27 11.49
N MSE A 630 15.72 -29.20 11.37
CA MSE A 630 14.48 -29.01 12.16
C MSE A 630 13.49 -30.17 11.98
O MSE A 630 13.03 -30.71 12.97
CB MSE A 630 13.78 -27.73 11.76
CG MSE A 630 14.64 -26.49 11.88
SE MSE A 630 13.53 -24.89 11.56
CE MSE A 630 12.74 -25.44 9.84
N PHE A 631 13.22 -30.55 10.74
CA PHE A 631 12.40 -31.73 10.47
C PHE A 631 12.91 -32.95 11.24
N VAL A 632 14.23 -33.24 11.15
CA VAL A 632 14.73 -34.47 11.76
C VAL A 632 14.69 -34.37 13.28
N SER A 633 15.09 -33.21 13.83
CA SER A 633 15.07 -33.14 15.29
C SER A 633 13.64 -33.07 15.81
N GLN A 634 12.73 -32.41 15.08
CA GLN A 634 11.34 -32.40 15.51
C GLN A 634 10.83 -33.82 15.76
N HIS A 635 11.09 -34.69 14.81
CA HIS A 635 10.47 -36.01 14.86
C HIS A 635 11.24 -37.02 15.69
N GLY A 636 12.32 -36.60 16.34
CA GLY A 636 12.84 -37.28 17.51
C GLY A 636 13.04 -38.78 17.40
N GLY A 637 13.74 -39.23 16.37
CA GLY A 637 14.04 -40.64 16.20
C GLY A 637 13.20 -41.38 15.18
N SER A 638 12.12 -40.82 14.69
CA SER A 638 11.38 -41.57 13.68
C SER A 638 11.92 -41.30 12.27
N VAL A 639 12.89 -40.40 12.14
CA VAL A 639 13.48 -40.03 10.87
C VAL A 639 14.98 -39.98 10.98
N ARG A 640 15.65 -40.39 9.92
CA ARG A 640 17.07 -40.13 9.75
C ARG A 640 17.34 -39.83 8.28
N ILE A 641 18.40 -39.10 8.03
CA ILE A 641 18.84 -38.79 6.66
C ILE A 641 19.92 -39.80 6.26
N LEU A 642 19.68 -40.52 5.16
CA LEU A 642 20.67 -41.45 4.60
C LEU A 642 21.57 -40.78 3.55
N GLU A 643 20.99 -40.01 2.64
CA GLU A 643 21.68 -39.34 1.54
C GLU A 643 20.96 -38.05 1.23
N PRO A 644 21.69 -37.02 0.81
CA PRO A 644 23.13 -37.05 0.60
C PRO A 644 23.90 -36.86 1.91
N GLU A 645 25.15 -37.34 1.91
CA GLU A 645 25.96 -37.38 3.13
C GLU A 645 26.16 -36.00 3.73
N SER A 646 26.35 -34.98 2.89
CA SER A 646 26.55 -33.63 3.40
C SER A 646 25.39 -33.24 4.30
N LEU A 647 24.15 -33.40 3.81
CA LEU A 647 22.97 -33.03 4.59
C LEU A 647 22.83 -33.87 5.84
N ARG A 648 23.20 -35.16 5.77
CA ARG A 648 23.09 -36.00 6.96
C ARG A 648 23.94 -35.49 8.12
N GLN A 649 25.21 -35.16 7.83
CA GLN A 649 26.12 -34.71 8.89
C GLN A 649 25.77 -33.30 9.36
N GLU A 650 25.31 -32.47 8.44
CA GLU A 650 24.87 -31.12 8.82
C GLU A 650 23.69 -31.19 9.78
N THR A 651 22.82 -32.20 9.63
CA THR A 651 21.71 -32.43 10.56
C THR A 651 22.21 -33.03 11.87
N ARG A 652 23.16 -33.98 11.81
CA ARG A 652 23.71 -34.51 13.06
C ARG A 652 24.37 -33.42 13.90
N ALA A 653 24.97 -32.42 13.27
CA ALA A 653 25.58 -31.34 14.03
C ALA A 653 24.51 -30.46 14.71
N TRP A 654 23.39 -30.21 14.01
CA TRP A 654 22.26 -29.51 14.61
C TRP A 654 21.79 -30.25 15.87
N ILE A 655 21.57 -31.56 15.74
CA ILE A 655 21.13 -32.38 16.88
C ILE A 655 22.19 -32.37 17.98
N ASP A 656 23.46 -32.59 17.62
CA ASP A 656 24.51 -32.60 18.64
C ASP A 656 24.61 -31.26 19.33
N ALA A 657 24.59 -30.16 18.57
CA ALA A 657 24.61 -28.85 19.19
C ALA A 657 23.42 -28.67 20.14
N ALA A 658 22.24 -29.17 19.75
CA ALA A 658 21.09 -29.14 20.64
C ALA A 658 21.32 -29.95 21.90
N LEU A 659 21.92 -31.14 21.77
CA LEU A 659 22.07 -32.02 22.91
C LEU A 659 23.11 -31.48 23.90
N VAL A 660 24.21 -30.92 23.41
CA VAL A 660 25.26 -30.44 24.29
C VAL A 660 24.79 -29.35 25.22
N GLN A 661 23.63 -28.73 24.97
CA GLN A 661 23.08 -27.77 25.92
C GLN A 661 22.71 -28.43 27.23
N TYR A 662 22.37 -29.73 27.21
CA TYR A 662 21.81 -30.33 28.41
C TYR A 662 22.82 -31.13 29.22
N ASP A 663 23.87 -31.66 28.59
CA ASP A 663 24.84 -32.50 29.32
C ASP A 663 25.71 -31.59 30.18
N SER A 664 25.15 -31.13 31.29
CA SER A 664 25.98 -30.39 32.24
C SER A 664 25.45 -30.60 33.65
N ALA B 2 23.88 10.67 -4.84
CA ALA B 2 22.46 10.31 -4.83
C ALA B 2 22.23 8.96 -4.14
N SER B 3 23.16 8.02 -4.35
CA SER B 3 23.08 6.76 -3.63
C SER B 3 23.24 6.99 -2.13
N ARG B 4 23.97 8.05 -1.75
CA ARG B 4 24.01 8.45 -0.35
C ARG B 4 22.71 9.13 0.05
N THR B 5 22.17 9.99 -0.81
CA THR B 5 20.90 10.67 -0.50
C THR B 5 19.80 9.65 -0.26
N GLU B 6 19.67 8.68 -1.17
CA GLU B 6 18.65 7.65 -1.02
C GLU B 6 18.90 6.80 0.23
N ARG B 7 20.17 6.52 0.52
CA ARG B 7 20.50 5.73 1.70
C ARG B 7 20.11 6.45 2.99
N LEU B 8 20.40 7.76 3.07
CA LEU B 8 19.96 8.52 4.23
C LEU B 8 18.45 8.46 4.39
N LEU B 9 17.72 8.63 3.29
CA LEU B 9 16.25 8.58 3.35
C LEU B 9 15.78 7.21 3.81
N ASN B 10 16.36 6.13 3.25
CA ASN B 10 16.02 4.78 3.67
C ASN B 10 16.38 4.54 5.13
N LEU B 11 17.53 5.05 5.56
CA LEU B 11 17.91 4.91 6.95
C LEU B 11 16.93 5.63 7.86
N LEU B 12 16.57 6.87 7.51
CA LEU B 12 15.69 7.67 8.35
C LEU B 12 14.35 6.99 8.52
N LEU B 13 13.80 6.43 7.44
CA LEU B 13 12.51 5.75 7.50
C LEU B 13 12.60 4.44 8.26
N ALA B 14 13.71 3.70 8.07
CA ALA B 14 13.89 2.44 8.79
C ALA B 14 13.92 2.68 10.29
N LEU B 15 14.59 3.73 10.73
CA LEU B 15 14.61 4.04 12.16
C LEU B 15 13.31 4.68 12.65
N LEU B 16 12.61 5.40 11.77
CA LEU B 16 11.32 5.97 12.14
C LEU B 16 10.26 4.89 12.30
N ASN B 17 10.29 3.88 11.43
CA ASN B 17 9.22 2.88 11.43
C ASN B 17 9.20 2.09 12.73
N THR B 18 10.36 1.58 13.16
CA THR B 18 10.36 0.68 14.30
C THR B 18 10.02 1.43 15.57
N LYS B 19 9.01 0.92 16.28
CA LYS B 19 8.72 1.38 17.63
C LYS B 19 9.53 0.65 18.67
N VAL B 20 10.03 -0.54 18.34
CA VAL B 20 10.79 -1.32 19.31
C VAL B 20 12.28 -0.97 19.25
N GLY B 21 12.78 -0.60 18.10
CA GLY B 21 14.20 -0.34 17.90
C GLY B 21 14.85 -1.47 17.13
N LEU B 22 15.72 -1.11 16.19
CA LEU B 22 16.38 -2.09 15.35
C LEU B 22 17.84 -2.27 15.75
N PRO B 23 18.30 -3.50 15.84
CA PRO B 23 19.73 -3.73 16.09
C PRO B 23 20.54 -3.55 14.82
N ARG B 24 21.84 -3.33 15.02
CA ARG B 24 22.73 -3.00 13.92
C ARG B 24 22.75 -4.09 12.85
N ALA B 25 22.60 -5.35 13.27
CA ALA B 25 22.60 -6.44 12.29
C ALA B 25 21.43 -6.30 11.32
N VAL B 26 20.25 -5.96 11.82
CA VAL B 26 19.06 -5.81 10.97
C VAL B 26 19.20 -4.62 10.03
N LEU B 27 19.72 -3.50 10.53
CA LEU B 27 19.86 -2.31 9.69
C LEU B 27 20.76 -2.58 8.49
N ARG B 28 21.80 -3.39 8.67
CA ARG B 28 22.75 -3.64 7.58
C ARG B 28 22.07 -4.30 6.38
N GLU B 29 21.25 -5.32 6.61
CA GLU B 29 20.56 -5.99 5.50
C GLU B 29 19.48 -5.11 4.89
N LYS B 30 18.75 -4.37 5.72
CA LYS B 30 17.58 -3.62 5.25
C LYS B 30 17.96 -2.39 4.44
N VAL B 31 19.00 -1.67 4.84
CA VAL B 31 19.37 -0.40 4.24
C VAL B 31 20.70 -0.50 3.48
N TYR B 32 21.68 -1.18 4.08
CA TYR B 32 23.06 -1.22 3.59
C TYR B 32 23.36 -2.55 2.90
N HIS B 33 22.37 -3.12 2.20
CA HIS B 33 22.60 -4.35 1.42
C HIS B 33 23.65 -4.14 0.35
N ASP B 34 23.75 -2.93 -0.21
CA ASP B 34 24.69 -2.65 -1.28
C ASP B 34 26.15 -2.85 -0.86
N SER B 35 26.48 -2.56 0.41
CA SER B 35 27.85 -2.64 0.91
C SER B 35 28.43 -4.06 0.85
N ALA B 36 29.44 -4.28 -0.02
CA ALA B 36 30.05 -5.60 -0.14
C ALA B 36 31.10 -5.93 0.92
N ASP B 37 31.71 -4.92 1.56
CA ASP B 37 32.65 -5.18 2.65
C ASP B 37 31.88 -5.30 3.96
N ASN B 38 32.46 -6.06 4.90
CA ASN B 38 31.78 -6.45 6.12
C ASN B 38 31.85 -5.35 7.17
N ASP B 39 31.83 -5.74 8.45
CA ASP B 39 31.55 -4.81 9.55
C ASP B 39 32.45 -3.57 9.51
N VAL B 40 33.65 -3.69 8.95
CA VAL B 40 34.56 -2.55 8.96
C VAL B 40 34.01 -1.42 8.09
N ALA B 41 33.71 -1.72 6.83
CA ALA B 41 33.25 -0.67 5.92
C ALA B 41 31.81 -0.26 6.19
N PHE B 42 30.92 -1.22 6.43
CA PHE B 42 29.55 -0.85 6.80
C PHE B 42 29.54 -0.09 8.12
N GLY B 43 30.29 -0.60 9.10
CA GLY B 43 30.31 0.03 10.41
C GLY B 43 30.71 1.49 10.33
N ARG B 44 31.63 1.80 9.43
CA ARG B 44 32.06 3.18 9.26
C ARG B 44 31.00 3.98 8.52
N MSE B 45 30.43 3.42 7.47
CA MSE B 45 29.36 4.09 6.73
C MSE B 45 28.21 4.44 7.66
O MSE B 45 27.67 5.55 7.61
CB MSE B 45 28.85 3.24 5.59
CG MSE B 45 29.01 3.87 4.23
SE MSE B 45 27.75 3.11 2.97
CE MSE B 45 28.60 3.68 1.30
N PHE B 46 27.84 3.49 8.51
CA PHE B 46 26.73 3.71 9.43
C PHE B 46 27.04 4.86 10.40
N GLU B 47 28.20 4.85 11.03
CA GLU B 47 28.55 5.96 11.91
C GLU B 47 28.56 7.26 11.16
N ARG B 48 29.03 7.25 9.91
CA ARG B 48 29.02 8.48 9.12
C ARG B 48 27.59 8.93 8.83
N ASP B 49 26.70 7.96 8.57
CA ASP B 49 25.29 8.28 8.31
C ASP B 49 24.57 8.73 9.57
N LYS B 50 24.93 8.17 10.73
CA LYS B 50 24.37 8.64 11.99
C LYS B 50 24.72 10.10 12.23
N VAL B 51 25.98 10.45 12.06
CA VAL B 51 26.38 11.84 12.22
C VAL B 51 25.66 12.73 11.22
N ASP B 52 25.55 12.29 9.96
CA ASP B 52 24.94 13.16 8.97
C ASP B 52 23.47 13.40 9.25
N LEU B 53 22.72 12.35 9.59
CA LEU B 53 21.31 12.55 9.91
C LEU B 53 21.12 13.53 11.06
N LYS B 54 22.01 13.49 12.05
CA LYS B 54 21.88 14.40 13.18
C LYS B 54 21.91 15.86 12.72
N GLN B 55 22.71 16.17 11.71
CA GLN B 55 22.81 17.53 11.20
C GLN B 55 21.57 18.00 10.45
N PHE B 56 20.74 17.08 9.97
CA PHE B 56 19.42 17.43 9.43
C PHE B 56 18.35 17.50 10.52
N GLY B 57 18.74 17.39 11.78
CA GLY B 57 17.84 17.54 12.91
C GLY B 57 17.23 16.26 13.45
N PHE B 58 17.77 15.12 13.07
CA PHE B 58 17.25 13.83 13.55
C PHE B 58 18.33 13.25 14.46
N GLU B 59 18.02 13.12 15.75
CA GLU B 59 18.94 12.54 16.71
C GLU B 59 18.54 11.09 16.95
N ILE B 60 19.41 10.18 16.53
CA ILE B 60 19.16 8.75 16.73
C ILE B 60 19.47 8.43 18.19
N GLU B 61 18.45 7.97 18.92
CA GLU B 61 18.67 7.57 20.29
C GLU B 61 19.08 6.11 20.37
N THR B 62 20.10 5.85 21.20
CA THR B 62 20.54 4.49 21.48
C THR B 62 20.22 4.16 22.93
N LEU B 63 19.43 3.12 23.15
CA LEU B 63 19.16 2.60 24.49
C LEU B 63 19.54 1.12 24.54
N MSE B 64 19.63 0.57 25.75
CA MSE B 64 19.88 -0.86 25.91
C MSE B 64 19.51 -1.36 27.30
O MSE B 64 19.99 -0.85 28.32
CB MSE B 64 21.34 -1.19 25.60
CG MSE B 64 22.36 -0.29 26.28
SE MSE B 64 24.17 -0.58 25.64
CE MSE B 64 25.16 0.38 27.01
N SER B 76 25.71 -5.22 21.57
CA SER B 76 24.82 -5.03 20.43
C SER B 76 23.56 -4.29 20.84
N ALA B 77 23.52 -2.97 20.58
CA ALA B 77 22.44 -2.13 21.07
C ALA B 77 21.27 -2.09 20.10
N ARG B 78 20.25 -1.27 20.45
CA ARG B 78 19.09 -1.02 19.62
C ARG B 78 19.04 0.46 19.27
N TYR B 79 18.63 0.76 18.03
CA TYR B 79 18.59 2.13 17.51
C TYR B 79 17.20 2.46 17.00
N ARG B 80 16.76 3.70 17.18
CA ARG B 80 15.47 4.14 16.66
C ARG B 80 15.42 5.66 16.56
N ILE B 81 14.54 6.15 15.70
CA ILE B 81 14.26 7.58 15.54
C ILE B 81 12.76 7.74 15.72
N GLY B 82 12.36 8.82 16.39
CA GLY B 82 10.97 9.10 16.63
C GLY B 82 10.33 8.36 17.78
N LYS B 83 11.11 7.59 18.56
CA LYS B 83 10.64 6.92 19.77
C LYS B 83 9.47 6.00 19.41
N ASP B 84 8.29 6.18 20.00
CA ASP B 84 7.13 5.36 19.65
C ASP B 84 6.47 5.88 18.38
N SER B 85 6.72 7.13 18.01
CA SER B 85 6.06 7.66 16.83
C SER B 85 6.83 7.27 15.57
N ASN B 86 6.13 7.32 14.45
CA ASN B 86 6.72 6.98 13.16
C ASN B 86 6.78 8.17 12.23
N ARG B 87 6.49 9.38 12.75
CA ARG B 87 6.64 10.66 12.08
C ARG B 87 7.30 11.65 13.04
N LEU B 88 8.01 12.63 12.48
CA LEU B 88 8.46 13.80 13.23
C LEU B 88 7.83 15.01 12.56
N PRO B 89 6.65 15.44 13.04
CA PRO B 89 5.91 16.50 12.34
C PRO B 89 6.59 17.86 12.39
N ASP B 90 7.49 18.09 13.34
CA ASP B 90 8.05 19.40 13.60
C ASP B 90 9.43 19.51 13.00
N VAL B 91 9.61 20.47 12.12
CA VAL B 91 10.90 20.67 11.49
C VAL B 91 11.25 22.14 11.57
N SER B 92 12.53 22.43 11.63
CA SER B 92 13.05 23.78 11.60
C SER B 92 13.66 24.02 10.22
N LEU B 93 13.20 25.08 9.54
CA LEU B 93 13.57 25.37 8.16
C LEU B 93 14.39 26.65 8.09
N THR B 94 15.45 26.61 7.29
CA THR B 94 16.17 27.82 6.89
C THR B 94 15.37 28.60 5.84
N PRO B 95 15.68 29.89 5.66
CA PRO B 95 15.01 30.64 4.57
C PRO B 95 15.21 30.00 3.21
N ALA B 96 16.41 29.48 2.93
CA ALA B 96 16.66 28.79 1.67
C ALA B 96 15.72 27.60 1.49
N GLU B 97 15.71 26.69 2.47
CA GLU B 97 14.81 25.53 2.43
C GLU B 97 13.37 25.96 2.23
N SER B 98 12.94 27.00 2.94
CA SER B 98 11.58 27.48 2.82
C SER B 98 11.32 28.00 1.43
N THR B 99 12.33 28.58 0.79
CA THR B 99 12.12 29.11 -0.56
C THR B 99 11.96 27.97 -1.57
N VAL B 100 12.73 26.89 -1.42
CA VAL B 100 12.53 25.73 -2.29
C VAL B 100 11.09 25.23 -2.20
N LEU B 101 10.52 25.14 -0.98
CA LEU B 101 9.15 24.68 -0.83
C LEU B 101 8.16 25.53 -1.61
N LEU B 102 8.43 26.81 -1.80
CA LEU B 102 7.48 27.62 -2.56
C LEU B 102 7.39 27.11 -3.98
N LEU B 103 8.53 26.70 -4.53
CA LEU B 103 8.54 26.13 -5.86
C LEU B 103 7.93 24.72 -5.85
N ALA B 104 8.30 23.90 -4.85
CA ALA B 104 7.77 22.53 -4.74
C ALA B 104 6.26 22.53 -4.59
N ALA B 105 5.72 23.45 -3.80
CA ALA B 105 4.28 23.52 -3.61
C ALA B 105 3.56 23.86 -4.89
N GLN B 106 4.19 24.67 -5.75
CA GLN B 106 3.57 24.96 -7.03
C GLN B 106 3.54 23.73 -7.92
N LEU B 107 4.59 22.90 -7.89
CA LEU B 107 4.58 21.70 -8.69
C LEU B 107 3.52 20.73 -8.20
N TRP B 108 3.41 20.58 -6.88
CA TRP B 108 2.42 19.70 -6.32
C TRP B 108 1.02 20.10 -6.75
N GLU B 109 0.69 21.41 -6.66
CA GLU B 109 -0.66 21.83 -7.01
C GLU B 109 -0.98 21.44 -8.43
N ARG B 110 -0.02 21.59 -9.34
CA ARG B 110 -0.31 21.19 -10.71
C ARG B 110 -0.52 19.68 -10.78
N ALA B 111 0.28 18.91 -10.01
CA ALA B 111 0.09 17.46 -10.00
C ALA B 111 -1.27 17.09 -9.42
N ALA B 112 -1.65 17.73 -8.31
CA ALA B 112 -2.88 17.36 -7.63
C ALA B 112 -4.11 17.70 -8.47
N LEU B 113 -4.08 18.85 -9.14
CA LEU B 113 -5.20 19.22 -10.02
C LEU B 113 -5.33 18.27 -11.21
N GLY B 114 -4.22 17.99 -11.88
CA GLY B 114 -4.29 17.05 -12.98
C GLY B 114 -4.85 15.70 -12.56
N SER B 115 -4.43 15.21 -11.39
CA SER B 115 -4.98 13.90 -11.04
C SER B 115 -6.46 13.99 -10.69
N ALA B 116 -6.93 15.10 -10.14
CA ALA B 116 -8.34 15.21 -9.75
C ALA B 116 -9.26 15.30 -10.97
N ALA B 117 -8.89 16.10 -11.97
CA ALA B 117 -9.67 16.19 -13.21
C ALA B 117 -9.74 14.84 -13.93
N ALA B 118 -8.59 14.15 -14.00
CA ALA B 118 -8.57 12.88 -14.70
C ALA B 118 -9.46 11.84 -14.02
N ASN B 119 -9.61 11.94 -12.71
CA ASN B 119 -10.34 10.99 -11.88
C ASN B 119 -11.74 11.46 -11.53
N ALA B 120 -12.25 12.47 -12.22
CA ALA B 120 -13.60 12.94 -11.93
C ALA B 120 -14.65 12.00 -12.49
N VAL B 121 -15.68 11.76 -11.68
CA VAL B 121 -16.89 11.07 -12.09
C VAL B 121 -17.61 11.86 -13.17
N GLY B 129 -27.64 24.77 -14.86
CA GLY B 129 -26.93 24.51 -13.63
C GLY B 129 -25.44 24.56 -13.85
N PHE B 130 -24.67 24.11 -12.84
CA PHE B 130 -23.22 24.02 -12.94
C PHE B 130 -22.77 22.70 -12.32
N ARG B 131 -21.48 22.42 -12.46
CA ARG B 131 -20.83 21.24 -11.93
C ARG B 131 -20.63 21.38 -10.41
N ASP B 132 -20.54 20.23 -9.73
CA ASP B 132 -20.41 20.21 -8.27
C ASP B 132 -18.95 20.25 -7.82
N VAL B 133 -18.17 21.09 -8.47
CA VAL B 133 -16.72 21.11 -8.37
C VAL B 133 -16.22 21.71 -7.07
N ASP B 134 -15.07 21.22 -6.61
CA ASP B 134 -14.40 21.70 -5.41
C ASP B 134 -12.95 21.25 -5.50
N LEU B 135 -12.06 22.02 -4.85
CA LEU B 135 -10.64 21.74 -4.90
C LEU B 135 -10.29 20.39 -4.26
N PRO B 136 -9.25 19.70 -4.73
CA PRO B 136 -8.82 18.48 -4.05
C PRO B 136 -8.05 18.82 -2.77
N ALA B 137 -7.93 17.82 -1.91
CA ALA B 137 -7.19 17.96 -0.67
C ALA B 137 -5.80 18.51 -0.89
N GLY B 138 -5.41 19.44 -0.04
CA GLY B 138 -4.09 20.03 -0.14
C GLY B 138 -3.93 21.09 -1.20
N VAL B 139 -5.02 21.58 -1.78
CA VAL B 139 -4.97 22.68 -2.75
C VAL B 139 -5.95 23.76 -2.27
N GLN B 140 -5.47 25.01 -2.15
CA GLN B 140 -6.30 26.17 -1.81
C GLN B 140 -6.25 27.22 -2.91
N PRO B 141 -7.19 28.18 -2.92
CA PRO B 141 -7.09 29.26 -3.90
C PRO B 141 -5.82 30.02 -3.69
N ARG B 142 -5.24 30.44 -4.80
CA ARG B 142 -3.96 31.09 -4.78
C ARG B 142 -4.19 32.60 -4.70
N ILE B 143 -3.81 33.21 -3.58
CA ILE B 143 -3.96 34.64 -3.38
C ILE B 143 -2.60 35.26 -3.64
N LYS B 144 -2.47 36.02 -4.72
CA LYS B 144 -1.19 36.56 -5.08
C LYS B 144 -1.35 37.99 -5.57
N PRO B 145 -0.28 38.79 -5.51
CA PRO B 145 -0.38 40.18 -5.98
C PRO B 145 -0.63 40.22 -7.47
N ALA B 146 -1.43 41.18 -7.91
CA ALA B 146 -1.66 41.32 -9.34
C ALA B 146 -0.32 41.45 -10.07
N GLY B 147 -0.10 40.58 -11.06
CA GLY B 147 1.14 40.65 -11.83
C GLY B 147 1.33 42.00 -12.51
N GLN B 148 0.24 42.61 -12.97
CA GLN B 148 0.36 43.86 -13.70
C GLN B 148 0.83 44.98 -12.79
N ALA B 149 0.23 45.08 -11.61
CA ALA B 149 0.63 46.10 -10.64
C ALA B 149 2.08 45.92 -10.22
N PHE B 150 2.50 44.67 -10.05
CA PHE B 150 3.90 44.38 -9.77
C PHE B 150 4.80 44.88 -10.91
N ASP B 151 4.52 44.49 -12.15
CA ASP B 151 5.33 44.95 -13.27
C ASP B 151 5.41 46.49 -13.30
N ASP B 152 4.33 47.17 -12.93
CA ASP B 152 4.29 48.63 -13.03
C ASP B 152 5.14 49.30 -11.96
N VAL B 153 5.11 48.79 -10.73
CA VAL B 153 5.96 49.37 -9.68
C VAL B 153 7.43 49.16 -10.02
N VAL B 154 7.79 47.95 -10.43
CA VAL B 154 9.16 47.65 -10.80
C VAL B 154 9.63 48.55 -11.93
N ALA B 155 8.78 48.75 -12.96
CA ALA B 155 9.18 49.65 -14.06
C ALA B 155 9.28 51.09 -13.57
N ALA B 156 8.33 51.50 -12.73
CA ALA B 156 8.38 52.84 -12.17
C ALA B 156 9.68 53.06 -11.39
N MSE B 157 10.06 52.11 -10.54
CA MSE B 157 11.32 52.25 -9.78
C MSE B 157 12.49 52.22 -10.73
O MSE B 157 13.47 52.95 -10.55
CB MSE B 157 11.50 51.13 -8.73
CG MSE B 157 10.43 51.08 -7.68
SE MSE B 157 10.89 49.91 -6.14
CE MSE B 157 10.73 48.16 -7.05
N HIS B 158 12.39 51.38 -11.76
CA HIS B 158 13.50 51.29 -12.69
C HIS B 158 13.72 52.61 -13.40
N GLY B 159 12.64 53.25 -13.85
CA GLY B 159 12.65 54.53 -14.54
C GLY B 159 12.51 55.78 -13.69
N LYS B 160 12.45 55.62 -12.37
CA LYS B 160 12.31 56.74 -11.43
C LYS B 160 11.05 57.56 -11.78
N HIS B 161 9.95 56.86 -12.06
CA HIS B 161 8.66 57.46 -12.37
C HIS B 161 7.72 57.36 -11.18
N PRO B 162 6.98 58.43 -10.91
CA PRO B 162 5.87 58.36 -9.96
C PRO B 162 4.71 57.52 -10.51
N ILE B 163 3.81 57.15 -9.61
CA ILE B 163 2.67 56.34 -9.99
C ILE B 163 1.41 56.95 -9.40
N ARG B 164 0.27 56.50 -9.94
CA ARG B 164 -1.05 56.83 -9.42
C ARG B 164 -1.90 55.58 -9.46
N PHE B 165 -2.80 55.48 -8.50
CA PHE B 165 -3.65 54.30 -8.43
C PHE B 165 -4.82 54.60 -7.51
N GLY B 166 -5.94 53.92 -7.77
CA GLY B 166 -7.07 54.01 -6.87
C GLY B 166 -6.75 53.23 -5.63
N TYR B 167 -7.01 53.83 -4.48
CA TYR B 167 -6.69 53.18 -3.20
C TYR B 167 -7.84 53.36 -2.22
N GLN B 168 -8.40 52.25 -1.76
CA GLN B 168 -9.42 52.26 -0.73
C GLN B 168 -8.73 52.22 0.62
N ALA B 169 -8.74 53.35 1.34
CA ALA B 169 -7.95 53.43 2.56
C ALA B 169 -8.26 52.24 3.46
N VAL B 170 -7.29 51.83 4.27
CA VAL B 170 -7.46 50.61 5.04
C VAL B 170 -8.58 50.76 6.08
N SER B 171 -8.71 51.93 6.69
CA SER B 171 -9.68 52.16 7.77
C SER B 171 -11.07 52.52 7.25
N THR B 172 -11.74 51.51 6.68
CA THR B 172 -13.12 51.60 6.12
C THR B 172 -13.31 52.84 5.26
N GLY B 173 -12.25 53.24 4.58
CA GLY B 173 -12.26 54.48 3.86
C GLY B 173 -12.74 54.35 2.43
N ARG B 174 -12.96 55.50 1.83
CA ARG B 174 -13.44 55.63 0.47
C ARG B 174 -12.29 55.38 -0.50
N GLU B 175 -12.65 54.96 -1.71
CA GLU B 175 -11.65 54.91 -2.77
C GLU B 175 -11.19 56.32 -3.14
N GLU B 176 -9.87 56.47 -3.21
CA GLU B 176 -9.19 57.74 -3.37
C GLU B 176 -7.97 57.46 -4.25
N VAL B 177 -7.73 58.27 -5.28
CA VAL B 177 -6.57 58.07 -6.15
C VAL B 177 -5.35 58.73 -5.53
N ARG B 178 -4.28 57.96 -5.34
CA ARG B 178 -3.07 58.47 -4.70
C ARG B 178 -1.90 58.53 -5.69
N GLU B 179 -1.05 59.53 -5.50
CA GLU B 179 0.15 59.76 -6.31
C GLU B 179 1.40 59.55 -5.45
N VAL B 180 2.21 58.53 -5.81
CA VAL B 180 3.25 57.97 -4.95
C VAL B 180 4.59 57.93 -5.67
N GLU B 181 5.68 58.19 -4.92
CA GLU B 181 7.02 57.90 -5.39
C GLU B 181 7.47 56.56 -4.80
N PRO B 182 7.64 55.51 -5.60
CA PRO B 182 7.83 54.15 -5.05
C PRO B 182 9.24 53.93 -4.53
N TRP B 183 9.35 53.52 -3.26
CA TRP B 183 10.63 53.22 -2.64
C TRP B 183 10.92 51.73 -2.56
N GLY B 184 9.90 50.90 -2.37
CA GLY B 184 10.13 49.46 -2.28
C GLY B 184 8.83 48.68 -2.17
N LEU B 185 8.93 47.42 -2.58
CA LEU B 185 7.90 46.41 -2.37
C LEU B 185 8.37 45.40 -1.34
N GLY B 186 7.42 44.84 -0.62
CA GLY B 186 7.79 43.93 0.45
C GLY B 186 6.66 43.00 0.79
N SER B 187 7.02 41.86 1.35
CA SER B 187 6.07 40.83 1.69
C SER B 187 6.16 40.56 3.19
N ARG B 188 5.04 40.71 3.87
CA ARG B 188 4.91 40.30 5.27
C ARG B 188 3.60 39.53 5.41
N PHE B 189 3.67 38.39 6.10
CA PHE B 189 2.50 37.54 6.34
C PHE B 189 1.88 37.02 5.03
N GLY B 190 2.71 36.76 4.03
CA GLY B 190 2.26 36.33 2.73
C GLY B 190 1.74 37.43 1.82
N GLN B 191 1.52 38.63 2.34
CA GLN B 191 0.87 39.70 1.60
C GLN B 191 1.86 40.81 1.26
N TRP B 192 1.68 41.41 0.09
CA TRP B 192 2.62 42.36 -0.46
C TRP B 192 2.21 43.80 -0.21
N TYR B 193 3.21 44.66 -0.02
CA TYR B 193 3.05 46.05 0.33
C TYR B 193 3.95 46.91 -0.55
N LEU B 194 3.51 48.15 -0.79
CA LEU B 194 4.35 49.18 -1.38
C LEU B 194 4.68 50.24 -0.34
N VAL B 195 5.94 50.63 -0.23
CA VAL B 195 6.28 51.76 0.61
C VAL B 195 6.82 52.86 -0.30
N GLY B 196 6.38 54.09 -0.07
CA GLY B 196 6.81 55.23 -0.87
C GLY B 196 6.26 56.53 -0.33
N LEU B 197 6.65 57.62 -1.02
CA LEU B 197 6.20 58.96 -0.70
C LEU B 197 4.81 59.23 -1.30
N ASP B 198 3.84 59.44 -0.42
CA ASP B 198 2.48 59.83 -0.81
C ASP B 198 2.49 61.34 -1.05
N ARG B 199 2.35 61.75 -2.32
CA ARG B 199 2.47 63.18 -2.62
C ARG B 199 1.28 63.99 -2.12
N GLY B 200 0.12 63.35 -1.95
CA GLY B 200 -1.01 64.04 -1.38
C GLY B 200 -0.83 64.35 0.10
N ARG B 201 -0.15 63.46 0.82
CA ARG B 201 0.15 63.62 2.24
C ARG B 201 1.55 64.20 2.53
N GLY B 202 2.41 64.32 1.54
CA GLY B 202 3.76 64.80 1.80
C GLY B 202 4.54 63.99 2.82
N ALA B 203 4.21 62.71 2.97
CA ALA B 203 4.94 61.84 3.89
C ALA B 203 4.99 60.43 3.30
N LYS B 204 5.84 59.57 3.87
CA LYS B 204 5.88 58.18 3.41
C LYS B 204 4.64 57.46 3.90
N ARG B 205 4.24 56.45 3.16
CA ARG B 205 3.05 55.71 3.49
C ARG B 205 3.24 54.27 3.00
N VAL B 206 2.61 53.34 3.69
CA VAL B 206 2.69 51.94 3.29
C VAL B 206 1.31 51.57 2.78
N PHE B 207 1.30 50.98 1.58
CA PHE B 207 0.08 50.63 0.86
C PHE B 207 0.04 49.12 0.71
N ARG B 208 -1.08 48.52 1.11
CA ARG B 208 -1.34 47.11 0.87
C ARG B 208 -1.76 46.97 -0.59
N LEU B 209 -1.03 46.13 -1.35
CA LEU B 209 -1.32 45.99 -2.77
C LEU B 209 -2.76 45.54 -2.99
N SER B 210 -3.27 44.70 -2.09
CA SER B 210 -4.62 44.19 -2.18
C SER B 210 -5.67 45.28 -2.07
N ARG B 211 -5.33 46.44 -1.51
CA ARG B 211 -6.30 47.50 -1.33
C ARG B 211 -6.30 48.47 -2.49
N MSE B 212 -5.67 48.10 -3.59
CA MSE B 212 -5.70 48.95 -4.75
C MSE B 212 -6.92 48.57 -5.57
O MSE B 212 -7.24 47.39 -5.74
CB MSE B 212 -4.42 48.83 -5.57
CG MSE B 212 -3.20 49.57 -4.99
SE MSE B 212 -1.53 48.96 -5.89
CE MSE B 212 -0.25 50.24 -5.19
N THR B 213 -7.58 49.60 -6.07
CA THR B 213 -8.83 49.43 -6.80
C THR B 213 -8.66 49.36 -8.31
N THR B 214 -7.57 49.89 -8.84
CA THR B 214 -7.33 50.07 -10.26
C THR B 214 -6.05 49.34 -10.66
N ALA B 215 -5.77 49.34 -11.97
CA ALA B 215 -4.40 49.17 -12.37
C ALA B 215 -3.61 50.47 -12.09
N ILE B 216 -2.28 50.35 -11.99
CA ILE B 216 -1.41 51.50 -11.69
C ILE B 216 -1.07 52.23 -12.98
N SER B 217 -1.24 53.55 -13.00
CA SER B 217 -0.72 54.34 -14.12
C SER B 217 0.67 54.88 -13.75
N VAL B 218 1.69 54.43 -14.48
CA VAL B 218 3.06 54.93 -14.30
C VAL B 218 3.18 56.22 -15.09
N LEU B 219 3.48 57.32 -14.42
CA LEU B 219 3.58 58.63 -15.08
C LEU B 219 4.98 58.80 -15.64
N THR B 220 5.19 58.26 -16.85
CA THR B 220 6.50 58.27 -17.48
C THR B 220 6.96 59.65 -17.92
N THR B 221 6.10 60.68 -17.82
CA THR B 221 6.50 62.06 -18.04
C THR B 221 7.13 62.71 -16.82
N GLY B 222 7.07 62.05 -15.66
CA GLY B 222 7.52 62.61 -14.41
C GLY B 222 8.81 61.95 -13.98
N SER B 223 9.44 62.53 -12.96
CA SER B 223 10.66 62.00 -12.37
C SER B 223 10.61 62.12 -10.86
N PHE B 224 11.47 61.35 -10.19
CA PHE B 224 11.76 61.50 -8.77
C PHE B 224 13.12 60.88 -8.48
N HIS B 225 13.50 60.92 -7.20
CA HIS B 225 14.81 60.44 -6.75
C HIS B 225 14.58 59.79 -5.39
N PRO B 226 15.10 58.59 -5.16
CA PRO B 226 14.73 57.83 -3.95
C PRO B 226 15.65 58.15 -2.79
N PRO B 227 15.18 58.06 -1.55
CA PRO B 227 16.06 58.38 -0.41
C PRO B 227 17.14 57.33 -0.22
N LYS B 228 18.36 57.79 0.08
CA LYS B 228 19.47 56.87 0.29
C LYS B 228 19.32 56.09 1.58
N ASP B 229 18.91 56.77 2.66
CA ASP B 229 18.74 56.13 3.97
C ASP B 229 17.30 55.64 4.10
N PHE B 230 16.98 54.67 3.26
CA PHE B 230 15.67 54.05 3.30
C PHE B 230 15.93 52.57 3.52
N ASN B 231 15.49 52.06 4.67
CA ASN B 231 15.62 50.63 4.94
C ASN B 231 14.26 50.00 4.73
N ALA B 232 14.12 49.23 3.66
CA ALA B 232 12.84 48.59 3.35
C ALA B 232 12.48 47.53 4.37
N ARG B 233 13.49 46.78 4.85
CA ARG B 233 13.24 45.72 5.82
C ARG B 233 12.80 46.27 7.17
N ALA B 234 13.43 47.37 7.62
CA ALA B 234 13.03 47.96 8.89
C ALA B 234 11.65 48.59 8.82
N GLU B 235 11.28 49.14 7.66
CA GLU B 235 9.96 49.74 7.52
C GLU B 235 8.85 48.69 7.62
N LEU B 236 9.05 47.51 7.01
CA LEU B 236 8.03 46.47 7.00
C LEU B 236 7.98 45.70 8.32
N ASP B 237 9.13 45.48 8.96
CA ASP B 237 9.13 44.94 10.31
C ASP B 237 8.31 45.82 11.25
N GLU B 238 8.35 47.14 11.01
CA GLU B 238 7.57 48.10 11.79
C GLU B 238 6.08 47.93 11.58
N LEU B 239 5.66 47.21 10.55
CA LEU B 239 4.23 47.00 10.36
C LEU B 239 3.64 46.24 11.53
N ASN B 240 2.46 46.66 11.95
CA ASN B 240 1.72 45.91 12.95
C ASN B 240 0.53 45.31 12.23
N GLU B 241 0.42 44.01 12.35
CA GLU B 241 -0.58 43.24 11.68
C GLU B 241 -1.97 43.70 12.09
N LEU B 242 -2.93 43.52 11.19
CA LEU B 242 -4.30 43.89 11.52
C LEU B 242 -4.80 42.98 12.63
N PRO B 243 -5.75 43.45 13.44
CA PRO B 243 -6.34 42.57 14.45
C PRO B 243 -6.82 41.26 13.84
N VAL B 244 -6.50 40.18 14.54
CA VAL B 244 -7.00 38.89 14.15
C VAL B 244 -8.49 38.94 14.46
N ARG B 245 -9.29 39.14 13.42
CA ARG B 245 -10.74 39.22 13.54
C ARG B 245 -11.31 37.83 13.28
N GLN B 246 -12.56 37.64 13.65
CA GLN B 246 -13.18 36.34 13.49
C GLN B 246 -14.32 36.44 12.49
N ALA B 247 -14.31 35.56 11.50
CA ALA B 247 -15.37 35.49 10.50
C ALA B 247 -16.28 34.34 10.83
N THR B 248 -17.55 34.48 10.49
CA THR B 248 -18.55 33.45 10.71
C THR B 248 -19.10 33.03 9.36
N LEU B 249 -18.94 31.75 9.02
CA LEU B 249 -19.21 31.25 7.69
C LEU B 249 -20.15 30.05 7.78
N VAL B 250 -21.07 29.97 6.82
CA VAL B 250 -21.88 28.77 6.60
C VAL B 250 -21.32 28.09 5.34
N ILE B 251 -20.92 26.81 5.46
CA ILE B 251 -20.29 26.12 4.35
C ILE B 251 -20.97 24.76 4.14
N ASP B 252 -21.01 24.32 2.88
CA ASP B 252 -21.59 23.03 2.53
C ASP B 252 -20.85 21.87 3.18
N LYS B 253 -21.62 20.90 3.68
CA LYS B 253 -20.96 19.72 4.22
C LYS B 253 -20.19 19.01 3.11
N ASP B 254 -19.04 18.44 3.48
CA ASP B 254 -18.12 17.72 2.59
C ASP B 254 -17.47 18.61 1.53
N LYS B 255 -17.42 19.94 1.72
CA LYS B 255 -16.80 20.84 0.75
C LYS B 255 -15.81 21.75 1.45
N LEU B 256 -14.90 22.33 0.66
CA LEU B 256 -13.97 23.38 1.11
C LEU B 256 -13.00 22.86 2.17
N LEU B 257 -12.15 21.92 1.74
CA LEU B 257 -11.29 21.19 2.66
C LEU B 257 -10.20 22.10 3.24
N ALA B 258 -9.55 22.89 2.38
CA ALA B 258 -8.51 23.80 2.87
C ALA B 258 -9.11 24.78 3.88
N LEU B 259 -10.35 25.22 3.64
CA LEU B 259 -11.02 26.15 4.54
C LEU B 259 -11.30 25.49 5.89
N ARG B 260 -11.72 24.22 5.89
CA ARG B 260 -12.04 23.58 7.16
C ARG B 260 -10.79 23.34 7.99
N LYS B 261 -9.62 23.17 7.34
CA LYS B 261 -8.37 23.07 8.09
C LYS B 261 -8.09 24.32 8.91
N LYS B 262 -8.61 25.47 8.50
CA LYS B 262 -8.38 26.73 9.18
C LYS B 262 -9.40 27.02 10.27
N ALA B 263 -10.39 26.16 10.43
CA ALA B 263 -11.54 26.47 11.26
C ALA B 263 -11.19 26.35 12.73
N THR B 264 -11.50 27.42 13.49
CA THR B 264 -11.34 27.44 14.94
C THR B 264 -12.53 26.81 15.65
N SER B 265 -13.71 26.82 15.03
CA SER B 265 -14.89 26.16 15.59
C SER B 265 -15.70 25.60 14.43
N LEU B 266 -16.47 24.57 14.72
CA LEU B 266 -17.33 23.95 13.75
C LEU B 266 -18.57 23.48 14.48
N GLN B 267 -19.73 23.71 13.89
CA GLN B 267 -20.98 23.26 14.47
C GLN B 267 -22.02 23.21 13.36
N ASP B 268 -23.15 22.57 13.64
CA ASP B 268 -24.22 22.48 12.66
C ASP B 268 -24.82 23.86 12.43
N ALA B 269 -25.21 24.13 11.19
CA ALA B 269 -25.72 25.45 10.87
C ALA B 269 -27.10 25.63 11.48
N PRO B 270 -27.39 26.80 12.04
CA PRO B 270 -28.63 26.98 12.79
C PRO B 270 -29.89 26.67 12.00
N ASP B 271 -29.96 27.09 10.74
CA ASP B 271 -31.21 26.98 10.00
C ASP B 271 -31.06 26.25 8.68
N GLU B 272 -29.89 26.36 8.04
CA GLU B 272 -29.69 25.77 6.73
C GLU B 272 -29.43 24.27 6.88
N SER B 273 -30.32 23.46 6.31
CA SER B 273 -30.11 22.01 6.31
C SER B 273 -28.88 21.65 5.48
N GLY B 274 -28.19 20.59 5.89
CA GLY B 274 -27.06 20.10 5.13
C GLY B 274 -25.88 21.03 5.06
N ARG B 275 -25.75 21.97 6.01
CA ARG B 275 -24.65 22.91 6.04
C ARG B 275 -24.05 23.03 7.45
N ASP B 276 -22.78 23.41 7.49
CA ASP B 276 -22.04 23.65 8.71
C ASP B 276 -21.86 25.16 8.90
N ARG B 277 -21.64 25.53 10.15
CA ARG B 277 -21.27 26.88 10.57
C ARG B 277 -19.87 26.81 11.16
N ILE B 278 -18.94 27.53 10.55
CA ILE B 278 -17.57 27.55 11.04
C ILE B 278 -17.18 28.99 11.38
N THR B 279 -16.12 29.11 12.18
CA THR B 279 -15.44 30.36 12.41
C THR B 279 -14.02 30.24 11.92
N VAL B 280 -13.49 31.29 11.32
CA VAL B 280 -12.13 31.31 10.80
C VAL B 280 -11.50 32.62 11.20
N ASP B 281 -10.19 32.60 11.45
CA ASP B 281 -9.47 33.81 11.79
C ASP B 281 -8.97 34.43 10.52
N PHE B 282 -9.09 35.75 10.43
CA PHE B 282 -8.52 36.50 9.32
C PHE B 282 -8.08 37.86 9.81
N ARG B 283 -7.20 38.48 9.04
CA ARG B 283 -6.75 39.83 9.30
C ARG B 283 -7.33 40.84 8.30
N ASP B 284 -7.07 40.66 7.00
CA ASP B 284 -7.54 41.60 5.98
C ASP B 284 -8.78 41.03 5.33
N PRO B 285 -9.93 41.71 5.36
CA PRO B 285 -11.13 41.12 4.75
C PRO B 285 -11.05 40.96 3.22
N GLU B 286 -10.22 41.72 2.52
CA GLU B 286 -10.08 41.53 1.09
C GLU B 286 -9.38 40.22 0.78
N GLN B 287 -8.41 39.82 1.61
CA GLN B 287 -7.71 38.58 1.36
C GLN B 287 -8.64 37.39 1.54
N LEU B 288 -9.37 37.36 2.65
CA LEU B 288 -10.33 36.28 2.86
C LEU B 288 -11.43 36.35 1.81
N ALA B 289 -11.87 37.56 1.43
CA ALA B 289 -12.97 37.69 0.48
C ALA B 289 -12.59 37.15 -0.89
N GLU B 290 -11.35 37.40 -1.33
CA GLU B 290 -10.91 36.82 -2.59
C GLU B 290 -10.96 35.28 -2.51
N GLU B 291 -10.47 34.71 -1.40
CA GLU B 291 -10.53 33.26 -1.23
C GLU B 291 -11.97 32.77 -1.20
N LEU B 292 -12.82 33.44 -0.40
CA LEU B 292 -14.19 32.96 -0.27
C LEU B 292 -14.97 33.13 -1.59
N ALA B 293 -14.67 34.20 -2.35
CA ALA B 293 -15.32 34.35 -3.65
C ALA B 293 -15.00 33.18 -4.57
N SER B 294 -13.81 32.60 -4.44
CA SER B 294 -13.46 31.44 -5.24
C SER B 294 -14.40 30.28 -4.95
N TYR B 295 -14.99 30.26 -3.76
CA TYR B 295 -15.82 29.14 -3.36
C TYR B 295 -17.26 29.28 -3.77
N GLY B 296 -17.66 30.44 -4.30
CA GLY B 296 -18.99 30.68 -4.81
C GLY B 296 -20.11 30.31 -3.86
N PRO B 297 -21.06 29.50 -4.35
CA PRO B 297 -22.21 29.12 -3.52
C PRO B 297 -21.86 28.12 -2.42
N HIS B 298 -20.67 27.56 -2.39
CA HIS B 298 -20.34 26.63 -1.30
C HIS B 298 -20.19 27.33 0.04
N VAL B 299 -20.24 28.65 0.10
CA VAL B 299 -20.05 29.35 1.37
C VAL B 299 -20.95 30.57 1.33
N LYS B 300 -21.50 30.93 2.49
CA LYS B 300 -22.15 32.22 2.67
C LYS B 300 -21.50 32.86 3.90
N VAL B 301 -21.04 34.09 3.74
CA VAL B 301 -20.52 34.87 4.86
C VAL B 301 -21.70 35.37 5.68
N THR B 302 -21.78 34.95 6.95
CA THR B 302 -22.76 35.55 7.85
C THR B 302 -22.24 36.80 8.54
N GLY B 303 -20.96 36.85 8.87
CA GLY B 303 -20.36 38.03 9.44
C GLY B 303 -18.86 37.93 9.37
N PRO B 304 -18.16 39.05 9.55
CA PRO B 304 -18.69 40.39 9.84
C PRO B 304 -19.25 41.02 8.57
N ALA B 305 -20.02 42.13 8.68
CA ALA B 305 -20.68 42.67 7.48
C ALA B 305 -19.68 43.17 6.45
N GLU B 306 -18.54 43.72 6.87
CA GLU B 306 -17.54 44.17 5.89
C GLU B 306 -16.94 43.00 5.11
N LEU B 307 -16.78 41.84 5.72
CA LEU B 307 -16.31 40.68 4.95
C LEU B 307 -17.36 40.29 3.93
N SER B 308 -18.61 40.24 4.39
CA SER B 308 -19.71 39.90 3.51
C SER B 308 -19.78 40.85 2.33
N ALA B 309 -19.64 42.15 2.58
CA ALA B 309 -19.76 43.09 1.48
C ALA B 309 -18.57 42.97 0.53
N ALA B 310 -17.40 42.55 1.02
CA ALA B 310 -16.28 42.39 0.10
C ALA B 310 -16.49 41.17 -0.82
N VAL B 311 -17.06 40.11 -0.29
CA VAL B 311 -17.29 38.92 -1.13
C VAL B 311 -18.35 39.24 -2.17
N VAL B 312 -19.48 39.79 -1.74
CA VAL B 312 -20.55 40.16 -2.67
C VAL B 312 -20.03 41.10 -3.74
N ARG B 313 -19.17 42.05 -3.38
CA ARG B 313 -18.62 42.97 -4.36
C ARG B 313 -17.90 42.23 -5.47
N ARG B 314 -17.10 41.21 -5.13
CA ARG B 314 -16.38 40.47 -6.16
C ARG B 314 -17.34 39.66 -7.01
N LEU B 315 -18.32 38.99 -6.37
CA LEU B 315 -19.30 38.22 -7.13
C LEU B 315 -20.10 39.11 -8.08
N GLN B 316 -20.49 40.31 -7.63
CA GLN B 316 -21.30 41.22 -8.45
C GLN B 316 -20.47 41.78 -9.60
N ALA B 317 -19.21 42.10 -9.35
CA ALA B 317 -18.36 42.57 -10.44
C ALA B 317 -18.13 41.46 -11.51
N ALA B 318 -18.08 40.20 -11.09
CA ALA B 318 -17.95 39.09 -12.06
C ALA B 318 -19.23 38.92 -12.88
N ALA B 319 -20.40 39.02 -12.23
CA ALA B 319 -21.67 39.01 -12.96
C ALA B 319 -21.77 40.18 -13.93
N ASP B 320 -21.47 41.40 -13.46
CA ASP B 320 -21.64 42.56 -14.33
C ASP B 320 -20.74 42.49 -15.55
N PHE B 321 -19.50 42.02 -15.39
CA PHE B 321 -18.61 41.90 -16.54
C PHE B 321 -19.16 40.86 -17.55
N ASP B 322 -19.69 39.73 -17.06
CA ASP B 322 -20.30 38.70 -17.93
C ASP B 322 -21.54 39.23 -18.68
N ASP B 323 -22.20 40.30 -18.14
CA ASP B 323 -23.33 40.88 -18.83
C ASP B 323 -22.96 41.65 -20.09
N ALA B 324 -21.72 42.11 -20.22
CA ALA B 324 -21.38 42.92 -21.38
C ALA B 324 -21.44 42.10 -22.68
N PRO B 325 -21.68 42.77 -23.81
CA PRO B 325 -21.69 42.05 -25.09
C PRO B 325 -20.26 41.63 -25.44
N LEU B 326 -20.16 40.69 -26.35
CA LEU B 326 -18.87 40.05 -26.69
C LEU B 326 -18.07 40.89 -27.68
N PRO B 327 -16.80 41.17 -27.41
CA PRO B 327 -15.94 41.77 -28.45
C PRO B 327 -15.61 40.71 -29.49
N PRO B 328 -15.13 41.11 -30.66
CA PRO B 328 -14.67 40.11 -31.62
C PRO B 328 -13.33 39.53 -31.19
N LEU B 329 -13.16 38.23 -31.42
CA LEU B 329 -11.96 37.48 -31.08
C LEU B 329 -10.93 37.66 -32.20
N GLU B 330 -10.41 38.86 -32.29
CA GLU B 330 -9.49 39.19 -33.37
C GLU B 330 -8.10 39.21 -32.75
N PHE B 331 -7.29 38.26 -33.13
CA PHE B 331 -5.93 38.21 -32.62
C PHE B 331 -4.91 38.71 -33.64
N PRO B 332 -3.90 39.45 -33.18
CA PRO B 332 -2.82 39.86 -34.07
C PRO B 332 -1.95 38.68 -34.46
N GLU B 333 -1.03 38.95 -35.38
CA GLU B 333 -0.07 37.95 -35.84
C GLU B 333 0.84 37.52 -34.71
N ALA B 334 1.12 36.21 -34.65
CA ALA B 334 2.00 35.68 -33.61
C ALA B 334 3.33 36.40 -33.67
N GLY B 335 3.77 36.94 -32.54
CA GLY B 335 5.04 37.64 -32.49
C GLY B 335 4.88 39.15 -32.45
N ARG B 336 3.85 39.69 -33.10
CA ARG B 336 3.55 41.11 -33.05
C ARG B 336 2.68 41.46 -31.84
N ALA B 337 2.78 40.65 -30.80
CA ALA B 337 2.24 40.81 -29.46
C ALA B 337 3.39 40.58 -28.51
N PRO B 338 3.38 41.20 -27.33
CA PRO B 338 4.36 40.80 -26.32
C PRO B 338 3.96 39.41 -25.85
N ARG B 339 4.88 38.46 -26.00
CA ARG B 339 4.51 37.09 -25.69
C ARG B 339 4.32 36.92 -24.20
N ALA B 340 3.31 36.15 -23.85
CA ALA B 340 3.04 35.80 -22.46
C ALA B 340 4.11 34.86 -21.94
N ARG B 341 4.14 34.71 -20.62
CA ARG B 341 4.99 33.71 -20.01
C ARG B 341 4.81 32.36 -20.71
N LYS B 342 5.93 31.69 -20.99
CA LYS B 342 5.90 30.35 -21.55
C LYS B 342 5.76 29.31 -20.45
N ARG B 343 5.19 28.14 -20.82
CA ARG B 343 5.08 26.99 -19.92
C ARG B 343 6.47 26.64 -19.39
N THR B 344 6.60 26.58 -18.07
CA THR B 344 7.90 26.47 -17.44
C THR B 344 8.71 25.24 -17.91
N SER B 345 9.99 25.46 -18.25
CA SER B 345 10.88 24.40 -18.70
C SER B 345 11.76 23.89 -17.54
N GLU B 346 12.45 22.77 -17.82
CA GLU B 346 13.40 22.24 -16.85
C GLU B 346 14.54 23.20 -16.63
N ASP B 347 15.02 23.86 -17.70
CA ASP B 347 16.03 24.89 -17.53
C ASP B 347 15.52 25.99 -16.59
N GLN B 348 14.25 26.39 -16.73
CA GLN B 348 13.74 27.46 -15.87
C GLN B 348 13.59 26.99 -14.43
N LEU B 349 13.16 25.77 -14.21
CA LEU B 349 13.08 25.30 -12.82
C LEU B 349 14.44 25.24 -12.18
N ALA B 350 15.44 24.74 -12.90
CA ALA B 350 16.78 24.66 -12.34
C ALA B 350 17.36 26.06 -12.08
N ARG B 351 17.14 26.99 -13.01
CA ARG B 351 17.63 28.34 -12.81
C ARG B 351 17.00 28.96 -11.56
N MSE B 352 15.71 28.68 -11.32
CA MSE B 352 15.01 29.22 -10.16
C MSE B 352 15.56 28.64 -8.93
O MSE B 352 15.75 29.38 -7.94
CB MSE B 352 13.49 28.99 -10.24
CG MSE B 352 12.88 29.87 -11.29
SE MSE B 352 10.91 29.85 -11.41
CE MSE B 352 10.72 27.93 -11.58
N LEU B 353 15.87 27.35 -8.92
CA LEU B 353 16.52 26.82 -7.73
C LEU B 353 17.79 27.59 -7.43
N GLN B 354 18.54 27.97 -8.47
CA GLN B 354 19.83 28.64 -8.32
C GLN B 354 19.69 30.11 -7.95
N LEU B 355 18.48 30.66 -8.02
CA LEU B 355 18.25 32.00 -7.50
C LEU B 355 18.26 31.99 -5.97
N VAL B 356 17.91 30.86 -5.36
CA VAL B 356 17.75 30.83 -3.90
C VAL B 356 19.02 31.29 -3.17
N PRO B 357 20.21 30.78 -3.49
CA PRO B 357 21.39 31.27 -2.75
C PRO B 357 21.61 32.78 -2.87
N PHE B 358 21.27 33.41 -4.00
CA PHE B 358 21.35 34.86 -4.12
C PHE B 358 20.33 35.54 -3.20
N LEU B 359 19.10 35.04 -3.21
CA LEU B 359 18.02 35.68 -2.45
C LEU B 359 18.31 35.68 -0.97
N VAL B 360 18.95 34.62 -0.47
CA VAL B 360 19.17 34.53 0.95
C VAL B 360 20.54 35.05 1.38
N HIS B 361 21.46 35.31 0.44
CA HIS B 361 22.79 35.83 0.76
C HIS B 361 22.68 37.21 1.42
N HIS B 362 23.72 37.58 2.18
CA HIS B 362 23.59 38.83 2.93
C HIS B 362 23.46 40.04 2.00
N GLN B 363 24.02 40.00 0.80
CA GLN B 363 23.86 41.14 -0.09
C GLN B 363 22.67 41.03 -1.03
N GLY B 364 21.96 39.90 -1.04
CA GLY B 364 20.76 39.78 -1.84
C GLY B 364 21.04 39.58 -3.32
N LEU B 365 19.99 39.72 -4.08
CA LEU B 365 20.01 39.44 -5.50
C LEU B 365 19.94 40.76 -6.25
N HIS B 366 21.04 41.14 -6.90
CA HIS B 366 21.04 42.34 -7.73
C HIS B 366 20.65 41.94 -9.13
N ILE B 367 19.49 42.41 -9.56
CA ILE B 367 18.83 41.77 -10.69
C ILE B 367 19.70 41.86 -11.94
N GLN B 368 20.17 43.07 -12.25
CA GLN B 368 20.89 43.25 -13.50
C GLN B 368 22.12 42.38 -13.53
N GLU B 369 22.85 42.36 -12.43
CA GLU B 369 24.08 41.57 -12.35
C GLU B 369 23.80 40.08 -12.43
N VAL B 370 22.70 39.62 -11.83
CA VAL B 370 22.43 38.18 -11.85
C VAL B 370 21.80 37.76 -13.19
N ALA B 371 20.99 38.60 -13.81
CA ALA B 371 20.49 38.31 -15.15
C ALA B 371 21.65 38.17 -16.14
N ASP B 372 22.65 39.07 -16.06
CA ASP B 372 23.84 38.95 -16.88
C ASP B 372 24.57 37.64 -16.65
N HIS B 373 24.71 37.23 -15.38
CA HIS B 373 25.38 35.98 -15.06
C HIS B 373 24.68 34.78 -15.69
N PHE B 374 23.34 34.74 -15.67
CA PHE B 374 22.60 33.66 -16.33
C PHE B 374 22.39 33.86 -17.82
N GLY B 375 22.79 34.99 -18.37
CA GLY B 375 22.69 35.18 -19.81
C GLY B 375 21.29 35.41 -20.28
N ILE B 376 20.42 35.94 -19.42
CA ILE B 376 19.06 36.25 -19.80
C ILE B 376 18.81 37.73 -19.54
N SER B 377 17.75 38.26 -20.12
CA SER B 377 17.45 39.66 -19.90
C SER B 377 17.02 39.92 -18.46
N ARG B 378 17.09 41.21 -18.11
CA ARG B 378 16.59 41.69 -16.83
C ARG B 378 15.13 41.30 -16.62
N LYS B 379 14.28 41.51 -17.63
CA LYS B 379 12.86 41.22 -17.43
C LYS B 379 12.59 39.72 -17.32
N ALA B 380 13.37 38.89 -18.03
CA ALA B 380 13.20 37.44 -17.86
C ALA B 380 13.53 37.02 -16.45
N LEU B 381 14.60 37.56 -15.86
CA LEU B 381 14.91 37.21 -14.48
C LEU B 381 13.79 37.70 -13.55
N ILE B 382 13.26 38.91 -13.83
CA ILE B 382 12.12 39.38 -13.04
C ILE B 382 10.98 38.41 -13.14
N ASP B 383 10.72 37.89 -14.33
CA ASP B 383 9.61 36.95 -14.40
C ASP B 383 9.90 35.67 -13.60
N ASP B 384 11.15 35.16 -13.66
CA ASP B 384 11.52 33.99 -12.84
C ASP B 384 11.22 34.25 -11.36
N LEU B 385 11.52 35.46 -10.88
CA LEU B 385 11.29 35.74 -9.47
C LEU B 385 9.81 35.87 -9.16
N LYS B 386 9.02 36.45 -10.09
CA LYS B 386 7.60 36.54 -9.84
C LYS B 386 6.98 35.17 -9.69
N ILE B 387 7.41 34.21 -10.53
CA ILE B 387 6.94 32.83 -10.41
C ILE B 387 7.33 32.23 -9.06
N LEU B 388 8.57 32.48 -8.62
CA LEU B 388 9.09 31.79 -7.44
C LEU B 388 8.50 32.36 -6.14
N ILE B 389 8.48 33.69 -5.98
CA ILE B 389 8.17 34.33 -4.70
C ILE B 389 6.99 35.29 -4.75
N CYS B 390 6.35 35.50 -5.90
CA CYS B 390 5.18 36.36 -5.98
C CYS B 390 3.98 35.55 -6.41
N SER B 391 4.02 34.24 -6.16
CA SER B 391 2.96 33.36 -6.59
C SER B 391 2.14 32.85 -5.43
N GLY B 392 2.39 33.38 -4.24
CA GLY B 392 1.66 32.98 -3.05
C GLY B 392 2.25 31.77 -2.35
N LEU B 393 1.59 31.40 -1.28
CA LEU B 393 2.06 30.33 -0.42
C LEU B 393 1.24 29.06 -0.59
N PRO B 394 1.87 27.91 -0.36
CA PRO B 394 1.12 26.64 -0.42
C PRO B 394 0.03 26.56 0.63
N GLU B 395 -0.83 25.57 0.45
CA GLU B 395 -1.82 25.30 1.48
C GLU B 395 -1.11 24.63 2.65
N GLY B 396 -1.59 24.90 3.87
CA GLY B 396 -0.98 24.30 5.06
C GLY B 396 0.35 24.87 5.49
N TYR B 397 0.93 25.76 4.74
CA TYR B 397 2.19 26.45 5.03
C TYR B 397 1.95 27.78 5.74
N PRO B 398 2.68 28.04 6.81
CA PRO B 398 2.41 29.25 7.60
C PRO B 398 2.88 30.48 6.86
N ASP B 399 2.23 31.60 7.15
CA ASP B 399 2.42 32.83 6.43
C ASP B 399 3.57 33.70 6.94
N ASP B 400 4.16 33.36 8.10
CA ASP B 400 5.17 34.22 8.71
C ASP B 400 6.57 33.61 8.69
N LEU B 401 6.93 32.94 7.60
CA LEU B 401 8.25 32.33 7.50
C LEU B 401 9.18 33.14 6.61
N LEU B 402 8.68 33.74 5.53
CA LEU B 402 9.49 34.46 4.58
C LEU B 402 9.15 35.95 4.66
N ASP B 403 10.16 36.77 4.94
CA ASP B 403 10.10 38.21 4.78
C ASP B 403 10.86 38.57 3.50
N ILE B 404 10.17 39.20 2.54
CA ILE B 404 10.76 39.51 1.23
C ILE B 404 10.81 41.02 1.07
N GLN B 405 11.96 41.52 0.64
CA GLN B 405 12.13 42.90 0.25
C GLN B 405 12.53 42.97 -1.21
N TRP B 406 11.91 43.88 -1.95
CA TRP B 406 12.22 44.09 -3.37
C TRP B 406 12.36 45.60 -3.57
N GLU B 407 13.61 46.09 -3.59
CA GLU B 407 13.88 47.48 -3.94
C GLU B 407 14.30 47.54 -5.41
N ASN B 408 14.59 48.73 -5.90
CA ASN B 408 15.01 48.87 -7.29
C ASN B 408 16.21 47.96 -7.59
N ASP B 409 16.04 47.01 -8.51
CA ASP B 409 17.16 46.18 -8.92
C ASP B 409 17.72 45.29 -7.78
N HIS B 410 16.95 45.05 -6.70
CA HIS B 410 17.52 44.42 -5.50
C HIS B 410 16.46 43.66 -4.71
N VAL B 411 16.55 42.33 -4.67
CA VAL B 411 15.57 41.46 -4.02
C VAL B 411 16.29 40.62 -2.99
N TYR B 412 15.77 40.58 -1.75
CA TYR B 412 16.41 39.76 -0.75
C TYR B 412 15.37 39.23 0.22
N ILE B 413 15.58 38.01 0.65
CA ILE B 413 14.73 37.34 1.63
C ILE B 413 15.46 37.47 2.94
N SER B 414 14.95 38.33 3.80
CA SER B 414 15.70 38.66 5.01
C SER B 414 15.83 37.42 5.85
N GLU B 415 17.04 37.17 6.31
CA GLU B 415 17.31 36.04 7.18
C GLU B 415 17.14 36.58 8.58
N HIS B 416 15.92 36.52 9.10
CA HIS B 416 15.76 36.73 10.53
C HIS B 416 16.17 35.42 11.17
N LEU B 417 17.42 35.31 11.65
CA LEU B 417 17.82 34.04 12.20
C LEU B 417 16.89 33.71 13.35
N ASP B 418 16.57 34.71 14.16
CA ASP B 418 15.53 34.68 15.19
C ASP B 418 15.52 33.37 15.94
N LEU B 419 16.71 32.95 16.38
CA LEU B 419 16.85 31.69 17.11
C LEU B 419 16.49 30.61 16.10
N ASN B 420 15.35 29.96 16.31
CA ASN B 420 14.81 29.06 15.29
C ASN B 420 13.35 28.80 15.62
N ARG B 421 12.48 28.95 14.62
CA ARG B 421 11.07 28.68 14.80
C ARG B 421 10.67 27.51 13.91
N PRO B 422 10.21 26.42 14.50
CA PRO B 422 9.75 25.27 13.71
C PRO B 422 8.36 25.48 13.14
N VAL B 423 8.07 24.68 12.13
CA VAL B 423 6.76 24.66 11.48
C VAL B 423 6.34 23.19 11.47
N ARG B 424 5.06 22.93 11.67
CA ARG B 424 4.53 21.57 11.73
C ARG B 424 3.86 21.21 10.40
N PHE B 425 4.13 20.00 9.95
CA PHE B 425 3.48 19.46 8.77
C PHE B 425 2.71 18.20 9.15
N SER B 426 1.49 18.06 8.63
CA SER B 426 0.82 16.77 8.68
C SER B 426 1.47 15.78 7.71
N GLU B 427 1.05 14.53 7.84
CA GLU B 427 1.50 13.49 6.93
C GLU B 427 1.19 13.88 5.50
N GLU B 428 -0.02 14.37 5.26
CA GLU B 428 -0.48 14.72 3.94
C GLU B 428 0.25 15.95 3.42
N GLU B 429 0.42 16.97 4.27
CA GLU B 429 1.14 18.17 3.84
C GLU B 429 2.59 17.84 3.47
N ALA B 430 3.24 16.99 4.26
CA ALA B 430 4.60 16.60 3.91
C ALA B 430 4.65 15.81 2.61
N ALA B 431 3.72 14.87 2.43
CA ALA B 431 3.70 14.06 1.22
C ALA B 431 3.48 14.91 0.00
N ALA B 432 2.54 15.86 0.09
CA ALA B 432 2.27 16.74 -1.05
C ALA B 432 3.52 17.48 -1.46
N LEU B 433 4.22 18.05 -0.48
CA LEU B 433 5.45 18.79 -0.79
C LEU B 433 6.54 17.86 -1.32
N LEU B 434 6.64 16.64 -0.77
CA LEU B 434 7.61 15.67 -1.26
C LEU B 434 7.38 15.32 -2.73
N THR B 435 6.13 15.35 -3.19
CA THR B 435 5.86 15.10 -4.61
C THR B 435 6.53 16.17 -5.48
N GLY B 436 6.40 17.44 -5.10
CA GLY B 436 7.09 18.50 -5.83
C GLY B 436 8.60 18.44 -5.67
N LEU B 437 9.06 18.08 -4.48
CA LEU B 437 10.50 17.97 -4.31
C LEU B 437 11.06 16.81 -5.15
N ALA B 438 10.30 15.74 -5.35
CA ALA B 438 10.84 14.63 -6.13
C ALA B 438 11.02 15.03 -7.57
N MSE B 439 10.13 15.86 -8.08
CA MSE B 439 10.26 16.33 -9.43
C MSE B 439 11.49 17.28 -9.58
O MSE B 439 12.22 17.21 -10.58
CB MSE B 439 8.93 16.99 -9.81
CG MSE B 439 7.83 15.96 -10.21
SE MSE B 439 8.18 15.03 -12.00
CE MSE B 439 7.75 13.17 -11.72
N LEU B 440 11.73 18.12 -8.57
CA LEU B 440 12.89 19.00 -8.56
C LEU B 440 14.19 18.18 -8.46
N GLY B 441 14.17 17.12 -7.67
CA GLY B 441 15.33 16.26 -7.51
C GLY B 441 15.64 15.43 -8.73
N ASP B 442 14.69 15.32 -9.64
CA ASP B 442 14.97 14.60 -10.87
C ASP B 442 15.47 15.51 -11.98
N LEU B 443 15.61 16.81 -11.74
CA LEU B 443 16.09 17.70 -12.78
C LEU B 443 17.52 17.34 -13.19
N PRO B 444 17.86 17.54 -14.47
CA PRO B 444 19.20 17.19 -15.00
C PRO B 444 20.36 17.66 -14.14
N ALA B 445 21.33 16.77 -13.94
CA ALA B 445 22.53 17.06 -13.15
C ALA B 445 23.49 18.01 -13.90
N SER B 454 25.07 17.48 -3.61
CA SER B 454 25.08 17.43 -2.15
C SER B 454 25.01 18.84 -1.56
N GLY B 455 24.67 18.91 -0.26
CA GLY B 455 24.72 20.14 0.50
C GLY B 455 23.64 21.13 0.16
N SER B 456 22.81 20.84 -0.84
CA SER B 456 21.83 21.79 -1.33
C SER B 456 20.68 21.99 -0.35
N ALA B 457 19.98 23.11 -0.53
CA ALA B 457 18.75 23.33 0.24
C ALA B 457 17.69 22.31 -0.13
N LEU B 458 17.63 21.94 -1.41
CA LEU B 458 16.71 20.91 -1.87
C LEU B 458 16.96 19.58 -1.16
N GLU B 459 18.22 19.17 -1.07
CA GLU B 459 18.52 17.90 -0.44
C GLU B 459 18.08 17.90 1.03
N SER B 460 18.44 18.96 1.76
CA SER B 460 18.16 18.97 3.19
C SER B 460 16.66 19.11 3.46
N VAL B 461 15.95 19.93 2.67
CA VAL B 461 14.53 20.04 2.94
C VAL B 461 13.82 18.74 2.53
N THR B 462 14.36 18.00 1.57
CA THR B 462 13.77 16.71 1.21
C THR B 462 13.89 15.72 2.36
N ILE B 463 15.06 15.66 3.02
CA ILE B 463 15.24 14.74 4.15
C ILE B 463 14.31 15.09 5.31
N LYS B 464 14.27 16.38 5.68
CA LYS B 464 13.44 16.81 6.80
C LYS B 464 11.97 16.53 6.55
N LEU B 465 11.50 16.81 5.34
CA LEU B 465 10.08 16.54 5.05
C LEU B 465 9.78 15.04 4.98
N THR B 466 10.75 14.22 4.59
CA THR B 466 10.55 12.79 4.68
C THR B 466 10.31 12.37 6.13
N GLY B 467 11.04 12.98 7.06
CA GLY B 467 10.83 12.68 8.46
C GLY B 467 9.47 13.09 8.96
N ALA B 468 8.89 14.13 8.36
CA ALA B 468 7.55 14.56 8.75
C ALA B 468 6.47 13.75 8.06
N ALA B 469 6.80 13.11 6.93
CA ALA B 469 5.86 12.28 6.23
C ALA B 469 5.83 10.85 6.75
N GLY B 470 6.89 10.40 7.38
CA GLY B 470 6.96 8.97 7.69
C GLY B 470 6.93 8.08 6.47
N GLU B 471 6.37 6.88 6.65
CA GLU B 471 6.42 5.87 5.59
C GLU B 471 5.69 6.31 4.31
N ALA B 472 4.72 7.22 4.40
CA ALA B 472 4.09 7.75 3.19
C ALA B 472 5.08 8.40 2.24
N ALA B 473 6.25 8.80 2.75
CA ALA B 473 7.24 9.41 1.88
C ALA B 473 7.71 8.48 0.77
N ARG B 474 7.71 7.17 1.02
CA ARG B 474 8.31 6.23 0.08
C ARG B 474 7.62 6.25 -1.27
N LEU B 475 6.29 6.20 -1.28
CA LEU B 475 5.58 6.26 -2.55
C LEU B 475 5.61 7.68 -3.13
N ALA B 476 5.31 8.68 -2.30
CA ALA B 476 5.13 10.03 -2.83
C ALA B 476 6.46 10.63 -3.27
N GLY B 477 7.54 10.31 -2.56
CA GLY B 477 8.86 10.86 -2.78
C GLY B 477 9.70 10.27 -3.88
N SER B 478 9.17 9.31 -4.64
CA SER B 478 9.90 8.70 -5.73
C SER B 478 9.22 9.05 -7.05
N VAL B 479 10.02 9.18 -8.10
CA VAL B 479 9.47 9.34 -9.43
C VAL B 479 9.68 8.08 -10.28
N SER B 480 10.14 6.97 -9.69
CA SER B 480 10.37 5.78 -10.51
C SER B 480 10.08 4.44 -9.85
N GLY B 481 10.07 4.38 -8.52
CA GLY B 481 10.00 3.06 -7.92
C GLY B 481 8.62 2.46 -7.92
N GLN B 482 7.61 3.27 -8.21
CA GLN B 482 6.23 2.83 -8.13
C GLN B 482 5.99 1.59 -8.98
N SER B 483 5.19 0.67 -8.45
CA SER B 483 4.75 -0.50 -9.20
C SER B 483 3.70 -0.10 -10.25
N VAL B 484 3.35 -1.07 -11.10
CA VAL B 484 2.45 -0.89 -12.23
C VAL B 484 1.25 -1.83 -12.07
N ALA B 485 0.05 -1.28 -12.15
CA ALA B 485 -1.12 -2.12 -12.11
C ALA B 485 -1.11 -3.14 -13.26
N PRO B 486 -1.63 -4.35 -13.03
CA PRO B 486 -1.52 -5.40 -14.07
C PRO B 486 -2.19 -5.03 -15.38
N GLU B 487 -3.29 -4.30 -15.36
CA GLU B 487 -3.98 -3.92 -16.59
C GLU B 487 -3.17 -2.93 -17.43
N GLN B 488 -2.28 -2.16 -16.80
CA GLN B 488 -1.41 -1.20 -17.45
CA GLN B 488 -1.45 -1.25 -17.56
C GLN B 488 -0.04 -1.77 -17.78
N ALA B 489 0.24 -3.02 -17.37
CA ALA B 489 1.60 -3.57 -17.53
C ALA B 489 1.96 -3.79 -18.99
N GLN B 490 1.01 -4.23 -19.81
CA GLN B 490 1.31 -4.43 -21.22
C GLN B 490 1.67 -3.10 -21.89
N ALA B 491 0.88 -2.06 -21.63
CA ALA B 491 1.21 -0.75 -22.19
C ALA B 491 2.50 -0.20 -21.60
N PHE B 492 2.75 -0.46 -20.31
CA PHE B 492 4.00 -0.05 -19.70
C PHE B 492 5.20 -0.69 -20.38
N ALA B 493 5.11 -1.98 -20.72
CA ALA B 493 6.23 -2.67 -21.35
C ALA B 493 6.46 -2.16 -22.77
N ALA B 494 5.38 -1.89 -23.50
CA ALA B 494 5.50 -1.39 -24.86
C ALA B 494 6.11 0.01 -24.90
N ILE B 495 5.73 0.89 -23.98
CA ILE B 495 6.36 2.20 -23.97
C ILE B 495 7.84 2.10 -23.60
N THR B 496 8.17 1.29 -22.58
CA THR B 496 9.55 1.14 -22.15
C THR B 496 10.43 0.62 -23.28
N GLN B 497 9.97 -0.42 -23.97
CA GLN B 497 10.79 -1.06 -24.98
C GLN B 497 11.03 -0.14 -26.16
N ALA B 498 10.02 0.67 -26.52
CA ALA B 498 10.18 1.58 -27.64
C ALA B 498 11.27 2.61 -27.36
N ILE B 499 11.31 3.16 -26.14
CA ILE B 499 12.33 4.14 -25.77
C ILE B 499 13.73 3.53 -25.87
N ARG B 500 13.93 2.36 -25.26
CA ARG B 500 15.26 1.77 -25.23
C ARG B 500 15.76 1.43 -26.63
N GLU B 501 14.86 0.96 -27.50
CA GLU B 501 15.23 0.62 -28.87
C GLU B 501 14.99 1.77 -29.85
N GLY B 502 14.50 2.91 -29.37
CA GLY B 502 14.35 4.08 -30.21
C GLY B 502 13.24 4.02 -31.23
N ARG B 503 12.15 3.34 -30.92
CA ARG B 503 11.08 3.08 -31.87
C ARG B 503 9.88 4.00 -31.60
N GLN B 504 9.26 4.46 -32.68
CA GLN B 504 7.98 5.16 -32.59
C GLN B 504 6.84 4.19 -32.26
N LEU B 505 5.79 4.72 -31.64
CA LEU B 505 4.62 3.92 -31.28
C LEU B 505 3.38 4.52 -31.93
N ARG B 506 2.50 3.65 -32.41
CA ARG B 506 1.15 4.04 -32.81
C ARG B 506 0.23 3.89 -31.59
N LEU B 507 -0.39 4.99 -31.15
CA LEU B 507 -1.17 5.04 -29.92
C LEU B 507 -2.66 5.18 -30.18
N ARG B 508 -3.47 4.34 -29.51
CA ARG B 508 -4.92 4.51 -29.42
C ARG B 508 -5.24 4.92 -27.99
N TYR B 509 -5.67 6.16 -27.80
CA TYR B 509 -5.79 6.76 -26.48
C TYR B 509 -7.26 7.03 -26.18
N PHE B 510 -7.78 6.51 -25.07
CA PHE B 510 -9.15 6.81 -24.71
C PHE B 510 -9.33 8.32 -24.48
N SER B 511 -10.46 8.83 -24.94
CA SER B 511 -10.85 10.17 -24.54
C SER B 511 -11.23 10.16 -23.06
N LEU B 512 -11.44 11.36 -22.52
CA LEU B 512 -11.76 11.52 -21.10
C LEU B 512 -12.98 10.69 -20.75
N GLN B 513 -14.01 10.74 -21.58
CA GLN B 513 -15.18 9.89 -21.37
C GLN B 513 -14.93 8.43 -21.72
N ARG B 514 -13.83 8.13 -22.43
CA ARG B 514 -13.48 6.78 -22.86
C ARG B 514 -14.46 6.21 -23.88
N ASP B 515 -15.30 7.05 -24.47
CA ASP B 515 -16.22 6.56 -25.50
C ASP B 515 -15.56 6.42 -26.87
N GLU B 516 -14.41 7.05 -27.10
CA GLU B 516 -13.68 6.97 -28.35
C GLU B 516 -12.19 6.93 -28.07
N VAL B 517 -11.42 6.74 -29.13
CA VAL B 517 -9.96 6.77 -29.03
C VAL B 517 -9.41 7.58 -30.18
N THR B 518 -8.29 8.25 -29.93
CA THR B 518 -7.50 8.86 -30.98
C THR B 518 -6.34 7.96 -31.40
N GLU B 519 -5.93 8.08 -32.64
CA GLU B 519 -4.83 7.30 -33.15
C GLU B 519 -3.74 8.26 -33.61
N ARG B 520 -2.51 8.02 -33.18
CA ARG B 520 -1.44 8.97 -33.45
C ARG B 520 -0.10 8.29 -33.25
N ASP B 521 0.88 8.73 -34.04
CA ASP B 521 2.27 8.31 -33.87
C ASP B 521 2.94 9.19 -32.83
N VAL B 522 3.61 8.57 -31.86
CA VAL B 522 4.31 9.33 -30.85
C VAL B 522 5.72 8.79 -30.72
N ASP B 523 6.66 9.68 -30.40
CA ASP B 523 8.00 9.28 -30.00
C ASP B 523 8.10 9.24 -28.47
N PRO B 524 8.07 8.07 -27.84
CA PRO B 524 8.23 8.05 -26.38
C PRO B 524 9.61 8.56 -25.96
N LEU B 525 9.63 9.37 -24.89
CA LEU B 525 10.84 9.96 -24.32
C LEU B 525 11.07 9.49 -22.90
N ARG B 526 10.07 9.62 -22.03
CA ARG B 526 10.24 9.25 -20.64
C ARG B 526 8.96 8.62 -20.11
N LEU B 527 9.16 7.59 -19.31
CA LEU B 527 8.10 6.98 -18.54
C LEU B 527 8.38 7.28 -17.09
N TYR B 528 7.43 7.90 -16.40
CA TYR B 528 7.67 8.33 -15.03
C TYR B 528 6.36 8.25 -14.28
N SER B 529 6.45 8.07 -12.97
CA SER B 529 5.29 8.03 -12.12
C SER B 529 5.36 9.21 -11.18
N LEU B 530 4.20 9.65 -10.74
CA LEU B 530 4.10 10.74 -9.78
C LEU B 530 2.84 10.46 -9.01
N ASP B 531 2.94 10.46 -7.69
CA ASP B 531 1.77 10.23 -6.83
C ASP B 531 1.05 8.92 -7.22
N SER B 532 1.83 7.86 -7.44
CA SER B 532 1.37 6.50 -7.79
C SER B 532 0.58 6.40 -9.10
N THR B 533 0.71 7.36 -10.00
CA THR B 533 0.04 7.37 -11.30
C THR B 533 1.13 7.37 -12.34
N TRP B 534 0.97 6.55 -13.35
CA TRP B 534 1.93 6.51 -14.44
C TRP B 534 1.50 7.45 -15.56
N TYR B 535 2.49 8.14 -16.13
CA TYR B 535 2.33 9.07 -17.25
C TYR B 535 3.40 8.75 -18.27
N PHE B 536 3.18 9.12 -19.51
CA PHE B 536 4.32 9.04 -20.43
C PHE B 536 4.50 10.33 -21.21
N GLU B 537 5.75 10.79 -21.18
CA GLU B 537 6.23 11.90 -21.99
C GLU B 537 6.69 11.36 -23.33
N ALA B 538 6.19 11.97 -24.39
CA ALA B 538 6.45 11.55 -25.75
C ALA B 538 6.28 12.73 -26.67
N TYR B 539 7.07 12.77 -27.73
CA TYR B 539 6.81 13.74 -28.79
C TYR B 539 5.66 13.20 -29.64
N CYS B 540 4.56 13.95 -29.67
CA CYS B 540 3.37 13.53 -30.38
C CYS B 540 3.41 14.09 -31.80
N HIS B 541 3.46 13.20 -32.81
CA HIS B 541 3.51 13.63 -34.21
C HIS B 541 2.17 14.19 -34.70
N SER B 542 1.07 13.83 -34.06
CA SER B 542 -0.18 14.54 -34.28
C SER B 542 -0.07 15.83 -33.47
N LYS B 543 -0.29 16.99 -34.09
CA LYS B 543 -0.22 18.25 -33.35
C LYS B 543 1.16 18.40 -32.71
N ALA B 544 2.20 18.25 -33.56
CA ALA B 544 3.61 18.16 -33.21
C ALA B 544 4.00 18.89 -31.93
N GLY B 545 4.59 18.14 -31.00
CA GLY B 545 5.10 18.66 -29.75
C GLY B 545 5.04 17.61 -28.66
N VAL B 546 5.65 17.95 -27.53
CA VAL B 546 5.68 17.04 -26.40
C VAL B 546 4.34 17.11 -25.68
N ARG B 547 3.73 15.96 -25.41
CA ARG B 547 2.54 15.88 -24.58
C ARG B 547 2.77 14.80 -23.51
N ASN B 548 1.93 14.83 -22.48
CA ASN B 548 1.98 13.85 -21.39
C ASN B 548 0.61 13.19 -21.27
N PHE B 549 0.59 11.87 -21.43
CA PHE B 549 -0.63 11.08 -21.41
C PHE B 549 -0.67 10.25 -20.13
N ARG B 550 -1.88 9.85 -19.75
CA ARG B 550 -2.07 8.95 -18.62
C ARG B 550 -1.98 7.50 -19.10
N LEU B 551 -1.09 6.73 -18.46
CA LEU B 551 -0.94 5.33 -18.84
C LEU B 551 -2.27 4.60 -18.75
N ASP B 552 -3.08 4.90 -17.74
CA ASP B 552 -4.34 4.17 -17.51
C ASP B 552 -5.46 4.59 -18.44
N ARG B 553 -5.18 5.44 -19.43
CA ARG B 553 -6.12 5.76 -20.48
C ARG B 553 -5.69 5.20 -21.84
N VAL B 554 -4.60 4.45 -21.88
CA VAL B 554 -4.17 3.82 -23.11
C VAL B 554 -5.11 2.68 -23.45
N GLU B 555 -5.64 2.70 -24.67
CA GLU B 555 -6.36 1.53 -25.14
C GLU B 555 -5.44 0.51 -25.80
N SER B 556 -4.49 0.95 -26.63
CA SER B 556 -3.51 0.05 -27.20
C SER B 556 -2.31 0.82 -27.73
N LEU B 557 -1.20 0.12 -27.87
CA LEU B 557 0.05 0.62 -28.41
C LEU B 557 0.63 -0.41 -29.37
N GLU B 558 1.07 0.04 -30.54
CA GLU B 558 1.65 -0.83 -31.55
C GLU B 558 2.84 -0.12 -32.17
N PRO B 559 3.94 -0.84 -32.40
CA PRO B 559 5.02 -0.28 -33.23
C PRO B 559 4.50 0.08 -34.62
N ASN B 560 5.10 1.12 -35.21
CA ASN B 560 4.76 1.53 -36.56
C ASN B 560 5.93 1.39 -37.53
N GLY B 561 7.03 0.76 -37.11
CA GLY B 561 8.15 0.49 -37.98
C GLY B 561 9.21 1.58 -38.04
N ARG B 562 8.97 2.75 -37.45
CA ARG B 562 9.93 3.84 -37.54
C ARG B 562 10.83 3.92 -36.30
N ALA B 563 12.02 4.45 -36.51
CA ALA B 563 12.93 4.88 -35.47
C ALA B 563 12.46 6.24 -34.95
N VAL B 564 12.82 6.56 -33.70
CA VAL B 564 12.44 7.86 -33.15
C VAL B 564 12.90 8.97 -34.10
N SER B 565 12.04 9.97 -34.29
CA SER B 565 12.31 10.99 -35.31
C SER B 565 13.40 11.95 -34.88
N GLY B 566 13.58 12.15 -33.58
CA GLY B 566 14.49 13.16 -33.08
C GLY B 566 13.98 14.58 -33.24
N SER B 567 12.67 14.75 -33.37
CA SER B 567 12.06 16.07 -33.45
C SER B 567 11.99 16.76 -32.09
N ALA B 568 12.15 16.00 -31.01
CA ALA B 568 12.10 16.56 -29.66
C ALA B 568 13.26 17.51 -29.41
N THR B 569 14.46 17.15 -29.87
CA THR B 569 15.62 18.01 -29.70
C THR B 569 15.56 19.28 -30.53
N ALA B 570 14.66 19.36 -31.51
CA ALA B 570 14.48 20.56 -32.32
C ALA B 570 13.29 21.39 -31.84
N GLY B 571 13.36 22.68 -32.11
CA GLY B 571 12.38 23.69 -31.71
C GLY B 571 12.81 24.49 -30.50
N GLN B 572 11.86 25.28 -29.99
CA GLN B 572 12.04 26.07 -28.78
C GLN B 572 11.24 25.58 -27.58
N ASP B 573 9.94 25.31 -27.75
CA ASP B 573 9.03 24.94 -26.66
C ASP B 573 9.36 23.57 -26.08
N PHE B 574 10.11 23.53 -24.97
CA PHE B 574 10.30 22.28 -24.22
C PHE B 574 9.80 22.43 -22.78
N PRO B 575 8.48 22.36 -22.56
CA PRO B 575 7.96 22.48 -21.19
C PRO B 575 8.43 21.31 -20.34
N ALA B 576 8.53 21.58 -19.04
CA ALA B 576 8.77 20.52 -18.07
C ALA B 576 7.50 19.70 -17.89
N ARG B 577 7.63 18.57 -17.21
CA ARG B 577 6.63 17.50 -17.32
C ARG B 577 5.26 17.90 -16.77
N LEU B 578 5.21 18.69 -15.69
CA LEU B 578 3.92 19.10 -15.14
C LEU B 578 3.32 20.32 -15.84
N PHE B 579 3.98 20.84 -16.87
CA PHE B 579 3.58 22.07 -17.50
C PHE B 579 3.20 21.86 -18.97
N THR B 580 3.37 20.64 -19.44
CA THR B 580 3.05 20.28 -20.81
C THR B 580 1.54 20.41 -20.97
N PRO B 581 1.05 20.85 -22.13
CA PRO B 581 -0.41 20.88 -22.33
C PRO B 581 -1.01 19.48 -22.15
N GLY B 582 -2.13 19.42 -21.44
CA GLY B 582 -2.81 18.16 -21.20
C GLY B 582 -3.74 17.80 -22.36
N GLU B 583 -3.90 16.48 -22.57
CA GLU B 583 -4.80 15.96 -23.61
C GLU B 583 -6.25 16.41 -23.39
N ASP B 584 -6.67 16.56 -22.14
CA ASP B 584 -8.05 16.89 -21.82
C ASP B 584 -8.26 18.39 -21.61
N ASP B 585 -7.26 19.21 -21.91
CA ASP B 585 -7.39 20.65 -21.70
C ASP B 585 -8.54 21.25 -22.51
N VAL B 586 -9.13 22.29 -21.97
CA VAL B 586 -10.18 23.03 -22.65
C VAL B 586 -9.61 24.36 -23.08
N LEU B 587 -9.81 24.71 -24.34
CA LEU B 587 -9.32 25.98 -24.85
C LEU B 587 -10.40 27.03 -24.58
N VAL B 588 -10.03 28.11 -23.92
CA VAL B 588 -10.96 29.09 -23.42
C VAL B 588 -10.44 30.45 -23.84
N CYS B 589 -11.34 31.28 -24.31
CA CYS B 589 -10.95 32.64 -24.63
C CYS B 589 -11.54 33.52 -23.54
N LEU B 590 -10.66 34.28 -22.90
CA LEU B 590 -10.92 35.16 -21.77
C LEU B 590 -10.77 36.57 -22.26
N GLU B 591 -11.52 37.48 -21.62
CA GLU B 591 -11.17 38.89 -21.60
C GLU B 591 -10.68 39.25 -20.20
N LEU B 592 -9.55 39.94 -20.15
CA LEU B 592 -8.94 40.39 -18.90
C LEU B 592 -8.99 41.92 -18.85
N THR B 593 -9.33 42.47 -17.68
CA THR B 593 -9.08 43.92 -17.53
C THR B 593 -7.59 44.13 -17.34
N ARG B 594 -7.16 45.40 -17.46
CA ARG B 594 -5.75 45.72 -17.24
C ARG B 594 -5.32 45.26 -15.86
N GLN B 595 -6.19 45.40 -14.86
CA GLN B 595 -5.83 44.95 -13.53
C GLN B 595 -5.52 43.45 -13.47
N GLY B 596 -6.25 42.62 -14.21
CA GLY B 596 -5.94 41.20 -14.21
C GLY B 596 -5.07 40.69 -15.37
N ALA B 597 -4.38 41.58 -16.08
CA ALA B 597 -3.66 41.13 -17.28
C ALA B 597 -2.60 40.10 -16.96
N GLY B 598 -2.02 40.14 -15.75
CA GLY B 598 -1.03 39.16 -15.34
C GLY B 598 -1.54 37.74 -15.38
N LEU B 599 -2.86 37.54 -15.36
CA LEU B 599 -3.42 36.19 -15.45
C LEU B 599 -3.07 35.53 -16.78
N ALA B 600 -2.87 36.33 -17.85
CA ALA B 600 -2.46 35.73 -19.12
C ALA B 600 -1.11 35.03 -18.99
N ASP B 601 -0.24 35.54 -18.12
CA ASP B 601 1.05 34.91 -17.89
C ASP B 601 0.89 33.70 -16.99
N ASP B 602 0.09 33.84 -15.93
CA ASP B 602 -0.09 32.73 -15.02
C ASP B 602 -0.59 31.48 -15.76
N TYR B 603 -1.39 31.65 -16.81
CA TYR B 603 -1.90 30.51 -17.56
C TYR B 603 -1.27 30.35 -18.93
N TYR B 604 -0.09 30.95 -19.16
CA TYR B 604 0.69 30.73 -20.39
C TYR B 604 -0.15 30.90 -21.67
N ALA B 605 -0.84 32.04 -21.78
CA ALA B 605 -1.77 32.26 -22.89
C ALA B 605 -1.14 31.92 -24.23
N GLU B 606 -1.90 31.17 -25.04
CA GLU B 606 -1.42 30.78 -26.37
C GLU B 606 -1.30 31.99 -27.26
N ARG B 607 -2.28 32.89 -27.15
CA ARG B 607 -2.38 34.13 -27.91
C ARG B 607 -3.01 35.20 -27.02
N THR B 608 -2.65 36.47 -27.25
CA THR B 608 -3.22 37.62 -26.57
C THR B 608 -3.51 38.70 -27.61
N ALA B 609 -4.49 39.57 -27.33
CA ALA B 609 -4.77 40.71 -28.17
C ALA B 609 -5.04 41.90 -27.26
N PRO B 610 -4.33 43.00 -27.43
CA PRO B 610 -4.58 44.17 -26.60
C PRO B 610 -5.92 44.79 -26.92
N LEU B 611 -6.55 45.32 -25.90
CA LEU B 611 -7.83 46.00 -25.99
C LEU B 611 -7.60 47.45 -25.62
N PRO B 612 -8.52 48.37 -26.00
CA PRO B 612 -8.18 49.80 -25.94
C PRO B 612 -7.69 50.28 -24.59
N ASP B 613 -8.31 49.86 -23.47
CA ASP B 613 -8.00 50.41 -22.16
C ASP B 613 -6.98 49.57 -21.38
N GLY B 614 -6.09 48.87 -22.07
CA GLY B 614 -5.09 48.10 -21.37
C GLY B 614 -5.54 46.71 -20.98
N GLY B 615 -6.76 46.33 -21.31
CA GLY B 615 -7.18 44.95 -21.14
C GLY B 615 -6.60 44.08 -22.24
N LEU B 616 -7.05 42.84 -22.27
CA LEU B 616 -6.63 42.00 -23.40
C LEU B 616 -7.53 40.81 -23.53
N LEU B 617 -7.63 40.32 -24.77
CA LEU B 617 -8.12 38.97 -25.01
C LEU B 617 -6.98 38.01 -24.76
N ALA B 618 -7.30 36.85 -24.20
CA ALA B 618 -6.29 35.86 -23.89
C ALA B 618 -6.92 34.51 -24.10
N GLU B 619 -6.31 33.76 -25.01
CA GLU B 619 -6.71 32.39 -25.31
C GLU B 619 -5.83 31.48 -24.46
N VAL B 620 -6.44 30.74 -23.54
CA VAL B 620 -5.68 29.92 -22.62
C VAL B 620 -6.23 28.50 -22.61
N ARG B 621 -5.35 27.56 -22.27
CA ARG B 621 -5.76 26.19 -22.03
C ARG B 621 -5.93 25.95 -20.53
N PHE B 622 -7.14 25.59 -20.12
CA PHE B 622 -7.38 25.19 -18.73
C PHE B 622 -7.36 23.68 -18.60
N GLY B 623 -6.81 23.19 -17.48
CA GLY B 623 -6.66 21.76 -17.31
C GLY B 623 -8.00 21.03 -17.25
N ASP B 624 -9.03 21.70 -16.77
CA ASP B 624 -10.33 21.02 -16.63
C ASP B 624 -11.40 22.10 -16.55
N ALA B 625 -12.54 21.86 -17.22
CA ALA B 625 -13.59 22.87 -17.16
C ALA B 625 -14.10 23.11 -15.74
N GLY B 626 -13.97 22.11 -14.84
CA GLY B 626 -14.45 22.31 -13.49
C GLY B 626 -13.72 23.38 -12.70
N TRP B 627 -12.49 23.69 -13.07
CA TRP B 627 -11.74 24.73 -12.40
C TRP B 627 -12.23 26.14 -12.75
N LEU B 628 -12.94 26.28 -13.86
CA LEU B 628 -13.19 27.62 -14.41
C LEU B 628 -14.09 28.50 -13.56
N PRO B 629 -15.26 28.04 -13.05
CA PRO B 629 -16.12 28.97 -12.31
C PRO B 629 -15.44 29.56 -11.08
N MSE B 630 -14.70 28.76 -10.33
CA MSE B 630 -13.94 29.23 -9.18
C MSE B 630 -12.88 30.26 -9.58
O MSE B 630 -12.64 31.24 -8.85
CB MSE B 630 -13.24 28.08 -8.46
CG MSE B 630 -14.15 27.00 -7.89
SE MSE B 630 -13.02 25.60 -7.02
CE MSE B 630 -11.49 25.77 -8.28
N PHE B 631 -12.22 30.00 -10.72
CA PHE B 631 -11.27 30.96 -11.26
C PHE B 631 -11.92 32.33 -11.49
N VAL B 632 -13.06 32.34 -12.16
CA VAL B 632 -13.69 33.59 -12.54
C VAL B 632 -14.27 34.29 -11.32
N SER B 633 -14.94 33.55 -10.43
CA SER B 633 -15.55 34.24 -9.29
C SER B 633 -14.48 34.73 -8.35
N GLN B 634 -13.38 33.98 -8.22
CA GLN B 634 -12.26 34.47 -7.41
C GLN B 634 -11.83 35.86 -7.85
N HIS B 635 -11.68 36.07 -9.15
CA HIS B 635 -11.05 37.29 -9.62
C HIS B 635 -12.00 38.47 -9.80
N GLY B 636 -13.27 38.32 -9.44
CA GLY B 636 -14.14 39.44 -9.11
C GLY B 636 -14.22 40.57 -10.13
N GLY B 637 -14.46 40.25 -11.38
CA GLY B 637 -14.60 41.31 -12.36
C GLY B 637 -13.37 41.53 -13.22
N SER B 638 -12.21 40.99 -12.86
CA SER B 638 -11.07 41.23 -13.71
C SER B 638 -10.98 40.21 -14.83
N VAL B 639 -11.86 39.19 -14.84
CA VAL B 639 -11.86 38.14 -15.85
C VAL B 639 -13.30 37.87 -16.28
N ARG B 640 -13.48 37.58 -17.56
CA ARG B 640 -14.74 37.00 -18.04
C ARG B 640 -14.39 35.99 -19.14
N ILE B 641 -15.28 35.02 -19.33
CA ILE B 641 -15.15 34.01 -20.37
C ILE B 641 -15.92 34.47 -21.60
N LEU B 642 -15.24 34.57 -22.73
CA LEU B 642 -15.89 34.92 -23.98
C LEU B 642 -16.40 33.67 -24.69
N GLU B 643 -15.59 32.60 -24.69
CA GLU B 643 -15.89 31.34 -25.35
C GLU B 643 -15.23 30.27 -24.50
N PRO B 644 -15.81 29.08 -24.41
CA PRO B 644 -17.04 28.70 -25.10
C PRO B 644 -18.27 29.09 -24.31
N GLU B 645 -19.38 29.27 -25.05
CA GLU B 645 -20.59 29.79 -24.43
C GLU B 645 -21.09 28.86 -23.33
N SER B 646 -20.99 27.54 -23.53
CA SER B 646 -21.46 26.59 -22.53
C SER B 646 -20.78 26.83 -21.19
N LEU B 647 -19.44 26.92 -21.19
CA LEU B 647 -18.69 27.15 -19.96
C LEU B 647 -18.98 28.53 -19.39
N ARG B 648 -19.19 29.51 -20.26
CA ARG B 648 -19.50 30.85 -19.81
C ARG B 648 -20.79 30.80 -19.01
N GLN B 649 -21.80 30.11 -19.56
CA GLN B 649 -23.10 30.04 -18.87
C GLN B 649 -23.02 29.22 -17.59
N GLU B 650 -22.22 28.16 -17.58
CA GLU B 650 -22.04 27.39 -16.35
C GLU B 650 -21.35 28.23 -15.26
N THR B 651 -20.44 29.11 -15.66
CA THR B 651 -19.78 30.00 -14.69
C THR B 651 -20.72 31.09 -14.18
N ARG B 652 -21.52 31.68 -15.06
CA ARG B 652 -22.52 32.64 -14.63
C ARG B 652 -23.53 31.99 -13.66
N ALA B 653 -23.86 30.68 -13.85
CA ALA B 653 -24.79 30.02 -12.94
C ALA B 653 -24.18 29.83 -11.57
N TRP B 654 -22.89 29.51 -11.53
CA TRP B 654 -22.13 29.48 -10.28
C TRP B 654 -22.17 30.83 -9.58
N ILE B 655 -21.86 31.89 -10.31
CA ILE B 655 -21.84 33.24 -9.74
C ILE B 655 -23.21 33.62 -9.21
N ASP B 656 -24.27 33.40 -10.02
CA ASP B 656 -25.63 33.76 -9.62
C ASP B 656 -26.06 33.01 -8.35
N ALA B 657 -25.81 31.68 -8.29
CA ALA B 657 -26.13 30.91 -7.08
C ALA B 657 -25.40 31.44 -5.87
N ALA B 658 -24.15 31.84 -6.05
CA ALA B 658 -23.43 32.45 -4.94
C ALA B 658 -24.12 33.73 -4.47
N LEU B 659 -24.57 34.57 -5.42
CA LEU B 659 -25.15 35.87 -5.12
C LEU B 659 -26.51 35.75 -4.48
N VAL B 660 -27.34 34.81 -4.95
CA VAL B 660 -28.69 34.65 -4.41
C VAL B 660 -28.68 34.24 -2.93
N GLN B 661 -27.55 33.80 -2.39
CA GLN B 661 -27.52 33.53 -0.96
C GLN B 661 -27.71 34.80 -0.16
N TYR B 662 -27.34 35.94 -0.73
CA TYR B 662 -27.27 37.20 0.01
C TYR B 662 -28.47 38.12 -0.12
N ASP B 663 -29.29 37.98 -1.16
CA ASP B 663 -30.34 38.98 -1.34
C ASP B 663 -31.42 38.87 -0.28
N SER B 664 -31.85 37.65 0.04
CA SER B 664 -32.74 37.45 1.18
C SER B 664 -32.53 36.06 1.78
K K C . -14.70 2.49 10.53
S SCN D . -3.06 -24.68 -4.24
C SCN D . -4.58 -24.17 -4.84
N SCN D . -5.52 -23.97 -5.45
O1 PG4 E . -9.28 -8.76 -8.24
C1 PG4 E . -8.61 -7.54 -8.38
C2 PG4 E . -8.80 -6.69 -7.13
O2 PG4 E . -7.76 -6.92 -6.22
C3 PG4 E . -7.35 -5.79 -5.50
C4 PG4 E . -6.10 -5.17 -6.12
O3 PG4 E . -6.18 -3.77 -6.11
C5 PG4 E . -5.82 -3.18 -4.88
C6 PG4 E . -4.49 -2.40 -5.00
O4 PG4 E . -4.18 -1.71 -3.80
C7 PG4 E . -4.80 -2.19 -2.63
C8 PG4 E . -3.97 -1.85 -1.39
O5 PG4 E . -4.87 -1.74 -0.31
C1 PEG F . -24.46 -33.21 0.54
O1 PEG F . -24.24 -31.94 -0.02
C2 PEG F . -24.02 -33.17 2.00
O2 PEG F . -25.13 -33.28 2.85
C3 PEG F . -25.13 -34.40 3.69
C4 PEG F . -26.51 -35.06 3.66
O4 PEG F . -26.56 -35.96 2.59
C1 PEG G . -22.22 -43.10 -9.05
O1 PEG G . -23.51 -42.62 -8.78
C2 PEG G . -21.21 -42.42 -8.13
O2 PEG G . -20.18 -41.86 -8.92
C3 PEG G . -19.33 -42.80 -9.51
C4 PEG G . -18.66 -42.14 -10.72
O4 PEG G . -17.67 -42.98 -11.23
C1 PEG H . -19.47 -37.87 -9.97
O1 PEG H . -18.76 -38.99 -10.43
C2 PEG H . -19.39 -37.82 -8.44
O2 PEG H . -19.30 -36.50 -7.98
C3 PEG H . -20.42 -36.06 -7.26
C4 PEG H . -20.35 -34.55 -7.14
O4 PEG H . -20.77 -34.20 -5.86
K K I . 10.14 4.97 15.85
S SCN J . 7.54 19.58 -13.42
C SCN J . 9.17 18.89 -13.48
N SCN J . 10.31 18.62 -13.64
C1 PEG K . -13.80 46.91 -19.75
O1 PEG K . -12.94 46.01 -19.09
C2 PEG K . -13.82 46.62 -21.25
O2 PEG K . -14.80 47.39 -21.89
C3 PEG K . -15.88 46.66 -22.45
C4 PEG K . -16.14 47.15 -23.88
O4 PEG K . -16.47 48.52 -23.88
#